data_8XIE
#
_entry.id   8XIE
#
_cell.length_a   240.822
_cell.length_b   240.822
_cell.length_c   216.830
_cell.angle_alpha   90.00
_cell.angle_beta   90.00
_cell.angle_gamma   120.00
#
_symmetry.space_group_name_H-M   'P 32 2 1'
#
loop_
_entity.id
_entity.type
_entity.pdbx_description
1 polymer 'Exosome complex component Rrp41'
2 polymer 'Exosome complex component Rrp42'
3 polymer 'Exosome complex component Rrp4'
4 water water
#
loop_
_entity_poly.entity_id
_entity_poly.type
_entity_poly.pdbx_seq_one_letter_code
_entity_poly.pdbx_strand_id
1 'polypeptide(L)'
;MKRMEANKIKLINEDNLRLDGRSFNELRPIKIQAGVLNRADGSAYIEWGGNKIMVGVYGPKEAYPKHSQDIDHAIVKARY
NMAAFSVDERKRPGPDRRTMEISKVISEALSSSIMIEQFPRAEIDVYIEVLQADAGTRIAGLTAATVALADAGVPMRDMV
VGCTAGKVDGHMVLDLSKEEDNYGEADIPIAIMPKTGDIVLMQMDGDVTEDELYQAMDMIFEATKRISQIQREALLNKYK
IQDIGEGE
;
A,C,D
2 'polypeptide(L)'
;MVKESAEILSEIRKNYILSTMKGGKRIDGRLPDEFRELTIIENYIPRANGSAYVALGNTRVVAGVKIEAGEPFPDTPDQG
VLTTNVELLPIAFPSFEAGPPNDLAIEVSRVVDRGIRESKMISPEKLVIEQGKKVWIVFLDINVLDYDGNLIDASTIAAV
AALRNAVVPASKEGGEDFKLPVSSTPISVTMVKIGDTLVCDPSLEEDQICGGRITVTTTEDGHIRAMQKGEIGAFTVEDV
KKAVKMSLEVGKKLREKYFR
;
B,E,F
3 'polypeptide(L)'
;AMYQLGDVKKIVLPGDPIEVQGKMRNGVYRGQDNRYYSEYFGTLQVNDQFVDVVPFSGQYIPRKGDKVIGKVIEVGPSTW
TVDINSPYFAMLHMNDTPWRMSSGDLKRYLNAGDYIYAKIMSVNEIKESWLTLKEPGLKKLEGGHMVLIHASRVPRVIGK
GGGMVNMVKELTATRIIIGQNGLIWIDGPIEGVTMAIAAIEMIEREAHTEGLTARVESFLKELKGEKDGSQQNKADQ
;
G,I,H
#
# COMPACT_ATOMS: atom_id res chain seq x y z
N LYS A 10 -0.77 -40.42 28.70
CA LYS A 10 -0.84 -40.14 27.27
C LYS A 10 -2.31 -40.16 26.73
N LEU A 11 -3.25 -40.72 27.53
CA LEU A 11 -4.65 -40.84 27.11
C LEU A 11 -5.54 -39.79 27.75
N ILE A 12 -6.62 -39.48 27.05
CA ILE A 12 -7.43 -38.39 27.53
C ILE A 12 -8.46 -38.82 28.58
N ASN A 13 -8.94 -40.08 28.61
CA ASN A 13 -10.02 -40.42 29.52
C ASN A 13 -9.75 -41.69 30.30
N GLU A 14 -10.27 -41.78 31.51
CA GLU A 14 -10.15 -43.03 32.27
C GLU A 14 -11.49 -43.68 32.57
N ASP A 15 -12.40 -42.89 33.04
CA ASP A 15 -13.67 -43.42 33.46
C ASP A 15 -14.82 -42.94 32.61
N ASN A 16 -14.54 -42.77 31.31
CA ASN A 16 -15.37 -41.95 30.45
C ASN A 16 -15.46 -40.51 30.93
N LEU A 17 -14.38 -40.05 31.57
CA LEU A 17 -14.24 -38.69 32.05
C LEU A 17 -13.02 -38.04 31.39
N ARG A 18 -13.18 -36.80 30.94
CA ARG A 18 -12.12 -36.12 30.23
C ARG A 18 -11.12 -35.54 31.22
N LEU A 19 -9.98 -35.12 30.69
CA LEU A 19 -8.90 -34.70 31.56
C LEU A 19 -9.36 -33.61 32.52
N ASP A 20 -10.36 -32.83 32.11
CA ASP A 20 -10.85 -31.68 32.85
C ASP A 20 -12.11 -32.02 33.60
N GLY A 21 -12.58 -33.24 33.45
CA GLY A 21 -13.68 -33.76 34.22
C GLY A 21 -15.04 -33.78 33.59
N ARG A 22 -15.17 -33.45 32.29
CA ARG A 22 -16.49 -33.34 31.69
C ARG A 22 -16.97 -34.70 31.14
N SER A 23 -18.30 -34.84 30.96
CA SER A 23 -18.78 -35.96 30.13
C SER A 23 -18.45 -35.60 28.70
N PHE A 24 -18.84 -36.45 27.77
CA PHE A 24 -18.48 -36.22 26.41
C PHE A 24 -19.17 -34.95 25.88
N ASN A 25 -20.50 -34.88 25.94
CA ASN A 25 -21.19 -33.73 25.35
C ASN A 25 -21.49 -32.66 26.42
N GLU A 26 -20.43 -32.13 27.03
CA GLU A 26 -20.50 -31.13 28.09
C GLU A 26 -19.73 -29.91 27.64
N LEU A 27 -20.31 -28.74 27.80
CA LEU A 27 -19.59 -27.51 27.46
C LEU A 27 -18.65 -27.10 28.57
N ARG A 28 -17.60 -26.39 28.20
CA ARG A 28 -16.79 -25.65 29.17
C ARG A 28 -17.55 -24.39 29.64
N PRO A 29 -17.14 -23.79 30.76
CA PRO A 29 -17.84 -22.60 31.27
C PRO A 29 -17.82 -21.43 30.30
N ILE A 30 -18.98 -20.80 30.13
CA ILE A 30 -19.14 -19.73 29.12
C ILE A 30 -19.72 -18.46 29.75
N LYS A 31 -19.12 -17.32 29.48
CA LYS A 31 -19.65 -16.03 29.89
C LYS A 31 -19.72 -15.11 28.68
N ILE A 32 -20.71 -14.25 28.60
CA ILE A 32 -20.77 -13.19 27.58
C ILE A 32 -21.31 -11.94 28.22
N GLN A 33 -20.61 -10.84 28.11
CA GLN A 33 -21.15 -9.54 28.49
C GLN A 33 -21.15 -8.65 27.26
N ALA A 34 -22.27 -8.00 27.01
CA ALA A 34 -22.35 -7.15 25.84
C ALA A 34 -22.19 -5.70 26.27
N GLY A 35 -21.81 -4.86 25.30
CA GLY A 35 -21.66 -3.42 25.49
C GLY A 35 -20.59 -2.99 26.46
N VAL A 36 -19.56 -3.82 26.67
CA VAL A 36 -18.43 -3.51 27.55
C VAL A 36 -17.43 -2.52 26.96
N LEU A 37 -17.38 -2.33 25.64
CA LEU A 37 -16.44 -1.37 25.09
C LEU A 37 -17.16 -0.06 24.92
N ASN A 38 -16.39 1.01 25.03
CA ASN A 38 -16.87 2.36 25.08
C ASN A 38 -16.90 3.04 23.72
N ARG A 39 -15.85 2.87 22.95
CA ARG A 39 -15.75 3.53 21.65
C ARG A 39 -16.54 2.76 20.60
N ALA A 40 -16.51 1.44 20.66
CA ALA A 40 -17.16 0.65 19.61
C ALA A 40 -18.66 0.90 19.58
N ASP A 41 -19.22 0.96 18.38
CA ASP A 41 -20.67 1.07 18.19
C ASP A 41 -21.39 -0.10 18.83
N GLY A 42 -20.81 -1.27 18.77
CA GLY A 42 -21.35 -2.43 19.44
C GLY A 42 -20.20 -3.26 19.92
N SER A 43 -20.42 -3.99 21.01
CA SER A 43 -19.30 -4.70 21.61
C SER A 43 -19.84 -5.90 22.37
N ALA A 44 -18.94 -6.84 22.70
CA ALA A 44 -19.24 -8.08 23.43
C ALA A 44 -17.94 -8.67 23.94
N TYR A 45 -17.87 -9.10 25.18
CA TYR A 45 -16.77 -9.89 25.72
C TYR A 45 -17.17 -11.35 25.92
N ILE A 46 -16.33 -12.30 25.60
CA ILE A 46 -16.64 -13.71 25.83
C ILE A 46 -15.55 -14.49 26.54
N GLU A 47 -15.93 -15.33 27.49
CA GLU A 47 -15.01 -16.22 28.15
C GLU A 47 -15.54 -17.62 27.95
N TRP A 48 -14.80 -18.43 27.24
CA TRP A 48 -15.22 -19.77 26.88
C TRP A 48 -14.07 -20.68 27.24
N GLY A 49 -14.13 -21.26 28.42
CA GLY A 49 -12.99 -22.01 28.89
C GLY A 49 -11.87 -21.03 29.08
N GLY A 50 -10.71 -21.35 28.52
CA GLY A 50 -9.62 -20.42 28.63
C GLY A 50 -9.68 -19.25 27.66
N ASN A 51 -10.64 -19.18 26.77
CA ASN A 51 -10.64 -18.15 25.75
C ASN A 51 -11.12 -16.83 26.37
N LYS A 52 -10.39 -15.77 26.10
CA LYS A 52 -10.83 -14.44 26.46
C LYS A 52 -10.77 -13.64 25.17
N ILE A 53 -11.93 -13.27 24.68
CA ILE A 53 -12.02 -12.60 23.39
C ILE A 53 -12.88 -11.35 23.47
N MET A 54 -12.39 -10.24 22.97
CA MET A 54 -13.08 -8.96 22.84
C MET A 54 -13.55 -8.74 21.39
N VAL A 55 -14.78 -8.33 21.20
CA VAL A 55 -15.37 -8.03 19.89
C VAL A 55 -15.82 -6.59 19.87
N GLY A 56 -15.56 -5.89 18.78
CA GLY A 56 -16.05 -4.54 18.58
C GLY A 56 -16.64 -4.45 17.18
N VAL A 57 -17.71 -3.70 17.06
CA VAL A 57 -18.36 -3.54 15.78
C VAL A 57 -18.47 -2.07 15.46
N TYR A 58 -18.06 -1.67 14.27
CA TYR A 58 -18.25 -0.29 13.83
C TYR A 58 -18.91 -0.34 12.46
N GLY A 59 -19.83 0.57 12.24
CA GLY A 59 -20.51 0.62 10.97
C GLY A 59 -22.01 0.45 11.12
N PRO A 60 -22.72 0.51 9.97
CA PRO A 60 -22.18 0.72 8.62
C PRO A 60 -21.81 2.18 8.26
N LYS A 61 -20.99 2.46 7.23
CA LYS A 61 -20.68 3.83 6.80
C LYS A 61 -20.54 3.80 5.25
N GLU A 62 -20.12 4.91 4.64
CA GLU A 62 -20.13 4.92 3.19
C GLU A 62 -18.74 4.63 2.63
N ALA A 63 -17.82 4.24 3.50
CA ALA A 63 -16.43 3.92 3.16
C ALA A 63 -15.73 5.08 2.46
N TYR A 64 -14.83 4.73 1.54
CA TYR A 64 -13.88 5.66 0.94
C TYR A 64 -13.04 4.87 -0.07
N PRO A 65 -12.09 3.94 0.38
CA PRO A 65 -11.00 3.45 -0.50
C PRO A 65 -11.39 2.91 -1.88
N LYS A 66 -10.39 2.89 -2.78
CA LYS A 66 -10.45 2.36 -4.16
C LYS A 66 -11.19 1.02 -4.23
N HIS A 67 -12.10 0.92 -5.22
CA HIS A 67 -12.89 -0.28 -5.54
C HIS A 67 -13.36 -0.98 -4.25
N SER A 68 -14.02 -0.20 -3.41
CA SER A 68 -14.59 -0.60 -2.11
C SER A 68 -15.99 -0.05 -2.11
N GLN A 69 -16.38 0.53 -3.23
CA GLN A 69 -17.67 1.15 -3.37
C GLN A 69 -18.55 0.23 -4.19
N ASP A 70 -18.33 -1.07 -3.95
CA ASP A 70 -19.14 -2.12 -4.58
C ASP A 70 -20.60 -1.93 -4.22
N ILE A 71 -21.36 -1.64 -5.27
CA ILE A 71 -22.78 -1.45 -5.21
C ILE A 71 -23.46 -2.81 -5.44
N ASP A 72 -23.58 -3.62 -4.41
CA ASP A 72 -24.86 -4.26 -4.29
C ASP A 72 -25.41 -4.13 -2.88
N HIS A 73 -24.50 -4.21 -1.92
CA HIS A 73 -24.69 -4.50 -0.53
C HIS A 73 -23.54 -3.86 0.23
N ALA A 74 -23.50 -4.12 1.52
CA ALA A 74 -22.38 -3.77 2.38
C ALA A 74 -21.32 -4.83 2.35
N ILE A 75 -20.20 -4.51 3.01
CA ILE A 75 -19.03 -5.36 3.13
C ILE A 75 -18.77 -5.67 4.59
N VAL A 76 -18.77 -6.95 4.96
CA VAL A 76 -18.42 -7.33 6.33
C VAL A 76 -16.91 -7.57 6.40
N LYS A 77 -16.15 -6.63 6.98
CA LYS A 77 -14.68 -6.80 7.12
C LYS A 77 -14.50 -7.17 8.56
N ALA A 78 -14.60 -8.47 8.82
CA ALA A 78 -14.19 -8.99 10.10
C ALA A 78 -12.68 -9.31 10.06
N ARG A 79 -11.93 -8.80 11.04
CA ARG A 79 -10.52 -8.98 11.19
C ARG A 79 -10.24 -9.72 12.50
N TYR A 80 -9.68 -10.90 12.43
CA TYR A 80 -9.36 -11.72 13.60
C TYR A 80 -7.89 -11.56 13.98
N ASN A 81 -7.63 -11.07 15.18
CA ASN A 81 -6.24 -10.76 15.51
C ASN A 81 -5.89 -11.39 16.85
N MET A 82 -4.68 -11.90 16.99
CA MET A 82 -4.26 -12.55 18.22
C MET A 82 -3.22 -11.72 18.95
N ALA A 83 -3.44 -11.49 20.22
CA ALA A 83 -2.43 -10.80 20.98
C ALA A 83 -1.18 -11.66 21.07
N ALA A 84 -0.05 -10.98 21.15
CA ALA A 84 1.23 -11.63 21.17
C ALA A 84 1.41 -12.53 22.36
N PHE A 85 0.64 -12.32 23.43
CA PHE A 85 0.73 -13.10 24.67
C PHE A 85 -0.37 -14.15 24.80
N SER A 86 -1.05 -14.46 23.70
CA SER A 86 -2.34 -15.14 23.75
C SER A 86 -2.17 -16.63 23.56
N VAL A 87 -1.03 -17.05 23.08
CA VAL A 87 -0.84 -18.41 22.65
C VAL A 87 0.32 -18.98 23.44
N ASP A 88 0.66 -20.25 23.17
CA ASP A 88 1.62 -21.01 23.96
C ASP A 88 2.99 -20.33 23.93
N GLU A 89 3.54 -20.12 22.74
CA GLU A 89 4.77 -19.36 22.56
C GLU A 89 4.47 -17.98 22.00
N ARG A 90 5.22 -16.98 22.46
CA ARG A 90 4.98 -15.60 22.02
C ARG A 90 5.00 -15.47 20.52
N LYS A 91 3.97 -14.87 19.98
CA LYS A 91 3.76 -14.76 18.56
C LYS A 91 3.98 -13.33 18.12
N ARG A 92 4.42 -13.14 16.89
CA ARG A 92 4.70 -11.79 16.46
C ARG A 92 3.37 -11.04 16.28
N PRO A 93 3.32 -9.77 16.70
CA PRO A 93 2.10 -9.00 16.52
C PRO A 93 1.74 -8.89 15.06
N GLY A 94 0.46 -8.69 14.80
CA GLY A 94 0.01 -8.56 13.42
C GLY A 94 -0.65 -9.82 12.94
N PRO A 95 -1.39 -9.71 11.85
CA PRO A 95 -2.01 -10.91 11.24
C PRO A 95 -0.97 -11.81 10.59
N ASP A 96 -1.33 -13.09 10.45
CA ASP A 96 -0.58 -14.16 9.76
C ASP A 96 -1.43 -15.00 8.84
N ARG A 97 -0.86 -16.07 8.33
CA ARG A 97 -1.63 -16.83 7.37
C ARG A 97 -2.86 -17.45 8.02
N ARG A 98 -2.75 -17.89 9.28
CA ARG A 98 -3.89 -18.49 9.97
C ARG A 98 -4.94 -17.43 10.27
N THR A 99 -4.53 -16.24 10.74
CA THR A 99 -5.55 -15.27 11.18
C THR A 99 -6.31 -14.69 9.97
N MET A 100 -5.67 -14.66 8.81
CA MET A 100 -6.31 -14.19 7.59
C MET A 100 -7.31 -15.24 7.05
N GLU A 101 -7.02 -16.56 7.25
CA GLU A 101 -7.97 -17.63 6.91
C GLU A 101 -9.17 -17.59 7.83
N ILE A 102 -8.95 -17.35 9.14
CA ILE A 102 -10.06 -17.26 10.07
C ILE A 102 -10.90 -16.01 9.77
N SER A 103 -10.24 -14.89 9.48
CA SER A 103 -10.93 -13.64 9.18
C SER A 103 -11.87 -13.80 8.00
N LYS A 104 -11.47 -14.58 7.00
CA LYS A 104 -12.38 -14.76 5.88
C LYS A 104 -13.58 -15.59 6.32
N VAL A 105 -13.32 -16.72 6.98
CA VAL A 105 -14.39 -17.69 7.19
C VAL A 105 -15.46 -17.10 8.12
N ILE A 106 -15.04 -16.28 9.10
CA ILE A 106 -15.99 -15.58 9.97
C ILE A 106 -16.73 -14.46 9.22
N SER A 107 -16.03 -13.74 8.35
CA SER A 107 -16.69 -12.77 7.49
C SER A 107 -17.71 -13.42 6.59
N GLU A 108 -17.39 -14.59 6.03
CA GLU A 108 -18.36 -15.24 5.15
C GLU A 108 -19.60 -15.64 5.94
N ALA A 109 -19.38 -16.19 7.15
CA ALA A 109 -20.49 -16.65 7.94
C ALA A 109 -21.37 -15.48 8.30
N LEU A 110 -20.76 -14.38 8.74
CA LEU A 110 -21.54 -13.25 9.23
C LEU A 110 -22.27 -12.57 8.11
N SER A 111 -21.78 -12.67 6.88
CA SER A 111 -22.45 -12.02 5.74
C SER A 111 -23.76 -12.69 5.39
N SER A 112 -23.99 -13.91 5.90
CA SER A 112 -25.22 -14.67 5.69
C SER A 112 -26.30 -14.33 6.72
N SER A 113 -25.92 -13.93 7.94
CA SER A 113 -26.92 -13.53 8.95
C SER A 113 -27.13 -12.02 8.98
N ILE A 114 -26.08 -11.22 8.80
CA ILE A 114 -26.29 -9.79 8.68
C ILE A 114 -27.18 -9.58 7.48
N MET A 115 -28.17 -8.72 7.66
CA MET A 115 -29.02 -8.38 6.55
C MET A 115 -28.31 -7.38 5.64
N ILE A 116 -27.42 -7.94 4.81
CA ILE A 116 -26.38 -7.21 4.10
C ILE A 116 -26.86 -6.28 3.00
N GLU A 117 -28.03 -6.54 2.44
CA GLU A 117 -28.63 -5.77 1.36
C GLU A 117 -29.20 -4.43 1.88
N GLN A 118 -29.38 -4.29 3.17
CA GLN A 118 -30.05 -3.08 3.63
C GLN A 118 -29.14 -1.86 3.53
N PHE A 119 -27.84 -2.03 3.37
CA PHE A 119 -26.89 -0.89 3.26
C PHE A 119 -25.93 -1.01 2.07
N PRO A 120 -26.39 -0.73 0.87
CA PRO A 120 -25.47 -0.81 -0.26
C PRO A 120 -24.40 0.26 -0.17
N ARG A 121 -23.24 -0.04 -0.76
CA ARG A 121 -22.07 0.81 -0.71
C ARG A 121 -21.50 0.98 0.69
N ALA A 122 -21.92 0.18 1.66
CA ALA A 122 -21.49 0.40 3.03
C ALA A 122 -20.40 -0.54 3.52
N GLU A 123 -19.79 -0.17 4.65
CA GLU A 123 -18.80 -1.03 5.25
C GLU A 123 -19.07 -1.23 6.74
N ILE A 124 -18.88 -2.47 7.20
CA ILE A 124 -19.10 -2.95 8.57
C ILE A 124 -17.84 -3.66 9.06
N ASP A 125 -17.18 -3.10 10.04
CA ASP A 125 -16.00 -3.67 10.69
C ASP A 125 -16.34 -4.49 11.93
N VAL A 126 -15.82 -5.71 12.01
CA VAL A 126 -15.93 -6.52 13.21
C VAL A 126 -14.53 -6.92 13.60
N TYR A 127 -14.00 -6.36 14.67
CA TYR A 127 -12.62 -6.65 15.11
C TYR A 127 -12.69 -7.66 16.25
N ILE A 128 -12.09 -8.80 16.06
CA ILE A 128 -12.23 -9.85 17.05
C ILE A 128 -10.87 -10.03 17.72
N GLU A 129 -10.66 -9.57 18.95
CA GLU A 129 -9.30 -9.54 19.55
C GLU A 129 -9.17 -10.58 20.64
N VAL A 130 -8.59 -11.71 20.30
CA VAL A 130 -8.39 -12.77 21.28
C VAL A 130 -7.17 -12.46 22.13
N LEU A 131 -7.42 -12.29 23.43
CA LEU A 131 -6.42 -11.92 24.42
C LEU A 131 -5.82 -13.14 25.05
N GLN A 132 -6.60 -14.21 25.12
CA GLN A 132 -6.01 -15.46 25.57
C GLN A 132 -6.79 -16.49 24.79
N ALA A 133 -6.08 -17.46 24.26
CA ALA A 133 -6.68 -18.52 23.48
C ALA A 133 -6.46 -19.89 24.16
N ASP A 134 -7.58 -20.62 24.45
CA ASP A 134 -7.85 -22.07 24.46
C ASP A 134 -8.33 -22.54 23.09
N ALA A 135 -8.78 -23.78 22.96
CA ALA A 135 -9.06 -24.28 21.62
C ALA A 135 -10.44 -23.87 21.11
N GLY A 136 -10.59 -23.83 19.78
CA GLY A 136 -11.90 -23.49 19.28
C GLY A 136 -12.18 -22.00 19.35
N THR A 137 -11.14 -21.20 19.15
CA THR A 137 -11.21 -19.76 19.39
C THR A 137 -12.08 -19.14 18.34
N ARG A 138 -12.11 -19.77 17.16
CA ARG A 138 -12.69 -19.17 15.97
C ARG A 138 -14.19 -19.14 16.14
N ILE A 139 -14.73 -20.13 16.86
CA ILE A 139 -16.15 -20.13 17.17
C ILE A 139 -16.50 -19.15 18.27
N ALA A 140 -15.68 -19.09 19.30
CA ALA A 140 -15.98 -18.21 20.42
C ALA A 140 -16.11 -16.76 19.94
N GLY A 141 -15.24 -16.33 19.04
CA GLY A 141 -15.32 -14.98 18.51
C GLY A 141 -16.57 -14.73 17.65
N LEU A 142 -16.98 -15.71 16.81
CA LEU A 142 -18.15 -15.50 15.98
C LEU A 142 -19.38 -15.40 16.86
N THR A 143 -19.46 -16.30 17.86
CA THR A 143 -20.52 -16.33 18.86
C THR A 143 -20.63 -15.01 19.59
N ALA A 144 -19.50 -14.37 19.90
CA ALA A 144 -19.55 -13.04 20.50
C ALA A 144 -19.83 -11.96 19.45
N ALA A 145 -19.44 -12.19 18.21
CA ALA A 145 -19.64 -11.19 17.18
C ALA A 145 -21.12 -10.97 16.93
N THR A 146 -21.94 -12.03 16.89
CA THR A 146 -23.36 -11.77 16.71
C THR A 146 -23.89 -10.94 17.88
N VAL A 147 -23.36 -11.15 19.09
CA VAL A 147 -23.87 -10.32 20.20
C VAL A 147 -23.48 -8.87 19.98
N ALA A 148 -22.26 -8.64 19.55
CA ALA A 148 -21.77 -7.29 19.32
C ALA A 148 -22.51 -6.63 18.16
N LEU A 149 -22.89 -7.41 17.16
CA LEU A 149 -23.69 -6.86 16.08
C LEU A 149 -25.10 -6.49 16.54
N ALA A 150 -25.71 -7.30 17.40
CA ALA A 150 -27.04 -6.96 17.91
C ALA A 150 -26.98 -5.75 18.83
N ASP A 151 -25.88 -5.63 19.59
CA ASP A 151 -25.68 -4.50 20.47
C ASP A 151 -25.54 -3.19 19.72
N ALA A 152 -25.06 -3.27 18.50
CA ALA A 152 -24.84 -2.10 17.68
C ALA A 152 -26.02 -1.74 16.81
N GLY A 153 -27.11 -2.48 16.86
CA GLY A 153 -28.21 -2.18 15.99
C GLY A 153 -28.04 -2.60 14.54
N VAL A 154 -27.09 -3.46 14.26
CA VAL A 154 -26.91 -4.05 12.93
C VAL A 154 -28.06 -5.01 12.68
N PRO A 155 -28.79 -4.85 11.60
CA PRO A 155 -29.85 -5.80 11.32
C PRO A 155 -29.32 -7.16 11.00
N MET A 156 -29.93 -8.18 11.57
CA MET A 156 -29.60 -9.55 11.29
C MET A 156 -30.90 -10.34 11.15
N ARG A 157 -30.85 -11.41 10.36
CA ARG A 157 -31.99 -12.27 10.26
C ARG A 157 -31.91 -13.39 11.26
N ASP A 158 -30.78 -13.52 11.95
CA ASP A 158 -30.61 -14.56 12.94
C ASP A 158 -29.35 -14.29 13.72
N MET A 159 -29.24 -14.99 14.84
CA MET A 159 -28.03 -14.88 15.66
C MET A 159 -27.23 -16.16 15.52
N VAL A 160 -26.17 -16.01 14.71
CA VAL A 160 -25.33 -17.13 14.37
C VAL A 160 -24.68 -17.64 15.63
N VAL A 161 -24.71 -18.92 15.84
CA VAL A 161 -24.07 -19.51 17.00
C VAL A 161 -23.47 -20.86 16.67
N GLY A 162 -22.41 -21.25 17.39
CA GLY A 162 -21.79 -22.51 17.00
C GLY A 162 -21.01 -23.11 18.13
N CYS A 163 -20.41 -24.28 17.84
CA CYS A 163 -19.65 -25.06 18.81
C CYS A 163 -18.74 -26.09 18.15
N THR A 164 -17.69 -26.53 18.89
CA THR A 164 -16.70 -27.45 18.34
C THR A 164 -16.95 -28.87 18.83
N ALA A 165 -16.55 -29.83 18.01
CA ALA A 165 -16.69 -31.23 18.39
C ALA A 165 -15.55 -32.00 17.75
N GLY A 166 -15.44 -33.27 18.04
CA GLY A 166 -14.29 -34.00 17.52
C GLY A 166 -14.20 -35.37 18.13
N LYS A 167 -13.16 -36.10 17.72
CA LYS A 167 -12.99 -37.52 18.07
C LYS A 167 -11.84 -37.53 19.04
N VAL A 168 -12.06 -38.15 20.18
CA VAL A 168 -11.00 -38.40 21.13
C VAL A 168 -11.08 -39.85 21.61
N ASP A 169 -10.08 -40.64 21.26
CA ASP A 169 -9.97 -42.04 21.64
C ASP A 169 -11.26 -42.79 21.32
N GLY A 170 -11.62 -42.72 20.02
CA GLY A 170 -12.75 -43.44 19.45
C GLY A 170 -14.12 -42.90 19.83
N HIS A 171 -14.19 -41.99 20.80
CA HIS A 171 -15.43 -41.36 21.24
C HIS A 171 -15.52 -39.97 20.67
N MET A 172 -16.74 -39.60 20.28
CA MET A 172 -17.08 -38.25 19.87
C MET A 172 -17.45 -37.38 21.07
N VAL A 173 -16.69 -36.31 21.30
CA VAL A 173 -16.91 -35.38 22.40
C VAL A 173 -17.15 -33.94 21.88
N LEU A 174 -17.58 -33.07 22.76
CA LEU A 174 -18.03 -31.72 22.45
C LEU A 174 -17.08 -30.67 23.07
N ASP A 175 -16.95 -29.54 22.39
CA ASP A 175 -16.23 -28.36 22.89
C ASP A 175 -14.79 -28.71 23.28
N LEU A 176 -14.02 -29.12 22.28
CA LEU A 176 -12.72 -29.68 22.60
C LEU A 176 -11.83 -28.67 23.29
N SER A 177 -11.06 -29.15 24.27
CA SER A 177 -10.08 -28.37 25.01
C SER A 177 -8.80 -28.27 24.21
N LYS A 178 -7.85 -27.45 24.69
CA LYS A 178 -6.59 -27.35 23.96
C LYS A 178 -5.85 -28.68 23.94
N GLU A 179 -5.89 -29.40 25.05
CA GLU A 179 -5.23 -30.69 25.08
C GLU A 179 -5.91 -31.68 24.16
N GLU A 180 -7.24 -31.64 24.13
CA GLU A 180 -8.07 -32.50 23.30
C GLU A 180 -7.97 -32.13 21.85
N ASP A 181 -7.65 -30.87 21.56
CA ASP A 181 -7.47 -30.48 20.17
C ASP A 181 -6.17 -30.98 19.61
N ASN A 182 -5.11 -30.91 20.40
CA ASN A 182 -3.76 -31.15 19.90
C ASN A 182 -3.53 -32.64 19.72
N TYR A 183 -4.09 -33.43 20.60
CA TYR A 183 -3.85 -34.84 20.66
C TYR A 183 -5.10 -35.67 20.23
N GLY A 184 -6.22 -35.04 19.87
CA GLY A 184 -7.38 -35.79 19.41
C GLY A 184 -7.24 -36.27 17.98
N GLU A 185 -8.28 -36.98 17.55
CA GLU A 185 -8.27 -37.49 16.19
C GLU A 185 -8.90 -36.51 15.20
N ALA A 186 -9.73 -35.58 15.66
CA ALA A 186 -10.51 -34.72 14.79
C ALA A 186 -10.82 -33.45 15.54
N ASP A 187 -11.13 -32.42 14.79
CA ASP A 187 -11.70 -31.19 15.30
C ASP A 187 -12.71 -30.64 14.31
N ILE A 188 -13.93 -30.38 14.79
CA ILE A 188 -14.93 -29.92 13.84
C ILE A 188 -15.62 -28.68 14.33
N PRO A 189 -15.18 -27.49 13.95
CA PRO A 189 -15.91 -26.27 14.30
C PRO A 189 -17.06 -26.01 13.31
N ILE A 190 -18.26 -25.69 13.81
CA ILE A 190 -19.45 -25.47 13.01
C ILE A 190 -20.27 -24.31 13.58
N ALA A 191 -20.75 -23.45 12.71
CA ALA A 191 -21.67 -22.39 13.11
C ALA A 191 -22.92 -22.41 12.25
N ILE A 192 -24.06 -22.15 12.89
CA ILE A 192 -25.36 -22.29 12.24
C ILE A 192 -26.21 -21.04 12.52
N MET A 193 -27.31 -20.95 11.75
CA MET A 193 -28.40 -20.02 11.95
C MET A 193 -29.54 -20.79 12.64
N PRO A 194 -29.83 -20.52 13.88
CA PRO A 194 -30.61 -21.49 14.65
C PRO A 194 -32.03 -21.71 14.11
N LYS A 195 -32.70 -20.66 13.59
CA LYS A 195 -34.09 -20.79 13.17
C LYS A 195 -34.27 -21.94 12.21
N THR A 196 -33.37 -21.99 11.24
CA THR A 196 -33.43 -22.78 10.03
C THR A 196 -32.50 -23.97 10.09
N GLY A 197 -31.44 -23.90 10.90
CA GLY A 197 -30.45 -24.96 11.03
C GLY A 197 -29.40 -24.88 9.98
N ASP A 198 -29.39 -23.77 9.20
CA ASP A 198 -28.47 -23.60 8.08
C ASP A 198 -27.06 -23.37 8.55
N ILE A 199 -26.10 -24.02 7.87
CA ILE A 199 -24.69 -23.97 8.23
C ILE A 199 -23.97 -22.85 7.46
N VAL A 200 -23.36 -21.93 8.18
CA VAL A 200 -22.63 -20.82 7.58
C VAL A 200 -21.13 -20.92 7.74
N LEU A 201 -20.72 -21.77 8.64
CA LEU A 201 -19.33 -21.94 8.92
C LEU A 201 -19.13 -23.40 9.25
N MET A 202 -18.14 -24.02 8.59
CA MET A 202 -17.85 -25.42 8.85
C MET A 202 -16.45 -25.74 8.41
N GLN A 203 -15.63 -26.25 9.31
CA GLN A 203 -14.35 -26.83 8.92
C GLN A 203 -14.22 -28.19 9.57
N MET A 204 -13.19 -28.95 9.20
CA MET A 204 -12.96 -30.24 9.81
C MET A 204 -11.55 -30.70 9.54
N ASP A 205 -10.88 -31.17 10.56
CA ASP A 205 -9.51 -31.61 10.46
C ASP A 205 -9.41 -33.02 10.99
N GLY A 206 -8.64 -33.88 10.37
CA GLY A 206 -8.22 -35.12 11.03
C GLY A 206 -8.73 -36.37 10.35
N ASP A 207 -9.44 -37.17 11.12
CA ASP A 207 -9.77 -38.50 10.63
C ASP A 207 -11.06 -38.97 11.27
N VAL A 208 -12.05 -39.26 10.44
CA VAL A 208 -13.36 -39.50 10.98
C VAL A 208 -14.15 -40.27 9.95
N THR A 209 -15.09 -41.07 10.43
CA THR A 209 -15.90 -41.84 9.52
C THR A 209 -17.13 -41.02 9.21
N GLU A 210 -17.85 -41.44 8.17
CA GLU A 210 -19.14 -40.83 7.83
C GLU A 210 -20.10 -40.87 9.01
N ASP A 211 -20.15 -42.01 9.72
CA ASP A 211 -21.09 -42.11 10.84
C ASP A 211 -20.66 -41.21 11.98
N GLU A 212 -19.37 -41.20 12.31
CA GLU A 212 -18.92 -40.39 13.42
C GLU A 212 -19.14 -38.92 13.14
N LEU A 213 -18.94 -38.50 11.89
CA LEU A 213 -19.13 -37.10 11.52
C LEU A 213 -20.56 -36.67 11.72
N TYR A 214 -21.52 -37.53 11.35
CA TYR A 214 -22.90 -37.10 11.54
C TYR A 214 -23.25 -37.02 13.00
N GLN A 215 -22.66 -37.91 13.82
CA GLN A 215 -22.90 -37.91 15.26
C GLN A 215 -22.37 -36.62 15.86
N ALA A 216 -21.20 -36.19 15.41
CA ALA A 216 -20.63 -34.91 15.82
C ALA A 216 -21.45 -33.73 15.34
N MET A 217 -22.03 -33.78 14.16
CA MET A 217 -22.96 -32.69 13.78
C MET A 217 -24.13 -32.58 14.74
N ASP A 218 -24.77 -33.71 15.07
CA ASP A 218 -25.93 -33.72 15.94
C ASP A 218 -25.61 -33.18 17.34
N MET A 219 -24.41 -33.43 17.84
CA MET A 219 -23.97 -32.89 19.10
C MET A 219 -23.81 -31.37 19.08
N ILE A 220 -23.32 -30.84 17.99
CA ILE A 220 -23.18 -29.39 17.88
C ILE A 220 -24.55 -28.72 17.78
N PHE A 221 -25.45 -29.26 16.98
CA PHE A 221 -26.79 -28.69 16.97
C PHE A 221 -27.44 -28.68 18.35
N GLU A 222 -27.23 -29.71 19.17
CA GLU A 222 -27.79 -29.69 20.53
C GLU A 222 -27.17 -28.62 21.41
N ALA A 223 -25.88 -28.41 21.25
CA ALA A 223 -25.19 -27.42 22.05
C ALA A 223 -25.60 -26.00 21.66
N THR A 224 -25.99 -25.77 20.43
CA THR A 224 -26.34 -24.40 20.06
C THR A 224 -27.56 -23.90 20.83
N LYS A 225 -28.43 -24.82 21.29
CA LYS A 225 -29.55 -24.40 22.12
C LYS A 225 -29.08 -23.73 23.41
N ARG A 226 -28.08 -24.34 24.05
CA ARG A 226 -27.59 -23.80 25.31
C ARG A 226 -26.77 -22.53 25.03
N ILE A 227 -25.98 -22.54 23.95
CA ILE A 227 -25.16 -21.37 23.66
C ILE A 227 -26.02 -20.19 23.22
N SER A 228 -27.09 -20.44 22.49
CA SER A 228 -27.91 -19.31 22.10
C SER A 228 -28.46 -18.62 23.34
N GLN A 229 -28.77 -19.40 24.36
CA GLN A 229 -29.39 -18.78 25.51
C GLN A 229 -28.39 -17.91 26.27
N ILE A 230 -27.12 -18.25 26.25
CA ILE A 230 -26.12 -17.42 26.92
C ILE A 230 -25.94 -16.09 26.19
N GLN A 231 -26.03 -16.14 24.87
CA GLN A 231 -26.00 -14.94 24.05
C GLN A 231 -27.16 -14.03 24.37
N ARG A 232 -28.37 -14.59 24.51
CA ARG A 232 -29.55 -13.74 24.65
C ARG A 232 -29.46 -13.04 25.96
N GLU A 233 -29.14 -13.80 27.00
CA GLU A 233 -29.22 -13.19 28.31
C GLU A 233 -28.17 -12.11 28.41
N ALA A 234 -27.06 -12.25 27.72
CA ALA A 234 -26.01 -11.24 27.83
C ALA A 234 -26.46 -9.89 27.31
N LEU A 235 -27.39 -9.89 26.34
CA LEU A 235 -27.99 -8.64 25.84
C LEU A 235 -28.98 -8.11 26.85
N LEU A 236 -29.84 -9.00 27.33
CA LEU A 236 -30.86 -8.63 28.30
C LEU A 236 -30.23 -7.99 29.51
N ASN A 237 -29.20 -8.60 30.03
CA ASN A 237 -28.54 -8.10 31.21
C ASN A 237 -28.12 -6.64 31.07
N LYS A 238 -27.52 -6.27 29.95
CA LYS A 238 -26.80 -4.98 29.93
C LYS A 238 -27.64 -3.76 30.40
N TYR A 239 -28.80 -3.48 29.77
CA TYR A 239 -29.75 -2.43 30.23
C TYR A 239 -30.89 -3.01 31.06
N LYS A 240 -30.50 -3.53 32.24
CA LYS A 240 -31.30 -4.04 33.37
C LYS A 240 -32.12 -5.28 32.93
N ILE A 241 -32.76 -6.06 33.86
CA ILE A 241 -33.84 -7.00 33.43
C ILE A 241 -35.26 -6.83 34.05
N GLN A 242 -35.39 -6.98 35.40
CA GLN A 242 -36.66 -7.00 36.20
C GLN A 242 -37.76 -7.92 35.63
N ASP A 243 -38.91 -7.30 35.32
CA ASP A 243 -40.06 -7.89 34.65
C ASP A 243 -39.68 -8.73 33.38
N ILE A 244 -40.36 -9.86 33.20
CA ILE A 244 -40.27 -10.99 32.24
C ILE A 244 -40.76 -10.61 30.83
N GLY A 245 -40.52 -11.48 29.81
CA GLY A 245 -40.84 -11.22 28.41
C GLY A 245 -39.87 -11.76 27.38
N GLU A 246 -38.64 -12.07 27.77
CA GLU A 246 -37.83 -13.06 27.03
C GLU A 246 -38.60 -14.38 26.76
N GLY B 23 -32.33 -29.52 -14.39
CA GLY B 23 -32.99 -29.99 -15.60
C GLY B 23 -32.63 -31.42 -15.90
N GLY B 24 -31.80 -32.01 -15.03
CA GLY B 24 -31.34 -33.37 -15.17
C GLY B 24 -29.93 -33.48 -15.68
N LYS B 25 -29.40 -32.40 -16.26
CA LYS B 25 -28.01 -32.25 -16.63
C LYS B 25 -27.57 -30.82 -16.33
N ARG B 26 -26.27 -30.60 -16.39
CA ARG B 26 -25.68 -29.31 -16.03
C ARG B 26 -25.68 -28.41 -17.23
N ILE B 27 -24.99 -27.27 -17.10
CA ILE B 27 -24.86 -26.32 -18.19
C ILE B 27 -24.03 -26.89 -19.34
N ASP B 28 -23.02 -27.69 -19.05
CA ASP B 28 -22.33 -28.53 -20.03
C ASP B 28 -23.00 -29.90 -20.09
N GLY B 29 -22.36 -30.86 -20.79
CA GLY B 29 -22.91 -32.22 -20.81
C GLY B 29 -22.82 -32.94 -19.48
N ARG B 30 -22.05 -32.38 -18.54
CA ARG B 30 -21.81 -33.01 -17.25
C ARG B 30 -23.09 -33.26 -16.44
N LEU B 31 -23.09 -34.42 -15.82
CA LEU B 31 -24.02 -34.74 -14.79
C LEU B 31 -23.51 -34.16 -13.47
N PRO B 32 -24.38 -34.14 -12.45
CA PRO B 32 -23.98 -33.61 -11.14
C PRO B 32 -22.79 -34.26 -10.47
N ASP B 33 -22.46 -35.49 -10.82
CA ASP B 33 -21.28 -36.10 -10.23
C ASP B 33 -20.10 -36.20 -11.19
N GLU B 34 -20.15 -35.51 -12.33
CA GLU B 34 -19.08 -35.65 -13.28
C GLU B 34 -18.08 -34.53 -13.18
N PHE B 35 -16.82 -34.93 -13.25
CA PHE B 35 -15.72 -34.02 -13.25
C PHE B 35 -15.46 -33.61 -14.66
N ARG B 36 -14.65 -32.58 -14.80
CA ARG B 36 -14.20 -32.22 -16.13
C ARG B 36 -13.03 -33.11 -16.55
N GLU B 37 -12.62 -32.95 -17.80
CA GLU B 37 -11.53 -33.77 -18.28
C GLU B 37 -10.27 -33.44 -17.47
N LEU B 38 -9.57 -34.49 -17.05
CA LEU B 38 -8.34 -34.30 -16.30
C LEU B 38 -7.16 -34.76 -17.12
N THR B 39 -6.09 -34.00 -17.07
CA THR B 39 -4.82 -34.43 -17.62
C THR B 39 -3.76 -34.19 -16.56
N ILE B 40 -3.15 -35.26 -16.12
CA ILE B 40 -2.09 -35.24 -15.12
C ILE B 40 -0.76 -35.53 -15.81
N ILE B 41 0.26 -34.75 -15.48
CA ILE B 41 1.58 -34.90 -16.08
C ILE B 41 2.65 -35.01 -15.01
N GLU B 42 3.08 -36.23 -14.66
CA GLU B 42 4.16 -36.35 -13.69
C GLU B 42 5.52 -35.91 -14.23
N ASN B 43 6.36 -35.39 -13.33
CA ASN B 43 7.71 -34.99 -13.68
C ASN B 43 7.72 -33.90 -14.74
N TYR B 44 6.75 -32.99 -14.64
CA TYR B 44 6.66 -31.84 -15.54
C TYR B 44 7.81 -30.87 -15.34
N ILE B 45 8.25 -30.72 -14.11
CA ILE B 45 9.44 -29.93 -13.78
C ILE B 45 10.53 -30.91 -13.31
N PRO B 46 11.33 -31.44 -14.23
CA PRO B 46 12.42 -32.34 -13.85
C PRO B 46 13.52 -31.70 -12.99
N ARG B 47 13.62 -30.36 -12.96
CA ARG B 47 14.56 -29.76 -12.01
C ARG B 47 13.98 -29.60 -10.63
N ALA B 48 12.75 -29.97 -10.45
CA ALA B 48 12.17 -30.09 -9.13
C ALA B 48 12.29 -31.52 -8.72
N ASN B 49 12.26 -31.74 -7.41
CA ASN B 49 12.32 -33.10 -6.88
C ASN B 49 11.11 -33.91 -7.26
N GLY B 50 9.97 -33.26 -7.40
CA GLY B 50 8.77 -33.93 -7.86
C GLY B 50 7.83 -32.88 -8.33
N SER B 51 7.07 -33.19 -9.34
CA SER B 51 6.34 -32.11 -9.96
C SER B 51 5.18 -32.75 -10.70
N ALA B 52 4.19 -31.94 -11.02
CA ALA B 52 3.04 -32.45 -11.80
C ALA B 52 2.24 -31.27 -12.31
N TYR B 53 1.91 -31.29 -13.60
CA TYR B 53 1.00 -30.33 -14.22
C TYR B 53 -0.38 -30.99 -14.22
N VAL B 54 -1.42 -30.26 -13.83
CA VAL B 54 -2.81 -30.73 -13.93
C VAL B 54 -3.68 -29.69 -14.62
N ALA B 55 -4.46 -30.11 -15.62
CA ALA B 55 -5.53 -29.31 -16.19
C ALA B 55 -6.83 -30.02 -15.94
N LEU B 56 -7.73 -29.33 -15.26
CA LEU B 56 -9.07 -29.77 -14.91
C LEU B 56 -10.04 -28.85 -15.65
N GLY B 57 -10.49 -29.32 -16.79
CA GLY B 57 -11.13 -28.48 -17.77
C GLY B 57 -10.11 -27.46 -18.24
N ASN B 58 -10.46 -26.18 -18.02
CA ASN B 58 -9.66 -25.02 -18.34
C ASN B 58 -9.03 -24.41 -17.11
N THR B 59 -9.05 -25.10 -15.97
CA THR B 59 -8.24 -24.71 -14.82
C THR B 59 -6.92 -25.46 -14.91
N ARG B 60 -5.84 -24.71 -14.93
CA ARG B 60 -4.51 -25.28 -15.12
C ARG B 60 -3.59 -24.82 -13.99
N VAL B 61 -3.01 -25.79 -13.31
CA VAL B 61 -1.98 -25.55 -12.32
C VAL B 61 -0.85 -26.54 -12.51
N VAL B 62 0.34 -26.14 -12.07
CA VAL B 62 1.50 -27.00 -12.01
C VAL B 62 2.07 -26.97 -10.61
N ALA B 63 2.20 -28.15 -10.04
CA ALA B 63 2.71 -28.28 -8.70
C ALA B 63 4.16 -28.70 -8.75
N GLY B 64 4.94 -28.14 -7.85
CA GLY B 64 6.34 -28.44 -7.83
C GLY B 64 6.82 -28.65 -6.43
N VAL B 65 7.57 -29.72 -6.21
CA VAL B 65 8.06 -30.11 -4.90
C VAL B 65 9.56 -29.99 -4.87
N LYS B 66 10.06 -29.25 -3.90
CA LYS B 66 11.47 -29.03 -3.73
C LYS B 66 11.79 -29.53 -2.32
N ILE B 67 12.56 -30.60 -2.21
CA ILE B 67 12.95 -31.18 -0.93
C ILE B 67 14.40 -30.84 -0.55
N GLU B 68 14.57 -30.30 0.66
CA GLU B 68 15.87 -29.84 1.14
C GLU B 68 16.11 -30.19 2.62
N ALA B 69 17.38 -30.33 2.99
CA ALA B 69 17.74 -30.55 4.40
C ALA B 69 17.74 -29.21 5.12
N GLY B 70 17.15 -29.17 6.32
CA GLY B 70 17.03 -27.99 7.13
C GLY B 70 16.94 -28.35 8.59
N GLU B 71 16.77 -27.35 9.41
CA GLU B 71 16.63 -27.55 10.84
C GLU B 71 15.17 -27.87 11.16
N PRO B 72 14.86 -28.87 12.01
CA PRO B 72 13.47 -29.18 12.30
C PRO B 72 12.90 -28.15 13.26
N PHE B 73 11.59 -28.20 13.44
CA PHE B 73 10.94 -27.37 14.45
C PHE B 73 11.37 -27.82 15.85
N PRO B 74 11.53 -26.87 16.80
CA PRO B 74 12.05 -27.30 18.12
C PRO B 74 11.18 -28.34 18.83
N ASP B 75 9.85 -28.24 18.73
CA ASP B 75 8.96 -29.19 19.42
C ASP B 75 9.09 -30.60 18.88
N THR B 76 9.07 -30.77 17.56
CA THR B 76 9.23 -32.09 16.97
C THR B 76 10.58 -32.16 16.30
N PRO B 77 11.61 -32.64 17.00
CA PRO B 77 12.95 -32.70 16.43
C PRO B 77 13.15 -34.01 15.71
N ASP B 78 12.20 -34.95 15.80
CA ASP B 78 12.32 -36.23 15.11
C ASP B 78 11.30 -36.39 13.96
N GLN B 79 11.01 -35.30 13.24
CA GLN B 79 9.98 -35.24 12.21
C GLN B 79 10.33 -34.22 11.12
N GLY B 80 9.94 -34.56 9.89
CA GLY B 80 10.13 -33.66 8.78
C GLY B 80 9.06 -32.61 8.71
N VAL B 81 9.25 -31.70 7.78
CA VAL B 81 8.36 -30.55 7.64
C VAL B 81 7.69 -30.61 6.28
N LEU B 82 6.41 -30.23 6.23
CA LEU B 82 5.71 -30.06 4.96
C LEU B 82 5.10 -28.68 4.93
N THR B 83 5.54 -27.88 3.98
CA THR B 83 5.02 -26.53 3.79
C THR B 83 4.34 -26.34 2.45
N THR B 84 3.14 -25.76 2.48
CA THR B 84 2.35 -25.63 1.27
C THR B 84 2.13 -24.18 0.93
N ASN B 85 2.20 -23.91 -0.37
CA ASN B 85 1.90 -22.60 -0.87
C ASN B 85 1.35 -22.67 -2.27
N VAL B 86 0.26 -21.93 -2.50
CA VAL B 86 -0.47 -21.85 -3.76
C VAL B 86 -0.47 -20.41 -4.23
N GLU B 87 0.09 -20.16 -5.41
CA GLU B 87 0.20 -18.82 -6.01
C GLU B 87 -0.91 -18.59 -7.04
N LEU B 88 -1.80 -17.63 -6.81
CA LEU B 88 -2.75 -17.27 -7.87
C LEU B 88 -2.12 -16.26 -8.82
N LEU B 89 -1.38 -16.74 -9.81
CA LEU B 89 -0.62 -15.82 -10.65
C LEU B 89 -1.58 -14.94 -11.44
N PRO B 90 -1.24 -13.66 -11.60
CA PRO B 90 -2.05 -12.75 -12.40
C PRO B 90 -2.22 -13.15 -13.84
N ILE B 91 -1.37 -14.05 -14.35
CA ILE B 91 -1.66 -14.59 -15.67
C ILE B 91 -2.94 -15.43 -15.69
N ALA B 92 -3.39 -15.87 -14.53
CA ALA B 92 -4.45 -16.84 -14.48
C ALA B 92 -5.83 -16.24 -14.65
N PHE B 93 -6.00 -14.95 -14.42
CA PHE B 93 -7.33 -14.44 -14.67
C PHE B 93 -7.27 -12.95 -14.97
N PRO B 94 -8.14 -12.46 -15.85
CA PRO B 94 -8.13 -11.03 -16.19
C PRO B 94 -8.30 -10.15 -14.99
N SER B 95 -9.27 -10.48 -14.13
CA SER B 95 -9.72 -9.65 -13.00
C SER B 95 -8.67 -9.60 -11.91
N PHE B 96 -7.61 -10.43 -11.97
CA PHE B 96 -6.63 -10.45 -10.90
C PHE B 96 -5.97 -9.05 -10.83
N GLU B 97 -5.80 -8.58 -9.59
CA GLU B 97 -5.56 -7.20 -9.09
C GLU B 97 -6.84 -6.35 -9.09
N ALA B 98 -7.98 -6.91 -9.55
CA ALA B 98 -9.34 -6.49 -9.22
C ALA B 98 -9.88 -7.60 -8.30
N GLY B 99 -10.02 -7.26 -7.03
CA GLY B 99 -9.90 -8.20 -5.94
C GLY B 99 -8.58 -7.98 -5.24
N PRO B 100 -7.59 -8.88 -5.41
CA PRO B 100 -7.59 -10.16 -6.14
C PRO B 100 -7.87 -11.35 -5.20
N PRO B 101 -8.90 -11.31 -4.23
CA PRO B 101 -8.56 -11.38 -2.79
C PRO B 101 -7.51 -12.40 -2.36
N ASN B 102 -6.46 -11.86 -1.70
CA ASN B 102 -5.37 -12.69 -1.18
C ASN B 102 -5.92 -13.69 -0.22
N ASP B 103 -7.09 -13.37 0.35
CA ASP B 103 -7.78 -14.33 1.19
C ASP B 103 -7.92 -15.63 0.41
N LEU B 104 -8.31 -15.55 -0.89
CA LEU B 104 -8.56 -16.78 -1.63
C LEU B 104 -7.30 -17.61 -1.84
N ALA B 105 -6.18 -16.95 -2.16
CA ALA B 105 -4.98 -17.73 -2.43
C ALA B 105 -4.55 -18.47 -1.17
N ILE B 106 -4.66 -17.79 -0.03
CA ILE B 106 -4.27 -18.32 1.30
C ILE B 106 -5.21 -19.42 1.75
N GLU B 107 -6.51 -19.23 1.56
CA GLU B 107 -7.40 -20.32 1.90
C GLU B 107 -7.03 -21.60 1.15
N VAL B 108 -6.76 -21.49 -0.15
CA VAL B 108 -6.49 -22.72 -0.89
C VAL B 108 -5.22 -23.41 -0.38
N SER B 109 -4.19 -22.63 -0.01
CA SER B 109 -2.96 -23.21 0.50
C SER B 109 -3.22 -23.96 1.78
N ARG B 110 -4.06 -23.40 2.66
CA ARG B 110 -4.39 -24.03 3.94
C ARG B 110 -5.32 -25.21 3.80
N VAL B 111 -6.27 -25.10 2.87
CA VAL B 111 -7.15 -26.22 2.56
C VAL B 111 -6.41 -27.37 1.94
N VAL B 112 -5.52 -27.07 1.00
CA VAL B 112 -4.76 -28.12 0.34
C VAL B 112 -3.81 -28.78 1.33
N ASP B 113 -3.10 -27.95 2.10
CA ASP B 113 -2.19 -28.47 3.11
C ASP B 113 -2.94 -29.31 4.13
N ARG B 114 -4.12 -28.85 4.55
CA ARG B 114 -4.89 -29.65 5.49
C ARG B 114 -5.15 -31.06 4.96
N GLY B 115 -5.50 -31.20 3.67
CA GLY B 115 -5.81 -32.53 3.14
C GLY B 115 -4.60 -33.46 3.20
N ILE B 116 -3.43 -32.95 2.81
CA ILE B 116 -2.22 -33.75 2.78
C ILE B 116 -1.80 -34.11 4.19
N ARG B 117 -1.87 -33.12 5.11
CA ARG B 117 -1.40 -33.33 6.47
C ARG B 117 -2.27 -34.32 7.20
N GLU B 118 -3.58 -34.08 7.21
CA GLU B 118 -4.49 -34.90 7.99
C GLU B 118 -4.69 -36.32 7.42
N SER B 119 -4.48 -36.51 6.13
CA SER B 119 -4.49 -37.83 5.52
C SER B 119 -3.24 -38.65 5.84
N LYS B 120 -2.22 -38.05 6.47
CA LYS B 120 -0.97 -38.76 6.80
C LYS B 120 -0.33 -39.35 5.57
N MET B 121 -0.53 -38.66 4.45
CA MET B 121 0.09 -39.09 3.21
C MET B 121 1.60 -39.12 3.35
N ILE B 122 2.17 -38.10 3.98
CA ILE B 122 3.61 -37.87 3.86
C ILE B 122 4.44 -38.80 4.75
N SER B 123 3.92 -39.21 5.91
CA SER B 123 4.76 -39.97 6.85
C SER B 123 6.03 -39.17 7.24
N PRO B 124 5.87 -38.04 7.95
CA PRO B 124 6.98 -37.11 8.21
C PRO B 124 7.96 -37.58 9.27
N GLU B 125 7.80 -38.77 9.82
CA GLU B 125 8.81 -39.31 10.74
C GLU B 125 10.01 -39.91 10.00
N LYS B 126 9.81 -40.42 8.78
CA LYS B 126 10.89 -41.01 8.04
C LYS B 126 11.80 -39.98 7.38
N LEU B 127 11.53 -38.69 7.56
CA LEU B 127 12.27 -37.64 6.89
C LEU B 127 13.27 -37.02 7.82
N VAL B 128 13.79 -37.83 8.72
CA VAL B 128 14.74 -37.39 9.71
C VAL B 128 16.12 -37.77 9.23
N ILE B 129 17.03 -36.80 9.20
CA ILE B 129 18.38 -37.08 8.78
C ILE B 129 19.25 -37.30 10.02
N GLU B 130 19.34 -36.29 10.88
CA GLU B 130 20.07 -36.39 12.14
C GLU B 130 19.12 -35.95 13.24
N GLN B 131 18.65 -36.90 14.07
CA GLN B 131 17.53 -36.66 14.97
C GLN B 131 17.76 -35.42 15.82
N GLY B 132 16.89 -34.41 15.68
CA GLY B 132 16.98 -33.18 16.44
C GLY B 132 17.88 -32.10 15.87
N LYS B 133 18.65 -32.37 14.79
CA LYS B 133 19.42 -31.36 14.05
C LYS B 133 19.02 -31.17 12.60
N LYS B 134 18.85 -32.25 11.80
CA LYS B 134 18.59 -32.13 10.37
C LYS B 134 17.41 -32.98 9.94
N VAL B 135 16.44 -32.36 9.27
CA VAL B 135 15.32 -33.08 8.70
C VAL B 135 15.11 -32.62 7.27
N TRP B 136 14.16 -33.28 6.62
CA TRP B 136 13.81 -33.00 5.25
C TRP B 136 12.60 -32.09 5.17
N ILE B 137 12.78 -30.95 4.53
CA ILE B 137 11.71 -29.96 4.35
C ILE B 137 11.04 -30.18 3.00
N VAL B 138 9.77 -30.46 2.98
CA VAL B 138 9.10 -30.72 1.71
C VAL B 138 8.25 -29.53 1.30
N PHE B 139 8.78 -28.72 0.40
CA PHE B 139 8.13 -27.55 -0.18
C PHE B 139 7.21 -27.92 -1.33
N LEU B 140 5.89 -27.66 -1.17
CA LEU B 140 4.86 -28.00 -2.18
C LEU B 140 4.30 -26.66 -2.64
N ASP B 141 4.71 -26.25 -3.84
CA ASP B 141 4.35 -24.93 -4.37
C ASP B 141 3.54 -25.11 -5.63
N ILE B 142 2.38 -24.52 -5.68
CA ILE B 142 1.43 -24.81 -6.75
C ILE B 142 1.19 -23.48 -7.42
N ASN B 143 1.58 -23.40 -8.69
CA ASN B 143 1.34 -22.18 -9.46
C ASN B 143 0.07 -22.40 -10.29
N VAL B 144 -0.91 -21.52 -10.08
CA VAL B 144 -2.15 -21.44 -10.88
C VAL B 144 -1.94 -20.53 -12.09
N LEU B 145 -2.05 -21.13 -13.28
CA LEU B 145 -1.83 -20.48 -14.56
C LEU B 145 -3.12 -20.11 -15.29
N ASP B 146 -4.22 -20.80 -15.03
CA ASP B 146 -5.48 -20.54 -15.73
C ASP B 146 -6.63 -20.86 -14.80
N TYR B 147 -7.54 -19.91 -14.61
CA TYR B 147 -8.58 -20.08 -13.60
C TYR B 147 -9.93 -20.26 -14.28
N ASP B 148 -10.49 -21.44 -14.11
CA ASP B 148 -11.81 -21.67 -14.64
C ASP B 148 -12.63 -22.43 -13.61
N GLY B 149 -12.28 -22.25 -12.36
CA GLY B 149 -13.10 -22.67 -11.25
C GLY B 149 -12.55 -23.89 -10.56
N ASN B 150 -12.99 -24.05 -9.30
CA ASN B 150 -12.53 -25.19 -8.54
C ASN B 150 -11.01 -25.29 -8.41
N LEU B 151 -10.44 -24.29 -7.77
CA LEU B 151 -9.00 -24.34 -7.61
C LEU B 151 -8.60 -25.38 -6.62
N ILE B 152 -9.46 -25.70 -5.67
CA ILE B 152 -9.07 -26.51 -4.52
C ILE B 152 -8.72 -27.95 -4.95
N ASP B 153 -9.63 -28.58 -5.73
CA ASP B 153 -9.49 -29.97 -6.21
C ASP B 153 -8.36 -30.07 -7.18
N ALA B 154 -8.29 -29.09 -8.10
CA ALA B 154 -7.19 -29.08 -9.04
C ALA B 154 -5.84 -28.95 -8.36
N SER B 155 -5.75 -28.15 -7.28
CA SER B 155 -4.48 -28.07 -6.56
C SER B 155 -4.17 -29.34 -5.83
N THR B 156 -5.19 -29.98 -5.29
CA THR B 156 -4.98 -31.23 -4.56
C THR B 156 -4.52 -32.31 -5.52
N ILE B 157 -5.17 -32.39 -6.69
CA ILE B 157 -4.74 -33.37 -7.67
C ILE B 157 -3.31 -33.12 -8.07
N ALA B 158 -2.95 -31.86 -8.32
CA ALA B 158 -1.57 -31.57 -8.66
C ALA B 158 -0.65 -31.88 -7.49
N ALA B 159 -1.11 -31.57 -6.28
CA ALA B 159 -0.33 -31.79 -5.07
C ALA B 159 -0.12 -33.25 -4.79
N VAL B 160 -1.19 -34.04 -4.92
CA VAL B 160 -1.05 -35.47 -4.65
C VAL B 160 -0.03 -36.08 -5.60
N ALA B 161 -0.19 -35.81 -6.91
CA ALA B 161 0.64 -36.39 -7.96
C ALA B 161 2.11 -35.98 -7.85
N ALA B 162 2.34 -34.72 -7.53
CA ALA B 162 3.69 -34.17 -7.41
C ALA B 162 4.43 -34.79 -6.24
N LEU B 163 3.72 -35.18 -5.22
CA LEU B 163 4.33 -35.91 -4.11
C LEU B 163 4.55 -37.37 -4.43
N ARG B 164 3.95 -37.86 -5.50
CA ARG B 164 4.24 -39.21 -5.93
C ARG B 164 5.50 -39.31 -6.82
N ASN B 165 5.93 -38.25 -7.52
CA ASN B 165 7.35 -38.15 -7.94
C ASN B 165 8.08 -37.77 -6.68
N ALA B 166 8.34 -38.77 -5.88
CA ALA B 166 8.76 -38.42 -4.55
C ALA B 166 10.21 -37.90 -4.58
N VAL B 167 11.15 -38.74 -5.05
CA VAL B 167 12.57 -38.38 -5.25
C VAL B 167 13.23 -37.51 -4.17
N VAL B 168 13.42 -37.99 -2.96
CA VAL B 168 14.10 -37.16 -1.94
C VAL B 168 15.61 -37.24 -2.16
N PRO B 169 16.34 -36.06 -2.26
CA PRO B 169 17.79 -36.12 -2.56
C PRO B 169 18.64 -36.46 -1.35
N ALA B 170 18.62 -37.74 -1.02
CA ALA B 170 19.50 -38.20 0.03
C ALA B 170 20.95 -38.39 -0.40
N SER B 171 21.28 -38.34 -1.70
CA SER B 171 22.69 -38.40 -2.06
C SER B 171 23.44 -37.14 -1.66
N LYS B 172 22.76 -36.02 -1.42
CA LYS B 172 23.48 -34.81 -1.04
C LYS B 172 23.89 -34.84 0.40
N GLU B 173 23.17 -35.62 1.22
CA GLU B 173 23.56 -35.87 2.60
C GLU B 173 24.22 -37.23 2.75
N GLY B 174 24.96 -37.66 1.73
CA GLY B 174 25.59 -38.97 1.76
C GLY B 174 24.55 -39.97 1.38
N GLY B 175 24.14 -40.83 2.31
CA GLY B 175 22.95 -41.67 2.18
C GLY B 175 22.75 -42.28 0.81
N GLU B 176 21.51 -42.19 0.32
CA GLU B 176 21.04 -42.82 -0.91
C GLU B 176 19.73 -42.21 -1.34
N ASP B 177 19.62 -41.76 -2.57
CA ASP B 177 18.33 -41.24 -3.00
C ASP B 177 17.18 -42.24 -2.89
N PHE B 178 16.19 -41.99 -2.04
CA PHE B 178 15.04 -42.87 -1.93
C PHE B 178 13.75 -42.13 -2.31
N LYS B 179 12.66 -42.90 -2.41
CA LYS B 179 11.37 -42.35 -2.80
C LYS B 179 10.60 -41.87 -1.57
N LEU B 180 10.25 -40.60 -1.55
CA LEU B 180 9.54 -40.06 -0.39
C LEU B 180 8.30 -40.89 -0.13
N PRO B 181 8.11 -41.39 1.10
CA PRO B 181 6.98 -42.30 1.40
C PRO B 181 5.66 -41.58 1.21
N VAL B 182 4.80 -42.19 0.45
CA VAL B 182 3.44 -41.74 0.27
C VAL B 182 2.50 -42.82 0.77
N SER B 183 1.80 -42.55 1.85
CA SER B 183 1.04 -43.57 2.56
C SER B 183 -0.46 -43.57 2.29
N SER B 184 -1.01 -42.56 1.61
CA SER B 184 -2.43 -42.55 1.28
C SER B 184 -2.65 -41.62 0.09
N THR B 185 -3.87 -41.61 -0.43
CA THR B 185 -4.18 -40.84 -1.64
C THR B 185 -5.42 -39.97 -1.43
N PRO B 186 -5.25 -38.81 -0.81
CA PRO B 186 -6.41 -37.96 -0.53
C PRO B 186 -6.93 -37.26 -1.76
N ILE B 187 -8.23 -37.34 -1.98
CA ILE B 187 -8.89 -36.69 -3.10
C ILE B 187 -9.89 -35.71 -2.55
N SER B 188 -9.70 -34.45 -2.85
CA SER B 188 -10.56 -33.38 -2.38
C SER B 188 -11.66 -33.09 -3.38
N VAL B 189 -12.88 -32.88 -2.91
CA VAL B 189 -13.99 -32.62 -3.84
C VAL B 189 -14.81 -31.38 -3.46
N THR B 190 -14.93 -30.42 -4.37
CA THR B 190 -15.60 -29.15 -4.07
C THR B 190 -16.96 -29.14 -4.74
N MET B 191 -17.98 -28.69 -4.00
CA MET B 191 -19.36 -28.89 -4.37
C MET B 191 -20.16 -27.62 -4.12
N VAL B 192 -21.11 -27.34 -5.02
CA VAL B 192 -21.95 -26.19 -4.89
C VAL B 192 -23.36 -26.69 -5.16
N LYS B 193 -24.33 -25.88 -4.76
CA LYS B 193 -25.75 -26.19 -4.92
C LYS B 193 -26.29 -25.24 -5.97
N ILE B 194 -26.56 -25.74 -7.16
CA ILE B 194 -27.27 -24.97 -8.19
C ILE B 194 -28.75 -25.31 -8.08
N GLY B 195 -29.55 -24.31 -7.68
CA GLY B 195 -30.98 -24.58 -7.51
C GLY B 195 -31.15 -25.58 -6.39
N ASP B 196 -31.85 -26.65 -6.69
CA ASP B 196 -32.11 -27.67 -5.69
C ASP B 196 -31.21 -28.88 -5.84
N THR B 197 -30.20 -28.80 -6.70
CA THR B 197 -29.35 -29.94 -6.99
C THR B 197 -27.91 -29.60 -6.61
N LEU B 198 -27.25 -30.47 -5.84
CA LEU B 198 -25.83 -30.31 -5.52
C LEU B 198 -24.96 -30.87 -6.62
N VAL B 199 -24.06 -30.07 -7.12
CA VAL B 199 -23.14 -30.56 -8.12
C VAL B 199 -21.72 -30.44 -7.58
N CYS B 200 -20.81 -31.15 -8.22
CA CYS B 200 -19.40 -31.14 -7.84
C CYS B 200 -18.54 -30.67 -9.02
N ASP B 201 -17.30 -30.32 -8.74
CA ASP B 201 -16.38 -29.65 -9.64
C ASP B 201 -17.04 -28.47 -10.33
N PRO B 202 -17.36 -27.40 -9.62
CA PRO B 202 -18.10 -26.34 -10.31
C PRO B 202 -17.20 -25.59 -11.27
N SER B 203 -17.70 -25.33 -12.48
CA SER B 203 -16.98 -24.45 -13.37
C SER B 203 -17.06 -23.04 -12.83
N LEU B 204 -16.32 -22.14 -13.47
CA LEU B 204 -16.39 -20.77 -13.00
C LEU B 204 -17.80 -20.22 -13.16
N GLU B 205 -18.48 -20.59 -14.25
CA GLU B 205 -19.83 -20.09 -14.44
C GLU B 205 -20.76 -20.56 -13.31
N GLU B 206 -20.72 -21.86 -12.97
CA GLU B 206 -21.55 -22.37 -11.89
C GLU B 206 -21.06 -21.88 -10.54
N ASP B 207 -19.76 -21.57 -10.43
CA ASP B 207 -19.18 -21.11 -9.17
C ASP B 207 -19.84 -19.77 -8.79
N GLN B 208 -20.29 -18.98 -9.80
CA GLN B 208 -20.95 -17.66 -9.62
C GLN B 208 -22.44 -17.70 -9.69
N ILE B 209 -22.99 -18.73 -10.30
CA ILE B 209 -24.44 -18.83 -10.30
C ILE B 209 -25.02 -19.12 -8.90
N CYS B 210 -24.26 -19.73 -7.97
CA CYS B 210 -24.77 -19.96 -6.61
C CYS B 210 -23.69 -19.63 -5.60
N GLY B 211 -24.04 -18.82 -4.59
CA GLY B 211 -23.11 -18.59 -3.49
C GLY B 211 -23.03 -19.81 -2.56
N GLY B 212 -21.80 -20.22 -2.28
CA GLY B 212 -21.64 -21.17 -1.25
C GLY B 212 -21.12 -22.43 -1.86
N ARG B 213 -19.92 -22.81 -1.45
CA ARG B 213 -19.33 -24.08 -1.82
C ARG B 213 -18.80 -24.79 -0.58
N ILE B 214 -18.61 -26.09 -0.72
CA ILE B 214 -18.23 -27.00 0.35
C ILE B 214 -17.24 -28.01 -0.19
N THR B 215 -16.11 -28.14 0.48
CA THR B 215 -15.09 -29.04 0.02
C THR B 215 -14.89 -30.15 1.05
N VAL B 216 -14.90 -31.40 0.59
CA VAL B 216 -14.74 -32.55 1.46
C VAL B 216 -13.66 -33.45 0.92
N THR B 217 -12.58 -33.61 1.66
CA THR B 217 -11.48 -34.45 1.24
C THR B 217 -11.48 -35.79 1.94
N THR B 218 -11.30 -36.84 1.15
CA THR B 218 -11.46 -38.21 1.55
C THR B 218 -10.24 -38.99 1.12
N THR B 219 -9.93 -39.98 1.89
CA THR B 219 -8.93 -40.97 1.56
C THR B 219 -9.63 -42.25 1.18
N GLU B 220 -8.84 -43.21 0.66
CA GLU B 220 -9.32 -44.50 0.17
C GLU B 220 -9.91 -45.42 1.24
N ASP B 221 -9.68 -45.14 2.53
CA ASP B 221 -10.24 -45.90 3.62
C ASP B 221 -11.69 -45.52 3.97
N GLY B 222 -12.33 -44.67 3.19
CA GLY B 222 -13.66 -44.23 3.50
C GLY B 222 -13.72 -43.19 4.57
N HIS B 223 -12.59 -42.74 5.07
CA HIS B 223 -12.55 -41.73 6.09
C HIS B 223 -12.61 -40.36 5.44
N ILE B 224 -13.13 -39.42 6.19
CA ILE B 224 -13.09 -38.02 5.81
C ILE B 224 -11.91 -37.42 6.53
N ARG B 225 -11.06 -36.76 5.78
CA ARG B 225 -9.87 -36.19 6.35
C ARG B 225 -9.93 -34.69 6.50
N ALA B 226 -10.68 -34.00 5.65
CA ALA B 226 -10.74 -32.55 5.80
C ALA B 226 -12.05 -32.03 5.21
N MET B 227 -12.67 -31.01 5.82
CA MET B 227 -13.82 -30.37 5.19
C MET B 227 -13.76 -28.85 5.32
N GLN B 228 -14.44 -28.13 4.42
CA GLN B 228 -14.35 -26.65 4.47
C GLN B 228 -15.54 -25.98 3.77
N LYS B 229 -16.32 -25.17 4.51
CA LYS B 229 -17.40 -24.41 3.88
C LYS B 229 -16.85 -23.07 3.46
N GLY B 230 -17.08 -22.71 2.24
CA GLY B 230 -16.52 -21.50 1.68
C GLY B 230 -17.55 -20.60 1.03
N GLU B 231 -17.09 -19.39 0.76
CA GLU B 231 -17.87 -18.35 0.12
C GLU B 231 -19.05 -18.01 1.04
N ILE B 232 -19.79 -17.01 0.62
CA ILE B 232 -20.97 -16.59 1.35
C ILE B 232 -22.14 -17.44 0.94
N GLY B 233 -22.80 -18.01 1.93
CA GLY B 233 -23.95 -18.83 1.64
C GLY B 233 -24.00 -19.95 2.64
N ALA B 234 -25.19 -20.54 2.75
CA ALA B 234 -25.49 -21.55 3.73
C ALA B 234 -25.92 -22.82 3.06
N PHE B 235 -25.72 -23.91 3.82
CA PHE B 235 -26.07 -25.26 3.43
C PHE B 235 -26.97 -25.88 4.50
N THR B 236 -27.98 -26.63 4.08
CA THR B 236 -28.78 -27.37 5.05
C THR B 236 -28.00 -28.59 5.54
N VAL B 237 -28.48 -29.18 6.62
CA VAL B 237 -27.82 -30.38 7.16
C VAL B 237 -27.84 -31.53 6.17
N GLU B 238 -28.93 -31.66 5.40
CA GLU B 238 -28.97 -32.67 4.33
C GLU B 238 -27.95 -32.37 3.26
N ASP B 239 -27.75 -31.09 2.90
CA ASP B 239 -26.80 -30.78 1.83
C ASP B 239 -25.41 -31.26 2.21
N VAL B 240 -25.01 -31.01 3.45
CA VAL B 240 -23.73 -31.48 3.92
C VAL B 240 -23.70 -33.00 3.94
N LYS B 241 -24.83 -33.64 4.25
CA LYS B 241 -24.93 -35.10 4.16
C LYS B 241 -24.78 -35.60 2.71
N LYS B 242 -25.40 -34.92 1.73
CA LYS B 242 -25.21 -35.27 0.30
C LYS B 242 -23.79 -34.97 -0.17
N ALA B 243 -23.19 -33.88 0.31
CA ALA B 243 -21.83 -33.54 -0.13
C ALA B 243 -20.81 -34.59 0.31
N VAL B 244 -20.97 -35.11 1.52
CA VAL B 244 -20.12 -36.20 2.01
C VAL B 244 -20.32 -37.50 1.21
N LYS B 245 -21.57 -37.88 0.96
CA LYS B 245 -21.77 -39.09 0.17
C LYS B 245 -21.17 -38.92 -1.22
N MET B 246 -21.46 -37.80 -1.87
CA MET B 246 -20.92 -37.58 -3.20
C MET B 246 -19.39 -37.45 -3.21
N SER B 247 -18.81 -36.76 -2.26
CA SER B 247 -17.35 -36.60 -2.21
C SER B 247 -16.62 -37.95 -1.98
N LEU B 248 -17.14 -38.80 -1.10
CA LEU B 248 -16.55 -40.13 -0.96
C LEU B 248 -16.66 -40.93 -2.22
N GLU B 249 -17.82 -40.86 -2.88
CA GLU B 249 -18.10 -41.67 -4.06
C GLU B 249 -17.29 -41.23 -5.27
N VAL B 250 -17.26 -39.92 -5.58
CA VAL B 250 -16.46 -39.43 -6.70
C VAL B 250 -15.02 -39.42 -6.33
N GLY B 251 -14.68 -39.44 -5.05
CA GLY B 251 -13.28 -39.58 -4.68
C GLY B 251 -12.75 -40.95 -5.03
N LYS B 252 -13.59 -41.98 -4.86
CA LYS B 252 -13.30 -43.36 -5.24
C LYS B 252 -13.13 -43.51 -6.74
N LYS B 253 -14.00 -42.87 -7.53
CA LYS B 253 -13.84 -42.95 -8.97
C LYS B 253 -12.54 -42.34 -9.39
N LEU B 254 -12.19 -41.23 -8.78
CA LEU B 254 -10.98 -40.54 -9.18
C LEU B 254 -9.74 -41.32 -8.79
N ARG B 255 -9.75 -41.93 -7.63
CA ARG B 255 -8.59 -42.67 -7.18
C ARG B 255 -8.31 -43.84 -8.09
N GLU B 256 -9.35 -44.54 -8.52
CA GLU B 256 -9.12 -45.71 -9.38
C GLU B 256 -8.74 -45.34 -10.79
N LYS B 257 -9.20 -44.20 -11.28
CA LYS B 257 -8.87 -43.84 -12.65
C LYS B 257 -7.45 -43.26 -12.80
N TYR B 258 -6.88 -42.53 -11.84
CA TYR B 258 -5.60 -41.85 -12.01
C TYR B 258 -4.52 -42.16 -11.01
N PHE B 259 -4.88 -42.80 -9.92
CA PHE B 259 -4.00 -43.06 -8.80
C PHE B 259 -4.08 -44.50 -8.39
N ARG B 260 -4.11 -45.39 -9.36
CA ARG B 260 -3.91 -46.78 -9.02
C ARG B 260 -2.48 -47.02 -8.51
N LYS C 10 37.11 -28.96 -15.57
CA LYS C 10 36.75 -27.56 -15.27
C LYS C 10 36.39 -26.76 -16.53
N LEU C 11 36.84 -27.24 -17.71
CA LEU C 11 36.74 -26.48 -18.96
C LEU C 11 35.61 -26.96 -19.86
N ILE C 12 35.12 -26.02 -20.67
CA ILE C 12 33.82 -26.16 -21.32
C ILE C 12 33.81 -26.98 -22.64
N ASN C 13 34.92 -27.00 -23.42
CA ASN C 13 34.95 -27.73 -24.70
C ASN C 13 36.15 -28.60 -24.92
N GLU C 14 35.92 -29.69 -25.64
CA GLU C 14 36.97 -30.67 -25.86
C GLU C 14 37.34 -30.74 -27.32
N ASP C 15 36.35 -30.91 -28.17
CA ASP C 15 36.63 -31.12 -29.57
C ASP C 15 36.20 -29.99 -30.49
N ASN C 16 36.23 -28.75 -30.00
CA ASN C 16 35.37 -27.66 -30.51
C ASN C 16 33.91 -28.04 -30.37
N LEU C 17 33.67 -28.83 -29.34
CA LEU C 17 32.37 -29.34 -28.98
C LEU C 17 32.07 -28.86 -27.56
N ARG C 18 30.87 -28.32 -27.37
CA ARG C 18 30.50 -27.75 -26.09
C ARG C 18 30.01 -28.89 -25.19
N LEU C 19 29.90 -28.60 -23.89
CA LEU C 19 29.64 -29.68 -22.96
C LEU C 19 28.40 -30.45 -23.37
N ASP C 20 27.48 -29.78 -24.06
CA ASP C 20 26.21 -30.39 -24.44
C ASP C 20 26.22 -30.85 -25.88
N GLY C 21 27.33 -30.64 -26.55
CA GLY C 21 27.59 -31.23 -27.82
C GLY C 21 27.26 -30.36 -29.04
N ARG C 22 26.97 -29.08 -28.83
CA ARG C 22 26.63 -28.20 -29.94
C ARG C 22 27.91 -27.57 -30.44
N SER C 23 27.87 -27.16 -31.70
CA SER C 23 28.92 -26.32 -32.27
C SER C 23 28.77 -24.95 -31.71
N PHE C 24 29.63 -24.07 -32.18
CA PHE C 24 29.67 -22.77 -31.57
C PHE C 24 28.38 -22.01 -31.86
N ASN C 25 27.98 -21.86 -33.10
CA ASN C 25 26.73 -21.17 -33.36
C ASN C 25 25.54 -22.13 -33.58
N GLU C 26 25.18 -22.93 -32.56
CA GLU C 26 24.04 -23.84 -32.61
C GLU C 26 23.07 -23.50 -31.53
N LEU C 27 21.77 -23.41 -31.88
CA LEU C 27 20.73 -23.12 -30.90
C LEU C 27 20.30 -24.34 -30.12
N ARG C 28 19.86 -24.12 -28.88
CA ARG C 28 19.18 -25.15 -28.13
C ARG C 28 17.79 -25.43 -28.73
N PRO C 29 17.17 -26.55 -28.37
CA PRO C 29 15.83 -26.86 -28.91
C PRO C 29 14.82 -25.79 -28.52
N ILE C 30 14.02 -25.34 -29.47
CA ILE C 30 13.05 -24.31 -29.18
C ILE C 30 11.67 -24.72 -29.66
N LYS C 31 10.70 -24.70 -28.76
CA LYS C 31 9.29 -24.91 -29.08
C LYS C 31 8.48 -23.69 -28.64
N ILE C 32 7.47 -23.31 -29.40
CA ILE C 32 6.55 -22.24 -29.05
C ILE C 32 5.16 -22.64 -29.49
N GLN C 33 4.19 -22.66 -28.55
CA GLN C 33 2.78 -22.89 -28.91
C GLN C 33 2.05 -21.65 -28.43
N ALA C 34 1.26 -21.05 -29.33
CA ALA C 34 0.54 -19.85 -28.96
C ALA C 34 -0.94 -20.16 -28.76
N GLY C 35 -1.62 -19.29 -28.02
CA GLY C 35 -2.98 -19.59 -27.64
C GLY C 35 -3.19 -20.75 -26.68
N VAL C 36 -2.22 -21.09 -25.85
CA VAL C 36 -2.51 -22.17 -24.93
C VAL C 36 -3.43 -21.75 -23.78
N LEU C 37 -3.49 -20.48 -23.44
CA LEU C 37 -4.27 -20.13 -22.28
C LEU C 37 -5.70 -19.80 -22.70
N ASN C 38 -6.62 -20.03 -21.76
CA ASN C 38 -8.04 -19.85 -22.00
C ASN C 38 -8.51 -18.43 -21.61
N ARG C 39 -8.15 -17.94 -20.41
CA ARG C 39 -8.61 -16.63 -19.93
C ARG C 39 -7.86 -15.49 -20.58
N ALA C 40 -6.56 -15.62 -20.71
CA ALA C 40 -5.75 -14.53 -21.23
C ALA C 40 -6.20 -14.14 -22.65
N ASP C 41 -6.14 -12.84 -22.98
CA ASP C 41 -6.43 -12.41 -24.35
C ASP C 41 -5.47 -13.03 -25.35
N GLY C 42 -4.19 -13.13 -25.00
CA GLY C 42 -3.23 -13.80 -25.84
C GLY C 42 -2.22 -14.54 -24.99
N SER C 43 -1.74 -15.64 -25.53
CA SER C 43 -0.85 -16.43 -24.72
C SER C 43 0.12 -17.17 -25.60
N ALA C 44 1.23 -17.58 -25.00
CA ALA C 44 2.30 -18.26 -25.71
C ALA C 44 3.13 -19.03 -24.70
N TYR C 45 3.33 -20.31 -24.96
CA TYR C 45 4.17 -21.20 -24.16
C TYR C 45 5.43 -21.45 -24.94
N ILE C 46 6.57 -21.35 -24.28
CA ILE C 46 7.87 -21.54 -24.90
C ILE C 46 8.69 -22.55 -24.12
N GLU C 47 9.46 -23.37 -24.84
CA GLU C 47 10.45 -24.27 -24.26
C GLU C 47 11.76 -23.97 -24.97
N TRP C 48 12.74 -23.47 -24.23
CA TRP C 48 14.03 -23.08 -24.79
C TRP C 48 15.12 -23.70 -23.90
N GLY C 49 15.64 -24.84 -24.33
CA GLY C 49 16.53 -25.59 -23.46
C GLY C 49 15.75 -26.11 -22.31
N GLY C 50 16.28 -25.89 -21.09
CA GLY C 50 15.52 -26.24 -19.89
C GLY C 50 14.45 -25.23 -19.50
N ASN C 51 14.32 -24.14 -20.24
CA ASN C 51 13.41 -23.07 -19.88
C ASN C 51 12.01 -23.53 -20.27
N LYS C 52 11.06 -23.43 -19.33
CA LYS C 52 9.63 -23.55 -19.64
C LYS C 52 8.94 -22.29 -19.13
N ILE C 53 8.39 -21.47 -20.00
CA ILE C 53 7.88 -20.15 -19.63
C ILE C 53 6.48 -20.00 -20.17
N MET C 54 5.58 -19.58 -19.34
CA MET C 54 4.26 -19.24 -19.82
C MET C 54 4.14 -17.69 -19.94
N VAL C 55 3.61 -17.20 -21.05
CA VAL C 55 3.28 -15.78 -21.19
C VAL C 55 1.81 -15.60 -21.54
N GLY C 56 1.16 -14.73 -20.83
CA GLY C 56 -0.19 -14.32 -21.16
C GLY C 56 -0.30 -12.80 -21.20
N VAL C 57 -1.11 -12.30 -22.13
CA VAL C 57 -1.21 -10.88 -22.45
C VAL C 57 -2.67 -10.47 -22.33
N TYR C 58 -2.91 -9.42 -21.51
CA TYR C 58 -4.24 -8.81 -21.26
C TYR C 58 -4.24 -7.34 -21.67
N GLY C 59 -5.33 -6.89 -22.32
CA GLY C 59 -5.39 -5.53 -22.82
C GLY C 59 -5.56 -5.40 -24.34
N PRO C 60 -5.50 -4.16 -24.87
CA PRO C 60 -5.37 -2.88 -24.17
C PRO C 60 -6.69 -2.46 -23.47
N LYS C 61 -6.72 -1.90 -22.24
CA LYS C 61 -7.96 -1.33 -21.71
C LYS C 61 -7.56 -0.03 -21.04
N GLU C 62 -8.55 0.83 -20.78
CA GLU C 62 -8.34 2.06 -20.05
C GLU C 62 -8.02 1.71 -18.60
N ALA C 63 -7.19 2.52 -17.95
CA ALA C 63 -6.98 2.30 -16.52
C ALA C 63 -8.16 2.85 -15.71
N TYR C 64 -8.69 2.04 -14.77
CA TYR C 64 -9.49 2.60 -13.68
C TYR C 64 -8.90 2.25 -12.31
N PRO C 65 -8.76 3.23 -11.38
CA PRO C 65 -9.15 4.65 -11.45
C PRO C 65 -8.21 5.45 -12.32
N LYS C 66 -8.61 6.67 -12.67
CA LYS C 66 -7.91 7.46 -13.68
C LYS C 66 -6.48 7.86 -13.27
N HIS C 67 -6.08 7.59 -12.01
CA HIS C 67 -4.82 8.10 -11.45
C HIS C 67 -3.59 7.64 -12.24
N SER C 68 -3.48 6.33 -12.50
CA SER C 68 -2.31 5.80 -13.19
C SER C 68 -2.31 6.10 -14.69
N GLN C 69 -3.35 6.74 -15.21
CA GLN C 69 -3.52 7.00 -16.63
C GLN C 69 -2.38 7.87 -17.20
N ASP C 70 -2.16 7.72 -18.51
CA ASP C 70 -1.11 8.42 -19.26
C ASP C 70 -1.62 8.82 -20.63
N ILE C 71 -1.69 10.15 -20.85
CA ILE C 71 -2.51 10.67 -21.94
C ILE C 71 -1.82 10.55 -23.29
N ASP C 72 -0.51 10.29 -23.33
CA ASP C 72 0.14 10.23 -24.64
C ASP C 72 -0.07 8.89 -25.33
N HIS C 73 0.31 7.83 -24.66
CA HIS C 73 0.35 6.54 -25.28
C HIS C 73 -0.14 5.55 -24.24
N ALA C 74 -0.07 4.28 -24.57
CA ALA C 74 -0.43 3.25 -23.62
C ALA C 74 0.75 2.99 -22.71
N ILE C 75 0.51 2.18 -21.71
CA ILE C 75 1.55 1.70 -20.82
C ILE C 75 1.69 0.19 -20.96
N VAL C 76 2.89 -0.25 -21.26
CA VAL C 76 3.22 -1.65 -21.22
C VAL C 76 3.75 -2.00 -19.83
N LYS C 77 2.94 -2.71 -19.06
CA LYS C 77 3.30 -3.30 -17.75
C LYS C 77 3.49 -4.81 -17.88
N ALA C 78 4.73 -5.19 -18.18
CA ALA C 78 5.17 -6.58 -18.16
C ALA C 78 5.70 -6.98 -16.76
N ARG C 79 5.23 -8.11 -16.24
CA ARG C 79 5.68 -8.62 -14.97
C ARG C 79 6.31 -10.01 -15.17
N TYR C 80 7.60 -10.10 -14.86
CA TYR C 80 8.36 -11.34 -14.94
C TYR C 80 8.43 -11.94 -13.54
N ASN C 81 7.83 -13.11 -13.40
CA ASN C 81 7.88 -13.81 -12.12
C ASN C 81 8.32 -15.24 -12.25
N MET C 82 9.12 -15.69 -11.28
CA MET C 82 9.72 -17.02 -11.28
C MET C 82 9.04 -17.86 -10.23
N ALA C 83 8.59 -19.05 -10.63
CA ALA C 83 7.95 -19.97 -9.69
C ALA C 83 8.93 -20.39 -8.61
N ALA C 84 8.37 -20.79 -7.46
CA ALA C 84 9.24 -21.21 -6.36
C ALA C 84 10.02 -22.49 -6.68
N PHE C 85 9.52 -23.30 -7.59
CA PHE C 85 10.18 -24.53 -7.94
C PHE C 85 10.94 -24.41 -9.24
N SER C 86 11.22 -23.19 -9.66
CA SER C 86 11.71 -22.89 -10.99
C SER C 86 13.23 -22.80 -11.04
N VAL C 87 13.86 -22.65 -9.91
CA VAL C 87 15.29 -22.46 -9.88
C VAL C 87 15.90 -23.61 -9.10
N ASP C 88 17.23 -23.62 -8.99
CA ASP C 88 17.95 -24.76 -8.42
C ASP C 88 17.54 -25.05 -6.98
N GLU C 89 17.62 -24.06 -6.10
CA GLU C 89 17.08 -24.21 -4.75
C GLU C 89 15.75 -23.48 -4.66
N ARG C 90 14.86 -23.98 -3.84
CA ARG C 90 13.54 -23.35 -3.69
C ARG C 90 13.65 -21.85 -3.39
N LYS C 91 13.00 -21.04 -4.18
CA LYS C 91 13.11 -19.61 -4.06
C LYS C 91 11.79 -19.14 -3.48
N ARG C 92 11.84 -18.08 -2.70
CA ARG C 92 10.62 -17.53 -2.11
C ARG C 92 9.80 -16.90 -3.23
N PRO C 93 8.52 -17.20 -3.28
CA PRO C 93 7.68 -16.61 -4.32
C PRO C 93 7.64 -15.07 -4.21
N GLY C 94 7.34 -14.41 -5.32
CA GLY C 94 7.30 -12.96 -5.30
C GLY C 94 8.49 -12.30 -5.98
N PRO C 95 8.36 -11.04 -6.38
CA PRO C 95 9.44 -10.34 -7.09
C PRO C 95 10.62 -10.03 -6.19
N ASP C 96 11.80 -9.83 -6.79
CA ASP C 96 13.07 -9.51 -6.09
C ASP C 96 13.78 -8.39 -6.85
N ARG C 97 15.01 -8.11 -6.49
CA ARG C 97 15.67 -7.08 -7.29
C ARG C 97 15.87 -7.55 -8.74
N ARG C 98 16.18 -8.86 -8.92
CA ARG C 98 16.46 -9.41 -10.24
C ARG C 98 15.21 -9.43 -11.11
N THR C 99 14.06 -9.90 -10.58
CA THR C 99 12.87 -9.97 -11.45
C THR C 99 12.35 -8.58 -11.73
N MET C 100 12.62 -7.63 -10.85
CA MET C 100 12.13 -6.30 -11.13
C MET C 100 12.93 -5.65 -12.25
N GLU C 101 14.25 -5.89 -12.29
CA GLU C 101 15.09 -5.37 -13.37
C GLU C 101 14.71 -6.02 -14.69
N ILE C 102 14.38 -7.32 -14.67
CA ILE C 102 13.92 -7.96 -15.89
C ILE C 102 12.58 -7.42 -16.36
N SER C 103 11.63 -7.24 -15.44
CA SER C 103 10.33 -6.78 -15.88
C SER C 103 10.42 -5.40 -16.51
N LYS C 104 11.26 -4.53 -15.97
CA LYS C 104 11.46 -3.24 -16.62
C LYS C 104 12.08 -3.42 -18.00
N VAL C 105 13.17 -4.21 -18.12
CA VAL C 105 13.93 -4.15 -19.36
C VAL C 105 13.06 -4.73 -20.47
N ILE C 106 12.19 -5.71 -20.13
CA ILE C 106 11.30 -6.32 -21.12
C ILE C 106 10.18 -5.37 -21.50
N SER C 107 9.65 -4.66 -20.50
CA SER C 107 8.62 -3.67 -20.75
C SER C 107 9.12 -2.58 -21.67
N GLU C 108 10.38 -2.14 -21.48
CA GLU C 108 10.89 -1.09 -22.35
C GLU C 108 11.04 -1.58 -23.80
N ALA C 109 11.53 -2.81 -23.99
CA ALA C 109 11.69 -3.30 -25.34
C ALA C 109 10.33 -3.45 -26.03
N LEU C 110 9.36 -4.03 -25.33
CA LEU C 110 8.06 -4.25 -25.94
C LEU C 110 7.34 -2.96 -26.28
N SER C 111 7.65 -1.89 -25.54
CA SER C 111 7.03 -0.61 -25.79
C SER C 111 7.47 -0.03 -27.12
N SER C 112 8.59 -0.53 -27.67
CA SER C 112 9.21 0.00 -28.87
C SER C 112 8.63 -0.58 -30.15
N SER C 113 8.12 -1.83 -30.08
CA SER C 113 7.48 -2.51 -31.19
C SER C 113 5.99 -2.33 -31.13
N ILE C 114 5.39 -2.41 -29.94
CA ILE C 114 3.96 -2.17 -29.86
C ILE C 114 3.72 -0.74 -30.29
N MET C 115 2.71 -0.54 -31.12
CA MET C 115 2.30 0.76 -31.59
C MET C 115 1.51 1.40 -30.47
N ILE C 116 2.29 1.96 -29.53
CA ILE C 116 1.81 2.49 -28.26
C ILE C 116 0.91 3.74 -28.41
N GLU C 117 1.05 4.50 -29.49
CA GLU C 117 0.23 5.68 -29.73
C GLU C 117 -1.22 5.31 -30.10
N GLN C 118 -1.48 4.05 -30.50
CA GLN C 118 -2.84 3.64 -30.90
C GLN C 118 -3.78 3.43 -29.72
N PHE C 119 -3.28 3.37 -28.49
CA PHE C 119 -4.12 3.29 -27.29
C PHE C 119 -3.71 4.26 -26.20
N PRO C 120 -4.04 5.54 -26.33
CA PRO C 120 -3.71 6.49 -25.28
C PRO C 120 -4.47 6.10 -24.05
N ARG C 121 -3.86 6.39 -22.89
CA ARG C 121 -4.45 6.18 -21.57
C ARG C 121 -4.73 4.72 -21.25
N ALA C 122 -4.20 3.82 -22.05
CA ALA C 122 -4.45 2.40 -21.90
C ALA C 122 -3.29 1.71 -21.16
N GLU C 123 -3.53 0.49 -20.75
CA GLU C 123 -2.55 -0.33 -20.06
C GLU C 123 -2.56 -1.70 -20.73
N ILE C 124 -1.38 -2.27 -20.89
CA ILE C 124 -1.24 -3.59 -21.49
C ILE C 124 -0.46 -4.48 -20.56
N ASP C 125 -1.13 -5.46 -20.00
CA ASP C 125 -0.50 -6.40 -19.08
C ASP C 125 0.07 -7.62 -19.81
N VAL C 126 1.34 -7.89 -19.54
CA VAL C 126 2.05 -9.05 -20.03
C VAL C 126 2.63 -9.86 -18.87
N TYR C 127 2.05 -11.01 -18.58
CA TYR C 127 2.48 -11.83 -17.43
C TYR C 127 3.35 -12.98 -17.92
N ILE C 128 4.61 -12.98 -17.50
CA ILE C 128 5.60 -13.93 -17.93
C ILE C 128 5.91 -14.80 -16.74
N GLU C 129 5.46 -16.05 -16.74
CA GLU C 129 5.69 -16.90 -15.56
C GLU C 129 6.66 -17.99 -15.87
N VAL C 130 7.88 -17.81 -15.47
CA VAL C 130 8.81 -18.85 -15.76
C VAL C 130 8.72 -20.00 -14.77
N LEU C 131 8.32 -21.20 -15.28
CA LEU C 131 8.03 -22.36 -14.42
C LEU C 131 9.23 -23.23 -14.19
N GLN C 132 10.20 -23.22 -15.10
CA GLN C 132 11.49 -23.87 -14.92
C GLN C 132 12.47 -23.10 -15.77
N ALA C 133 13.60 -22.76 -15.17
CA ALA C 133 14.57 -21.86 -15.77
C ALA C 133 15.91 -22.53 -16.02
N ASP C 134 16.33 -22.53 -17.31
CA ASP C 134 17.68 -22.65 -17.87
C ASP C 134 18.30 -21.26 -18.04
N ALA C 135 19.44 -21.15 -18.69
CA ALA C 135 20.01 -19.84 -18.84
C ALA C 135 19.43 -19.06 -20.02
N GLY C 136 19.58 -17.73 -19.93
CA GLY C 136 19.11 -16.78 -20.92
C GLY C 136 17.61 -16.61 -20.83
N THR C 137 17.09 -16.68 -19.60
CA THR C 137 15.71 -17.03 -19.43
C THR C 137 14.85 -15.87 -19.90
N ARG C 138 15.37 -14.66 -19.70
CA ARG C 138 14.60 -13.46 -19.90
C ARG C 138 14.24 -13.32 -21.35
N ILE C 139 15.07 -13.85 -22.26
CA ILE C 139 14.79 -13.73 -23.68
C ILE C 139 13.73 -14.70 -24.15
N ALA C 140 13.69 -15.90 -23.62
CA ALA C 140 12.57 -16.76 -24.03
C ALA C 140 11.21 -16.15 -23.68
N GLY C 141 11.13 -15.43 -22.58
CA GLY C 141 9.91 -14.72 -22.27
C GLY C 141 9.62 -13.55 -23.20
N LEU C 142 10.63 -12.76 -23.58
CA LEU C 142 10.43 -11.70 -24.57
C LEU C 142 10.07 -12.31 -25.93
N THR C 143 10.71 -13.43 -26.30
CA THR C 143 10.35 -14.10 -27.54
C THR C 143 8.89 -14.56 -27.51
N ALA C 144 8.44 -14.99 -26.34
CA ALA C 144 7.06 -15.44 -26.22
C ALA C 144 6.11 -14.27 -26.05
N ALA C 145 6.61 -13.13 -25.59
CA ALA C 145 5.74 -11.97 -25.38
C ALA C 145 5.19 -11.45 -26.70
N THR C 146 6.02 -11.40 -27.76
CA THR C 146 5.52 -11.01 -29.07
C THR C 146 4.51 -12.02 -29.60
N VAL C 147 4.69 -13.32 -29.30
CA VAL C 147 3.76 -14.36 -29.78
C VAL C 147 2.39 -14.17 -29.11
N ALA C 148 2.40 -13.88 -27.79
CA ALA C 148 1.17 -13.66 -27.07
C ALA C 148 0.55 -12.37 -27.52
N LEU C 149 1.36 -11.38 -27.86
CA LEU C 149 0.80 -10.11 -28.27
C LEU C 149 0.12 -10.19 -29.63
N ALA C 150 0.70 -10.89 -30.61
CA ALA C 150 -0.02 -11.04 -31.88
C ALA C 150 -1.27 -11.92 -31.70
N ASP C 151 -1.25 -12.85 -30.74
CA ASP C 151 -2.45 -13.62 -30.46
C ASP C 151 -3.57 -12.73 -29.92
N ALA C 152 -3.21 -11.63 -29.24
CA ALA C 152 -4.19 -10.80 -28.56
C ALA C 152 -4.71 -9.68 -29.43
N GLY C 153 -4.21 -9.56 -30.65
CA GLY C 153 -4.57 -8.49 -31.54
C GLY C 153 -3.91 -7.16 -31.22
N VAL C 154 -2.89 -7.19 -30.39
CA VAL C 154 -2.16 -5.97 -30.04
C VAL C 154 -1.34 -5.52 -31.24
N PRO C 155 -1.53 -4.28 -31.67
CA PRO C 155 -0.81 -3.82 -32.86
C PRO C 155 0.67 -3.68 -32.59
N MET C 156 1.45 -4.15 -33.55
CA MET C 156 2.89 -4.06 -33.50
C MET C 156 3.42 -3.68 -34.86
N ARG C 157 4.54 -2.99 -34.83
CA ARG C 157 5.16 -2.68 -36.09
C ARG C 157 6.14 -3.74 -36.43
N ASP C 158 6.39 -4.66 -35.52
CA ASP C 158 7.36 -5.71 -35.76
C ASP C 158 7.19 -6.77 -34.70
N MET C 159 7.80 -7.90 -34.93
CA MET C 159 7.83 -8.94 -33.89
C MET C 159 9.21 -9.07 -33.26
N VAL C 160 9.36 -8.51 -32.07
CA VAL C 160 10.66 -8.47 -31.43
C VAL C 160 11.15 -9.91 -31.27
N VAL C 161 12.43 -10.11 -31.53
CA VAL C 161 13.00 -11.41 -31.30
C VAL C 161 14.46 -11.28 -30.89
N GLY C 162 14.93 -12.26 -30.13
CA GLY C 162 16.29 -12.15 -29.66
C GLY C 162 16.92 -13.44 -29.18
N CYS C 163 18.21 -13.33 -28.86
CA CYS C 163 19.02 -14.46 -28.49
C CYS C 163 20.29 -13.97 -27.75
N THR C 164 20.93 -14.91 -27.04
CA THR C 164 22.13 -14.66 -26.27
C THR C 164 23.39 -15.04 -27.05
N ALA C 165 24.51 -14.47 -26.65
CA ALA C 165 25.83 -14.88 -27.13
C ALA C 165 26.85 -14.61 -26.04
N GLY C 166 28.09 -14.99 -26.23
CA GLY C 166 29.06 -14.73 -25.19
C GLY C 166 30.36 -15.42 -25.48
N LYS C 167 31.30 -15.27 -24.58
CA LYS C 167 32.66 -15.74 -24.81
C LYS C 167 32.84 -16.95 -23.91
N VAL C 168 33.27 -18.05 -24.49
CA VAL C 168 33.60 -19.23 -23.69
C VAL C 168 34.91 -19.85 -24.15
N ASP C 169 35.95 -19.84 -23.30
CA ASP C 169 37.31 -20.35 -23.66
C ASP C 169 37.79 -19.75 -24.97
N GLY C 170 37.80 -18.42 -25.00
CA GLY C 170 38.32 -17.71 -26.10
C GLY C 170 37.44 -17.70 -27.35
N HIS C 171 36.43 -18.56 -27.42
CA HIS C 171 35.53 -18.59 -28.59
C HIS C 171 34.19 -17.89 -28.31
N MET C 172 33.69 -17.17 -29.29
CA MET C 172 32.37 -16.56 -29.17
C MET C 172 31.34 -17.61 -29.58
N VAL C 173 30.44 -17.95 -28.65
CA VAL C 173 29.43 -18.97 -28.88
C VAL C 173 28.01 -18.36 -28.82
N LEU C 174 27.06 -19.15 -29.23
CA LEU C 174 25.68 -18.72 -29.37
C LEU C 174 24.80 -19.48 -28.37
N ASP C 175 23.81 -18.77 -27.85
CA ASP C 175 22.78 -19.40 -27.04
C ASP C 175 23.39 -20.20 -25.86
N LEU C 176 24.06 -19.50 -24.92
CA LEU C 176 24.84 -20.18 -23.88
C LEU C 176 23.93 -21.02 -22.99
N SER C 177 24.40 -22.17 -22.54
CA SER C 177 23.71 -23.06 -21.60
C SER C 177 23.98 -22.62 -20.18
N LYS C 178 23.33 -23.29 -19.23
CA LYS C 178 23.47 -22.84 -17.85
C LYS C 178 24.93 -22.93 -17.41
N GLU C 179 25.63 -23.98 -17.81
CA GLU C 179 27.01 -24.16 -17.40
C GLU C 179 27.86 -23.08 -18.02
N GLU C 180 27.55 -22.76 -19.28
CA GLU C 180 28.39 -21.82 -20.00
C GLU C 180 28.20 -20.44 -19.43
N ASP C 181 27.02 -20.19 -18.84
CA ASP C 181 26.78 -18.83 -18.37
C ASP C 181 27.55 -18.54 -17.11
N ASN C 182 27.58 -19.52 -16.19
CA ASN C 182 28.10 -19.31 -14.84
C ASN C 182 29.63 -19.25 -14.86
N TYR C 183 30.24 -20.07 -15.73
CA TYR C 183 31.69 -20.26 -15.78
C TYR C 183 32.32 -19.70 -17.03
N GLY C 184 31.53 -19.27 -18.02
CA GLY C 184 32.07 -18.61 -19.19
C GLY C 184 32.52 -17.20 -18.93
N GLU C 185 33.06 -16.57 -19.99
CA GLU C 185 33.69 -15.26 -19.90
C GLU C 185 32.75 -14.09 -20.16
N ALA C 186 31.61 -14.30 -20.82
CA ALA C 186 30.68 -13.21 -21.14
C ALA C 186 29.33 -13.79 -21.44
N ASP C 187 28.33 -12.92 -21.32
CA ASP C 187 26.97 -13.16 -21.71
C ASP C 187 26.43 -11.86 -22.28
N ILE C 188 25.87 -11.92 -23.48
CA ILE C 188 25.30 -10.76 -24.18
C ILE C 188 23.87 -11.11 -24.63
N PRO C 189 22.86 -10.78 -23.85
CA PRO C 189 21.49 -10.85 -24.35
C PRO C 189 21.09 -9.59 -25.14
N ILE C 190 20.55 -9.82 -26.36
CA ILE C 190 20.12 -8.79 -27.31
C ILE C 190 18.81 -9.20 -27.97
N ALA C 191 17.90 -8.26 -28.06
CA ALA C 191 16.64 -8.43 -28.76
C ALA C 191 16.44 -7.34 -29.79
N ILE C 192 15.99 -7.69 -30.98
CA ILE C 192 16.03 -6.75 -32.10
C ILE C 192 14.66 -6.73 -32.75
N MET C 193 14.44 -5.74 -33.61
CA MET C 193 13.24 -5.66 -34.43
C MET C 193 13.72 -6.19 -35.75
N PRO C 194 13.30 -7.39 -36.19
CA PRO C 194 13.95 -8.01 -37.34
C PRO C 194 13.86 -7.18 -38.60
N LYS C 195 12.77 -6.44 -38.82
CA LYS C 195 12.73 -5.61 -40.03
C LYS C 195 13.89 -4.65 -40.13
N THR C 196 14.21 -3.97 -39.05
CA THR C 196 15.11 -2.85 -39.10
C THR C 196 16.49 -3.20 -38.56
N GLY C 197 16.57 -4.20 -37.67
CA GLY C 197 17.79 -4.55 -37.01
C GLY C 197 17.99 -3.73 -35.79
N ASP C 198 16.98 -2.91 -35.41
CA ASP C 198 17.08 -2.04 -34.25
C ASP C 198 17.10 -2.87 -32.98
N ILE C 199 17.95 -2.48 -32.07
CA ILE C 199 18.04 -3.18 -30.81
C ILE C 199 17.08 -2.55 -29.81
N VAL C 200 16.21 -3.36 -29.22
CA VAL C 200 15.25 -2.88 -28.24
C VAL C 200 15.58 -3.37 -26.84
N LEU C 201 16.48 -4.34 -26.72
CA LEU C 201 16.97 -4.85 -25.46
C LEU C 201 18.43 -5.15 -25.62
N MET C 202 19.25 -4.65 -24.70
CA MET C 202 20.63 -5.09 -24.77
C MET C 202 21.37 -4.96 -23.45
N GLN C 203 21.86 -6.09 -22.96
CA GLN C 203 22.70 -6.16 -21.76
C GLN C 203 23.92 -6.95 -22.12
N MET C 204 24.91 -6.93 -21.21
CA MET C 204 26.22 -7.54 -21.45
C MET C 204 26.93 -7.75 -20.14
N ASP C 205 27.48 -8.93 -19.92
CA ASP C 205 28.23 -9.18 -18.71
C ASP C 205 29.61 -9.73 -19.03
N GLY C 206 30.64 -9.33 -18.27
CA GLY C 206 31.91 -10.06 -18.41
C GLY C 206 33.15 -9.36 -18.95
N ASP C 207 33.77 -9.92 -19.99
CA ASP C 207 35.06 -9.44 -20.50
C ASP C 207 35.15 -9.79 -22.00
N VAL C 208 35.19 -8.77 -22.84
CA VAL C 208 35.10 -8.87 -24.28
C VAL C 208 35.87 -7.70 -24.90
N THR C 209 36.54 -7.94 -26.01
CA THR C 209 37.16 -6.87 -26.79
C THR C 209 36.16 -6.26 -27.78
N GLU C 210 36.51 -5.08 -28.30
CA GLU C 210 35.62 -4.47 -29.28
C GLU C 210 35.30 -5.42 -30.44
N ASP C 211 36.29 -6.21 -30.85
CA ASP C 211 36.15 -7.09 -32.00
C ASP C 211 35.21 -8.27 -31.69
N GLU C 212 35.38 -8.87 -30.51
CA GLU C 212 34.57 -10.02 -30.12
C GLU C 212 33.11 -9.60 -29.95
N LEU C 213 32.88 -8.39 -29.40
CA LEU C 213 31.49 -7.90 -29.24
C LEU C 213 30.79 -7.72 -30.58
N TYR C 214 31.52 -7.18 -31.55
CA TYR C 214 30.95 -7.04 -32.88
C TYR C 214 30.78 -8.39 -33.51
N GLN C 215 31.65 -9.35 -33.17
CA GLN C 215 31.43 -10.71 -33.65
C GLN C 215 30.17 -11.28 -33.00
N ALA C 216 29.99 -11.02 -31.70
CA ALA C 216 28.91 -11.69 -31.01
C ALA C 216 27.60 -11.24 -31.57
N MET C 217 27.54 -9.97 -31.95
CA MET C 217 26.32 -9.33 -32.42
C MET C 217 25.78 -9.98 -33.70
N ASP C 218 26.64 -10.02 -34.73
CA ASP C 218 26.33 -10.72 -35.98
C ASP C 218 25.87 -12.13 -35.72
N MET C 219 26.52 -12.85 -34.78
CA MET C 219 26.03 -14.18 -34.46
C MET C 219 24.57 -14.17 -34.01
N ILE C 220 24.24 -13.34 -33.00
CA ILE C 220 22.85 -13.16 -32.57
C ILE C 220 21.96 -12.72 -33.74
N PHE C 221 22.39 -11.71 -34.48
CA PHE C 221 21.60 -11.21 -35.60
C PHE C 221 21.22 -12.32 -36.57
N GLU C 222 22.14 -13.22 -36.88
CA GLU C 222 21.84 -14.34 -37.75
C GLU C 222 21.09 -15.48 -37.06
N ALA C 223 21.08 -15.50 -35.74
CA ALA C 223 20.24 -16.47 -35.07
C ALA C 223 18.80 -16.00 -35.02
N THR C 224 18.57 -14.68 -35.15
CA THR C 224 17.22 -14.13 -35.05
C THR C 224 16.37 -14.62 -36.20
N LYS C 225 17.00 -14.89 -37.34
CA LYS C 225 16.24 -15.36 -38.49
C LYS C 225 15.73 -16.76 -38.20
N ARG C 226 16.53 -17.55 -37.45
CA ARG C 226 16.18 -18.95 -37.23
C ARG C 226 15.11 -19.04 -36.17
N ILE C 227 15.06 -18.00 -35.32
CA ILE C 227 14.11 -17.92 -34.22
C ILE C 227 12.76 -17.38 -34.71
N SER C 228 12.82 -16.24 -35.39
CA SER C 228 11.61 -15.63 -35.94
C SER C 228 10.80 -16.68 -36.69
N GLN C 229 11.47 -17.54 -37.46
CA GLN C 229 10.71 -18.58 -38.12
C GLN C 229 9.89 -19.37 -37.09
N ILE C 230 10.46 -19.74 -35.93
CA ILE C 230 9.66 -20.50 -34.96
C ILE C 230 8.44 -19.72 -34.49
N GLN C 231 8.65 -18.44 -34.13
CA GLN C 231 7.55 -17.57 -33.71
C GLN C 231 6.50 -17.56 -34.79
N ARG C 232 6.91 -17.31 -36.03
CA ARG C 232 5.92 -17.19 -37.08
C ARG C 232 5.20 -18.54 -37.29
N GLU C 233 5.85 -19.66 -36.97
CA GLU C 233 5.20 -20.94 -37.17
C GLU C 233 4.27 -21.25 -36.01
N ALA C 234 4.46 -20.58 -34.86
CA ALA C 234 3.66 -20.86 -33.69
C ALA C 234 2.30 -20.19 -33.76
N LEU C 235 2.23 -19.06 -34.45
CA LEU C 235 0.96 -18.42 -34.62
C LEU C 235 0.24 -19.00 -35.81
N LEU C 236 1.00 -19.55 -36.75
CA LEU C 236 0.46 -20.12 -37.98
C LEU C 236 -0.18 -21.48 -37.76
N ASN C 237 0.08 -22.10 -36.64
CA ASN C 237 -0.54 -23.38 -36.38
C ASN C 237 -1.90 -23.20 -35.75
N LYS C 238 -2.23 -21.98 -35.32
CA LYS C 238 -3.56 -21.80 -34.79
C LYS C 238 -4.61 -22.10 -35.84
N TYR C 239 -4.62 -21.36 -36.96
CA TYR C 239 -5.60 -21.70 -37.98
C TYR C 239 -5.60 -23.18 -38.34
N LYS C 240 -4.43 -23.72 -38.70
CA LYS C 240 -4.31 -25.14 -39.07
C LYS C 240 -4.11 -26.04 -37.83
N LYS D 10 36.94 1.64 32.75
CA LYS D 10 35.50 1.65 32.45
C LYS D 10 34.91 3.05 32.34
N LEU D 11 35.53 4.06 32.97
CA LEU D 11 34.86 5.35 33.22
C LEU D 11 35.32 6.40 32.23
N ILE D 12 34.47 7.41 32.04
CA ILE D 12 34.69 8.39 30.98
C ILE D 12 35.70 9.47 31.37
N ASN D 13 35.89 9.80 32.66
CA ASN D 13 36.82 10.89 33.02
C ASN D 13 37.73 10.56 34.17
N GLU D 14 38.97 11.14 34.12
CA GLU D 14 40.01 10.94 35.14
C GLU D 14 40.46 12.23 35.81
N ASP D 15 40.56 13.30 35.03
CA ASP D 15 41.02 14.58 35.48
C ASP D 15 39.96 15.64 35.27
N ASN D 16 38.68 15.23 35.42
CA ASN D 16 37.55 16.08 35.05
C ASN D 16 37.62 16.44 33.57
N LEU D 17 38.22 15.56 32.79
CA LEU D 17 38.39 15.73 31.36
C LEU D 17 37.67 14.60 30.67
N ARG D 18 36.95 14.93 29.60
CA ARG D 18 36.17 13.90 28.92
C ARG D 18 37.06 13.15 27.95
N LEU D 19 36.53 12.05 27.43
CA LEU D 19 37.40 11.17 26.63
C LEU D 19 38.09 11.90 25.50
N ASP D 20 37.47 12.95 24.97
CA ASP D 20 37.98 13.72 23.84
C ASP D 20 38.69 15.00 24.26
N GLY D 21 38.80 15.26 25.57
CA GLY D 21 39.56 16.36 26.13
C GLY D 21 38.76 17.58 26.54
N ARG D 22 37.44 17.55 26.38
CA ARG D 22 36.61 18.72 26.62
C ARG D 22 36.24 18.83 28.10
N SER D 23 35.88 20.05 28.48
CA SER D 23 35.34 20.27 29.81
C SER D 23 33.90 19.79 29.81
N PHE D 24 33.24 20.02 30.92
CA PHE D 24 31.88 19.53 31.01
C PHE D 24 30.96 20.29 30.09
N ASN D 25 30.91 21.61 30.20
CA ASN D 25 30.00 22.35 29.33
C ASN D 25 30.66 22.88 28.06
N GLU D 26 31.22 22.00 27.25
CA GLU D 26 31.87 22.42 26.02
C GLU D 26 31.07 21.84 24.89
N LEU D 27 30.69 22.65 23.91
CA LEU D 27 30.16 22.05 22.71
C LEU D 27 31.24 21.42 21.84
N ARG D 28 30.88 20.34 21.15
CA ARG D 28 31.71 19.88 20.05
C ARG D 28 31.56 20.86 18.85
N PRO D 29 32.55 20.89 17.98
CA PRO D 29 32.53 21.88 16.90
C PRO D 29 31.35 21.70 15.96
N ILE D 30 30.72 22.83 15.57
CA ILE D 30 29.53 22.82 14.71
C ILE D 30 29.66 23.75 13.51
N LYS D 31 29.47 23.21 12.30
CA LYS D 31 29.38 24.00 11.07
C LYS D 31 28.03 23.81 10.40
N ILE D 32 27.57 24.84 9.69
CA ILE D 32 26.32 24.78 8.93
C ILE D 32 26.48 25.58 7.66
N GLN D 33 26.22 24.97 6.51
CA GLN D 33 26.28 25.64 5.22
C GLN D 33 24.93 25.56 4.55
N ALA D 34 24.43 26.69 4.06
CA ALA D 34 23.10 26.74 3.48
C ALA D 34 23.13 26.77 1.94
N GLY D 35 22.01 26.37 1.31
CA GLY D 35 21.90 26.41 -0.14
C GLY D 35 22.78 25.45 -0.91
N VAL D 36 23.21 24.33 -0.30
CA VAL D 36 24.09 23.33 -0.91
C VAL D 36 23.44 22.36 -1.90
N LEU D 37 22.11 22.18 -1.89
CA LEU D 37 21.43 21.33 -2.86
C LEU D 37 20.91 22.18 -3.99
N ASN D 38 20.78 21.55 -5.12
CA ASN D 38 20.27 22.16 -6.33
C ASN D 38 18.76 21.93 -6.50
N ARG D 39 18.28 20.68 -6.35
CA ARG D 39 16.86 20.40 -6.60
C ARG D 39 15.97 20.88 -5.47
N ALA D 40 16.43 20.71 -4.23
CA ALA D 40 15.63 21.03 -3.08
C ALA D 40 15.34 22.53 -3.03
N ASP D 41 14.13 22.90 -2.60
CA ASP D 41 13.78 24.31 -2.45
C ASP D 41 14.65 25.02 -1.44
N GLY D 42 14.98 24.34 -0.35
CA GLY D 42 15.91 24.88 0.63
C GLY D 42 16.75 23.75 1.15
N SER D 43 17.96 24.10 1.59
CA SER D 43 18.89 23.07 1.96
C SER D 43 19.87 23.54 3.04
N ALA D 44 20.50 22.57 3.70
CA ALA D 44 21.43 22.87 4.76
C ALA D 44 22.27 21.64 4.98
N TYR D 45 23.60 21.82 4.99
CA TYR D 45 24.55 20.80 5.41
C TYR D 45 25.09 21.18 6.78
N ILE D 46 25.15 20.21 7.69
CA ILE D 46 25.58 20.47 9.06
C ILE D 46 26.63 19.47 9.50
N GLU D 47 27.64 19.96 10.20
CA GLU D 47 28.69 19.13 10.76
C GLU D 47 28.77 19.47 12.23
N TRP D 48 28.51 18.49 13.07
CA TRP D 48 28.44 18.66 14.51
C TRP D 48 29.23 17.55 15.14
N GLY D 49 30.51 17.81 15.40
CA GLY D 49 31.37 16.73 15.89
C GLY D 49 31.46 15.69 14.78
N GLY D 50 31.21 14.42 15.14
CA GLY D 50 31.32 13.45 14.07
C GLY D 50 30.13 13.40 13.14
N ASN D 51 29.10 14.20 13.38
CA ASN D 51 27.82 14.09 12.68
C ASN D 51 27.92 14.77 11.33
N LYS D 52 27.49 14.08 10.26
CA LYS D 52 27.39 14.76 8.98
C LYS D 52 25.99 14.57 8.43
N ILE D 53 25.19 15.64 8.39
CA ILE D 53 23.76 15.51 8.09
C ILE D 53 23.35 16.51 7.04
N MET D 54 22.68 16.00 6.00
CA MET D 54 22.15 16.79 4.90
C MET D 54 20.66 16.95 5.06
N VAL D 55 20.16 18.19 4.97
CA VAL D 55 18.73 18.46 5.06
C VAL D 55 18.22 19.20 3.83
N GLY D 56 17.14 18.68 3.29
CA GLY D 56 16.48 19.31 2.17
C GLY D 56 14.99 19.52 2.41
N VAL D 57 14.48 20.62 1.87
CA VAL D 57 13.12 21.08 2.13
C VAL D 57 12.44 21.23 0.80
N TYR D 58 11.30 20.61 0.66
CA TYR D 58 10.47 20.81 -0.51
C TYR D 58 9.13 21.36 -0.01
N GLY D 59 8.63 22.38 -0.69
CA GLY D 59 7.32 22.90 -0.35
C GLY D 59 7.31 24.35 0.11
N PRO D 60 6.17 24.84 0.56
CA PRO D 60 4.84 24.20 0.66
C PRO D 60 4.09 24.07 -0.67
N LYS D 61 3.44 22.92 -0.99
CA LYS D 61 2.62 22.76 -2.19
C LYS D 61 1.36 21.98 -1.80
N GLU D 62 0.41 21.97 -2.72
CA GLU D 62 -0.83 21.21 -2.52
C GLU D 62 -0.58 19.72 -2.38
N ALA D 63 -1.36 19.09 -1.50
CA ALA D 63 -1.29 17.64 -1.39
C ALA D 63 -2.08 16.98 -2.52
N TYR D 64 -1.46 15.99 -3.17
CA TYR D 64 -2.13 14.96 -3.96
C TYR D 64 -1.77 13.56 -3.42
N PRO D 65 -2.75 12.61 -3.25
CA PRO D 65 -4.19 12.75 -3.48
C PRO D 65 -4.80 13.57 -2.36
N LYS D 66 -6.03 14.03 -2.56
CA LYS D 66 -6.72 14.79 -1.53
C LYS D 66 -7.06 13.97 -0.28
N HIS D 67 -6.88 12.64 -0.29
CA HIS D 67 -7.22 11.80 0.86
C HIS D 67 -6.44 12.21 2.09
N SER D 68 -5.11 12.27 1.96
CA SER D 68 -4.27 12.63 3.10
C SER D 68 -4.36 14.10 3.46
N GLN D 69 -5.10 14.91 2.69
CA GLN D 69 -5.23 16.32 2.95
C GLN D 69 -5.79 16.64 4.34
N ASP D 70 -5.16 17.62 4.97
CA ASP D 70 -5.63 18.21 6.22
C ASP D 70 -5.80 19.68 5.94
N ILE D 71 -6.95 20.21 6.36
CA ILE D 71 -7.56 21.33 5.67
C ILE D 71 -7.59 22.62 6.52
N ASP D 72 -7.13 22.57 7.77
CA ASP D 72 -6.92 23.80 8.54
C ASP D 72 -5.59 24.45 8.16
N HIS D 73 -4.54 23.65 8.08
CA HIS D 73 -3.17 24.15 8.02
C HIS D 73 -2.35 23.22 7.11
N ALA D 74 -1.04 23.48 7.03
CA ALA D 74 -0.22 22.57 6.24
C ALA D 74 0.17 21.34 7.09
N ILE D 75 0.87 20.40 6.48
CA ILE D 75 1.41 19.27 7.22
C ILE D 75 2.91 19.22 7.01
N VAL D 76 3.64 19.23 8.11
CA VAL D 76 5.09 19.11 8.09
C VAL D 76 5.46 17.63 8.13
N LYS D 77 5.90 17.11 7.00
CA LYS D 77 6.35 15.72 6.89
C LYS D 77 7.87 15.77 6.86
N ALA D 78 8.48 15.70 8.02
CA ALA D 78 9.92 15.51 8.10
C ALA D 78 10.25 14.03 8.12
N ARG D 79 11.15 13.60 7.25
CA ARG D 79 11.51 12.19 7.13
C ARG D 79 13.00 12.06 7.46
N TYR D 80 13.30 11.32 8.56
CA TYR D 80 14.65 11.10 9.07
C TYR D 80 15.15 9.75 8.59
N ASN D 81 16.23 9.73 7.78
CA ASN D 81 16.75 8.49 7.21
C ASN D 81 18.24 8.42 7.52
N MET D 82 18.73 7.21 7.79
CA MET D 82 20.14 6.98 8.01
C MET D 82 20.74 6.23 6.85
N ALA D 83 21.83 6.77 6.29
CA ALA D 83 22.55 6.09 5.20
C ALA D 83 23.14 4.80 5.70
N ALA D 84 23.32 3.84 4.81
CA ALA D 84 23.72 2.53 5.27
C ALA D 84 25.11 2.51 5.89
N PHE D 85 25.95 3.49 5.52
CA PHE D 85 27.36 3.61 5.88
C PHE D 85 27.63 4.65 6.98
N SER D 86 26.59 5.04 7.73
CA SER D 86 26.55 6.17 8.64
C SER D 86 26.85 5.73 10.06
N VAL D 87 26.70 4.45 10.30
CA VAL D 87 26.80 3.91 11.64
C VAL D 87 27.94 2.90 11.69
N ASP D 88 28.16 2.36 12.89
CA ASP D 88 29.35 1.55 13.16
C ASP D 88 29.40 0.37 12.20
N GLU D 89 28.34 -0.43 12.18
CA GLU D 89 28.20 -1.58 11.29
C GLU D 89 27.25 -1.17 10.16
N ARG D 90 27.43 -1.72 8.96
CA ARG D 90 26.46 -1.48 7.89
C ARG D 90 25.04 -1.82 8.35
N LYS D 91 24.12 -0.86 8.23
CA LYS D 91 22.70 -1.04 8.58
C LYS D 91 21.85 -1.05 7.31
N ARG D 92 20.79 -1.89 7.29
CA ARG D 92 20.04 -2.04 6.05
C ARG D 92 19.27 -0.76 5.75
N PRO D 93 19.32 -0.25 4.53
CA PRO D 93 18.69 1.05 4.28
C PRO D 93 17.21 1.00 4.56
N GLY D 94 16.68 2.19 4.82
CA GLY D 94 15.27 2.33 5.09
C GLY D 94 14.96 2.58 6.55
N PRO D 95 13.77 3.13 6.75
CA PRO D 95 13.32 3.54 8.08
C PRO D 95 13.02 2.34 8.97
N ASP D 96 13.09 2.58 10.29
CA ASP D 96 12.71 1.59 11.32
C ASP D 96 11.93 2.29 12.44
N ARG D 97 11.70 1.56 13.51
CA ARG D 97 10.87 2.13 14.56
C ARG D 97 11.48 3.37 15.11
N ARG D 98 12.81 3.40 15.20
CA ARG D 98 13.48 4.54 15.77
C ARG D 98 13.33 5.73 14.84
N THR D 99 13.55 5.54 13.53
CA THR D 99 13.55 6.70 12.65
C THR D 99 12.14 7.24 12.48
N MET D 100 11.13 6.40 12.64
CA MET D 100 9.78 6.95 12.54
C MET D 100 9.50 7.85 13.73
N GLU D 101 9.98 7.45 14.91
CA GLU D 101 9.76 8.25 16.10
C GLU D 101 10.51 9.54 15.99
N ILE D 102 11.72 9.49 15.44
CA ILE D 102 12.48 10.71 15.23
C ILE D 102 11.81 11.60 14.22
N SER D 103 11.25 11.02 13.17
CA SER D 103 10.58 11.84 12.16
C SER D 103 9.40 12.58 12.75
N LYS D 104 8.64 11.90 13.62
CA LYS D 104 7.50 12.53 14.27
C LYS D 104 7.97 13.63 15.22
N VAL D 105 8.95 13.33 16.09
CA VAL D 105 9.22 14.30 17.13
C VAL D 105 9.80 15.54 16.49
N ILE D 106 10.53 15.39 15.41
CA ILE D 106 11.00 16.58 14.68
C ILE D 106 9.88 17.24 13.89
N SER D 107 9.01 16.46 13.25
CA SER D 107 7.90 17.06 12.53
C SER D 107 7.07 17.95 13.46
N GLU D 108 6.82 17.44 14.70
CA GLU D 108 6.07 18.16 15.73
C GLU D 108 6.74 19.43 16.19
N ALA D 109 8.06 19.35 16.47
CA ALA D 109 8.77 20.54 16.88
C ALA D 109 8.76 21.54 15.75
N LEU D 110 8.97 21.09 14.54
CA LEU D 110 9.02 22.05 13.44
C LEU D 110 7.68 22.72 13.24
N SER D 111 6.59 22.03 13.60
CA SER D 111 5.27 22.59 13.37
C SER D 111 5.01 23.79 14.26
N SER D 112 5.80 23.93 15.33
CA SER D 112 5.48 24.98 16.29
C SER D 112 6.05 26.32 15.81
N SER D 113 7.14 26.31 15.02
CA SER D 113 7.82 27.49 14.48
C SER D 113 7.33 27.79 13.07
N ILE D 114 7.14 26.78 12.23
CA ILE D 114 6.58 27.06 10.91
C ILE D 114 5.23 27.68 11.14
N MET D 115 4.95 28.74 10.39
CA MET D 115 3.61 29.28 10.42
C MET D 115 2.73 28.42 9.56
N ILE D 116 2.21 27.38 10.19
CA ILE D 116 1.50 26.31 9.49
C ILE D 116 0.17 26.77 8.93
N GLU D 117 -0.44 27.78 9.55
CA GLU D 117 -1.77 28.20 9.19
C GLU D 117 -1.76 28.94 7.88
N GLN D 118 -0.60 29.43 7.45
CA GLN D 118 -0.56 30.26 6.24
C GLN D 118 -0.79 29.45 4.99
N PHE D 119 -0.69 28.12 5.07
CA PHE D 119 -0.85 27.22 3.92
C PHE D 119 -1.76 26.07 4.28
N PRO D 120 -3.06 26.28 4.27
CA PRO D 120 -3.99 25.16 4.45
C PRO D 120 -3.91 24.21 3.29
N ARG D 121 -4.17 22.93 3.58
CA ARG D 121 -4.20 21.80 2.66
C ARG D 121 -2.85 21.46 2.03
N ALA D 122 -1.80 22.08 2.52
CA ALA D 122 -0.46 22.01 1.95
C ALA D 122 0.36 20.95 2.62
N GLU D 123 1.47 20.67 1.98
CA GLU D 123 2.44 19.77 2.51
C GLU D 123 3.79 20.47 2.43
N ILE D 124 4.57 20.26 3.49
CA ILE D 124 5.96 20.69 3.59
C ILE D 124 6.84 19.48 3.93
N ASP D 125 7.67 19.09 2.98
CA ASP D 125 8.63 18.00 3.13
C ASP D 125 9.97 18.50 3.68
N VAL D 126 10.44 17.81 4.71
CA VAL D 126 11.74 17.99 5.33
C VAL D 126 12.45 16.65 5.32
N TYR D 127 13.43 16.48 4.42
CA TYR D 127 14.17 15.24 4.35
C TYR D 127 15.48 15.43 5.12
N ILE D 128 15.65 14.65 6.19
CA ILE D 128 16.88 14.64 6.97
C ILE D 128 17.63 13.33 6.70
N GLU D 129 18.72 13.44 5.92
CA GLU D 129 19.58 12.32 5.50
C GLU D 129 20.90 12.40 6.28
N VAL D 130 21.04 11.53 7.28
CA VAL D 130 22.28 11.45 8.04
C VAL D 130 23.22 10.58 7.21
N LEU D 131 24.36 11.15 6.84
CA LEU D 131 25.40 10.40 6.16
C LEU D 131 26.39 9.78 7.13
N GLN D 132 26.60 10.40 8.29
CA GLN D 132 27.48 9.86 9.33
C GLN D 132 27.03 10.41 10.65
N ALA D 133 26.82 9.49 11.60
CA ALA D 133 26.13 9.73 12.86
C ALA D 133 27.08 9.55 14.04
N ASP D 134 27.27 10.64 14.81
CA ASP D 134 27.70 10.72 16.21
C ASP D 134 26.42 10.73 17.07
N ALA D 135 26.57 11.01 18.35
CA ALA D 135 25.39 10.98 19.18
C ALA D 135 24.63 12.30 19.05
N GLY D 136 23.35 12.22 19.41
CA GLY D 136 22.53 13.40 19.39
C GLY D 136 22.08 13.76 18.00
N THR D 137 21.78 12.75 17.20
CA THR D 137 21.70 13.08 15.80
C THR D 137 20.51 13.95 15.55
N ARG D 138 19.46 13.68 16.33
CA ARG D 138 18.14 14.19 16.06
C ARG D 138 18.07 15.70 16.28
N ILE D 139 18.86 16.24 17.20
CA ILE D 139 18.92 17.69 17.33
C ILE D 139 19.72 18.31 16.21
N ALA D 140 20.76 17.59 15.78
CA ALA D 140 21.60 18.10 14.73
C ALA D 140 20.80 18.34 13.46
N GLY D 141 19.93 17.40 13.09
CA GLY D 141 19.10 17.62 11.91
C GLY D 141 18.09 18.74 12.09
N LEU D 142 17.48 18.80 13.24
CA LEU D 142 16.47 19.81 13.50
C LEU D 142 17.10 21.21 13.47
N THR D 143 18.28 21.35 14.08
CA THR D 143 19.03 22.60 14.06
C THR D 143 19.37 23.01 12.64
N ALA D 144 19.68 22.02 11.78
CA ALA D 144 19.96 22.29 10.36
C ALA D 144 18.68 22.49 9.58
N ALA D 145 17.59 21.89 10.08
CA ALA D 145 16.31 21.95 9.40
C ALA D 145 15.78 23.36 9.34
N THR D 146 15.94 24.13 10.45
CA THR D 146 15.41 25.48 10.47
C THR D 146 16.14 26.32 9.46
N VAL D 147 17.42 26.02 9.25
CA VAL D 147 18.21 26.75 8.29
C VAL D 147 17.70 26.47 6.90
N ALA D 148 17.37 25.20 6.64
CA ALA D 148 16.89 24.88 5.31
C ALA D 148 15.58 25.56 5.07
N LEU D 149 14.76 25.63 6.14
CA LEU D 149 13.42 26.16 6.00
C LEU D 149 13.48 27.63 5.68
N ALA D 150 14.37 28.35 6.35
CA ALA D 150 14.55 29.74 6.04
C ALA D 150 15.20 29.90 4.67
N ASP D 151 16.05 28.94 4.30
CA ASP D 151 16.65 28.96 2.97
C ASP D 151 15.60 28.76 1.90
N ALA D 152 14.53 28.04 2.21
CA ALA D 152 13.44 27.80 1.30
C ALA D 152 12.35 28.87 1.36
N GLY D 153 12.44 29.82 2.31
CA GLY D 153 11.40 30.83 2.45
C GLY D 153 10.16 30.38 3.17
N VAL D 154 10.24 29.27 3.88
CA VAL D 154 9.09 28.73 4.60
C VAL D 154 8.95 29.70 5.77
N PRO D 155 7.79 30.30 5.92
CA PRO D 155 7.59 31.24 7.02
C PRO D 155 7.67 30.53 8.36
N MET D 156 8.37 31.17 9.26
CA MET D 156 8.54 30.70 10.61
C MET D 156 8.35 31.89 11.52
N ARG D 157 7.98 31.63 12.76
CA ARG D 157 7.94 32.69 13.75
C ARG D 157 9.19 32.74 14.56
N ASP D 158 10.10 31.78 14.36
CA ASP D 158 11.38 31.63 15.07
C ASP D 158 12.23 30.54 14.42
N MET D 159 13.52 30.56 14.77
CA MET D 159 14.47 29.58 14.27
C MET D 159 14.76 28.58 15.38
N VAL D 160 14.18 27.39 15.22
CA VAL D 160 14.30 26.38 16.25
C VAL D 160 15.78 26.04 16.45
N VAL D 161 16.17 25.84 17.68
CA VAL D 161 17.53 25.41 17.96
C VAL D 161 17.50 24.51 19.20
N GLY D 162 18.49 23.62 19.31
CA GLY D 162 18.51 22.74 20.46
C GLY D 162 19.89 22.18 20.73
N CYS D 163 19.97 21.35 21.78
CA CYS D 163 21.22 20.73 22.17
C CYS D 163 20.98 19.56 23.14
N THR D 164 21.98 18.70 23.32
CA THR D 164 21.81 17.58 24.23
C THR D 164 22.54 17.88 25.53
N ALA D 165 22.17 17.16 26.57
CA ALA D 165 22.93 17.18 27.81
C ALA D 165 22.67 15.86 28.48
N GLY D 166 23.37 15.63 29.59
CA GLY D 166 23.16 14.43 30.38
C GLY D 166 24.23 14.28 31.43
N LYS D 167 24.11 13.18 32.20
CA LYS D 167 24.91 12.92 33.39
C LYS D 167 25.89 11.80 33.05
N VAL D 168 27.17 12.07 33.29
CA VAL D 168 28.23 11.10 33.08
C VAL D 168 29.11 11.10 34.33
N ASP D 169 29.11 10.00 35.07
CA ASP D 169 29.85 9.90 36.34
C ASP D 169 29.52 11.08 37.26
N GLY D 170 28.24 11.27 37.52
CA GLY D 170 27.90 12.26 38.51
C GLY D 170 28.03 13.71 38.06
N HIS D 171 28.66 13.99 36.93
CA HIS D 171 28.76 15.34 36.40
C HIS D 171 27.76 15.53 35.27
N MET D 172 27.12 16.68 35.23
CA MET D 172 26.24 17.05 34.14
C MET D 172 27.05 17.65 32.99
N VAL D 173 27.00 17.00 31.81
CA VAL D 173 27.75 17.45 30.65
C VAL D 173 26.84 17.76 29.47
N LEU D 174 27.43 18.50 28.57
CA LEU D 174 26.75 19.12 27.45
C LEU D 174 27.22 18.44 26.17
N ASP D 175 26.27 18.27 25.26
CA ASP D 175 26.52 17.75 23.91
C ASP D 175 27.24 16.38 23.91
N LEU D 176 26.59 15.36 24.48
CA LEU D 176 27.30 14.13 24.77
C LEU D 176 27.74 13.50 23.48
N SER D 177 28.90 12.80 23.52
CA SER D 177 29.39 11.99 22.40
C SER D 177 28.75 10.61 22.40
N LYS D 178 29.04 9.83 21.34
CA LYS D 178 28.40 8.54 21.21
C LYS D 178 28.79 7.66 22.39
N GLU D 179 30.04 7.75 22.82
CA GLU D 179 30.45 6.91 23.94
C GLU D 179 29.71 7.30 25.21
N GLU D 180 29.58 8.62 25.48
CA GLU D 180 28.94 9.13 26.70
C GLU D 180 27.46 8.83 26.65
N ASP D 181 26.91 8.75 25.46
CA ASP D 181 25.51 8.43 25.37
C ASP D 181 25.24 6.99 25.71
N ASN D 182 26.07 6.08 25.22
CA ASN D 182 25.77 4.67 25.40
C ASN D 182 26.04 4.24 26.81
N TYR D 183 27.06 4.78 27.42
CA TYR D 183 27.44 4.27 28.71
C TYR D 183 27.22 5.25 29.85
N GLY D 184 26.84 6.47 29.56
CA GLY D 184 26.60 7.43 30.62
C GLY D 184 25.33 7.08 31.34
N GLU D 185 25.01 7.94 32.30
CA GLU D 185 23.84 7.73 33.13
C GLU D 185 22.59 8.36 32.55
N ALA D 186 22.69 9.40 31.72
CA ALA D 186 21.46 10.02 31.23
C ALA D 186 21.68 10.76 29.92
N ASP D 187 20.58 10.92 29.19
CA ASP D 187 20.64 11.74 27.98
C ASP D 187 19.36 12.54 27.81
N ILE D 188 19.52 13.84 27.64
CA ILE D 188 18.39 14.76 27.59
C ILE D 188 18.51 15.63 26.35
N PRO D 189 17.86 15.27 25.25
CA PRO D 189 17.78 16.16 24.07
C PRO D 189 16.63 17.17 24.17
N ILE D 190 16.90 18.43 23.91
CA ILE D 190 15.93 19.51 24.06
C ILE D 190 16.03 20.47 22.88
N ALA D 191 14.92 20.89 22.34
CA ALA D 191 14.96 21.96 21.35
C ALA D 191 13.96 23.05 21.69
N ILE D 192 14.35 24.31 21.50
CA ILE D 192 13.58 25.43 22.01
C ILE D 192 13.40 26.40 20.86
N MET D 193 12.49 27.34 21.10
CA MET D 193 12.22 28.54 20.31
C MET D 193 12.94 29.67 20.99
N PRO D 194 13.99 30.25 20.41
CA PRO D 194 14.82 31.21 21.17
C PRO D 194 14.09 32.46 21.68
N LYS D 195 13.13 33.06 20.95
CA LYS D 195 12.40 34.25 21.45
C LYS D 195 11.81 34.05 22.83
N THR D 196 11.12 32.95 23.00
CA THR D 196 10.34 32.72 24.20
C THR D 196 11.02 31.76 25.16
N GLY D 197 11.90 30.90 24.66
CA GLY D 197 12.45 29.86 25.48
C GLY D 197 11.55 28.65 25.54
N ASP D 198 10.49 28.62 24.73
CA ASP D 198 9.56 27.49 24.74
C ASP D 198 10.15 26.21 24.15
N ILE D 199 9.90 25.12 24.84
CA ILE D 199 10.47 23.85 24.50
C ILE D 199 9.54 23.24 23.48
N VAL D 200 10.07 22.90 22.30
CA VAL D 200 9.30 22.23 21.26
C VAL D 200 9.68 20.76 21.10
N LEU D 201 10.81 20.38 21.65
CA LEU D 201 11.26 19.02 21.66
C LEU D 201 12.01 18.77 22.96
N MET D 202 11.60 17.72 23.67
CA MET D 202 12.31 17.38 24.89
C MET D 202 12.08 15.91 25.17
N GLN D 203 13.19 15.18 25.30
CA GLN D 203 13.19 13.79 25.74
C GLN D 203 14.20 13.56 26.85
N MET D 204 14.12 12.39 27.49
CA MET D 204 15.00 12.13 28.62
C MET D 204 15.04 10.65 28.87
N ASP D 205 16.24 10.12 29.00
CA ASP D 205 16.54 8.73 29.25
C ASP D 205 17.41 8.69 30.47
N GLY D 206 17.20 7.71 31.31
CA GLY D 206 18.23 7.38 32.30
C GLY D 206 17.89 7.55 33.75
N ASP D 207 18.69 8.32 34.48
CA ASP D 207 18.47 8.43 35.91
C ASP D 207 19.02 9.78 36.36
N VAL D 208 18.18 10.62 36.95
CA VAL D 208 18.60 11.98 37.22
C VAL D 208 17.70 12.53 38.32
N THR D 209 18.26 13.42 39.13
CA THR D 209 17.42 14.06 40.13
C THR D 209 16.88 15.37 39.57
N GLU D 210 15.84 15.85 40.23
CA GLU D 210 15.26 17.10 39.84
C GLU D 210 16.31 18.18 39.79
N ASP D 211 17.20 18.17 40.75
CA ASP D 211 18.15 19.26 40.80
C ASP D 211 19.07 19.19 39.57
N GLU D 212 19.52 17.96 39.24
CA GLU D 212 20.45 17.73 38.12
C GLU D 212 19.76 18.03 36.79
N LEU D 213 18.48 17.69 36.72
CA LEU D 213 17.68 17.95 35.54
C LEU D 213 17.54 19.42 35.24
N TYR D 214 17.34 20.23 36.24
CA TYR D 214 17.30 21.67 36.01
C TYR D 214 18.68 22.21 35.69
N GLN D 215 19.74 21.61 36.24
CA GLN D 215 21.06 22.10 35.94
C GLN D 215 21.34 21.87 34.47
N ALA D 216 20.95 20.68 33.99
CA ALA D 216 21.18 20.29 32.62
C ALA D 216 20.43 21.19 31.65
N MET D 217 19.23 21.58 32.02
CA MET D 217 18.46 22.52 31.21
C MET D 217 19.14 23.88 31.07
N ASP D 218 19.60 24.42 32.19
CA ASP D 218 20.25 25.72 32.12
C ASP D 218 21.47 25.65 31.23
N MET D 219 22.21 24.53 31.29
CA MET D 219 23.43 24.39 30.49
C MET D 219 23.09 24.33 29.00
N ILE D 220 21.99 23.65 28.68
CA ILE D 220 21.51 23.60 27.31
C ILE D 220 21.02 24.98 26.86
N PHE D 221 20.27 25.67 27.69
CA PHE D 221 19.84 26.99 27.27
C PHE D 221 21.00 27.92 27.01
N GLU D 222 22.07 27.78 27.76
CA GLU D 222 23.22 28.66 27.52
C GLU D 222 23.91 28.35 26.19
N ALA D 223 23.99 27.07 25.83
CA ALA D 223 24.65 26.71 24.59
C ALA D 223 23.88 27.14 23.34
N THR D 224 22.53 27.16 23.40
CA THR D 224 21.71 27.49 22.23
C THR D 224 21.92 28.92 21.75
N LYS D 225 22.36 29.80 22.65
CA LYS D 225 22.68 31.14 22.20
C LYS D 225 23.78 31.07 21.18
N ARG D 226 24.80 30.25 21.46
CA ARG D 226 25.95 30.23 20.56
C ARG D 226 25.61 29.46 19.27
N ILE D 227 24.84 28.37 19.38
CA ILE D 227 24.44 27.59 18.20
C ILE D 227 23.52 28.42 17.29
N SER D 228 22.62 29.19 17.88
CA SER D 228 21.72 29.99 17.06
C SER D 228 22.49 31.00 16.23
N GLN D 229 23.63 31.46 16.76
CA GLN D 229 24.46 32.34 15.95
C GLN D 229 25.10 31.60 14.80
N ILE D 230 25.49 30.35 15.02
CA ILE D 230 26.09 29.58 13.94
C ILE D 230 25.06 29.36 12.85
N GLN D 231 23.78 29.24 13.23
CA GLN D 231 22.67 29.20 12.28
C GLN D 231 22.54 30.52 11.52
N ARG D 232 22.60 31.64 12.24
CA ARG D 232 22.52 32.94 11.62
C ARG D 232 23.60 33.10 10.55
N GLU D 233 24.85 32.81 10.92
CA GLU D 233 25.99 32.97 10.00
C GLU D 233 25.71 32.20 8.72
N ALA D 234 25.29 30.94 8.89
CA ALA D 234 25.02 30.03 7.77
C ALA D 234 24.15 30.66 6.70
N LEU D 235 23.05 31.29 7.12
CA LEU D 235 22.15 31.95 6.18
C LEU D 235 22.80 33.20 5.65
N LEU D 236 23.65 33.81 6.45
CA LEU D 236 24.20 35.11 6.09
C LEU D 236 25.09 35.04 4.85
N ASN D 237 26.14 34.23 4.93
CA ASN D 237 27.09 34.09 3.84
C ASN D 237 26.39 33.80 2.52
N LYS D 238 25.41 32.91 2.55
CA LYS D 238 24.92 32.36 1.31
C LYS D 238 24.53 33.50 0.37
N TYR D 239 23.93 34.57 0.90
CA TYR D 239 23.72 35.75 0.05
C TYR D 239 24.44 37.01 0.61
N LYS E 22 23.28 23.86 -32.42
CA LYS E 22 23.59 24.52 -33.68
C LYS E 22 25.09 24.42 -34.00
N GLY E 23 25.92 24.99 -33.15
CA GLY E 23 27.33 25.08 -33.47
C GLY E 23 28.12 23.90 -32.97
N GLY E 24 27.68 22.70 -33.32
CA GLY E 24 28.37 21.51 -32.86
C GLY E 24 28.27 21.28 -31.37
N LYS E 25 27.40 22.00 -30.68
CA LYS E 25 27.36 21.96 -29.23
C LYS E 25 25.99 21.52 -28.79
N ARG E 26 25.95 21.05 -27.56
CA ARG E 26 24.74 20.55 -26.95
C ARG E 26 23.99 21.73 -26.35
N ILE E 27 22.95 21.45 -25.57
CA ILE E 27 22.12 22.50 -25.00
C ILE E 27 22.95 23.42 -24.10
N ASP E 28 23.93 22.84 -23.40
CA ASP E 28 25.00 23.58 -22.74
C ASP E 28 26.20 23.67 -23.67
N GLY E 29 27.33 24.19 -23.17
CA GLY E 29 28.49 24.32 -24.07
C GLY E 29 29.13 23.00 -24.43
N ARG E 30 28.76 21.93 -23.75
CA ARG E 30 29.36 20.61 -23.93
C ARG E 30 29.26 20.16 -25.37
N LEU E 31 30.36 19.56 -25.82
CA LEU E 31 30.41 18.88 -27.10
C LEU E 31 29.84 17.47 -26.91
N PRO E 32 29.58 16.77 -28.01
CA PRO E 32 29.01 15.44 -27.88
C PRO E 32 29.81 14.46 -27.05
N ASP E 33 31.12 14.64 -26.92
CA ASP E 33 31.93 13.70 -26.14
C ASP E 33 32.40 14.24 -24.80
N GLU E 34 31.88 15.38 -24.36
CA GLU E 34 32.34 15.98 -23.12
C GLU E 34 31.42 15.67 -21.97
N PHE E 35 32.01 15.38 -20.84
CA PHE E 35 31.25 15.20 -19.62
C PHE E 35 31.06 16.55 -18.97
N ARG E 36 30.25 16.56 -17.93
CA ARG E 36 30.08 17.78 -17.16
C ARG E 36 31.23 17.88 -16.18
N GLU E 37 31.25 18.98 -15.42
CA GLU E 37 32.31 19.17 -14.45
C GLU E 37 32.22 18.09 -13.38
N LEU E 38 33.36 17.57 -13.01
CA LEU E 38 33.46 16.57 -11.99
C LEU E 38 34.20 17.08 -10.80
N THR E 39 33.72 16.70 -9.64
CA THR E 39 34.44 16.85 -8.39
C THR E 39 34.33 15.56 -7.60
N ILE E 40 35.47 14.92 -7.37
CA ILE E 40 35.59 13.71 -6.58
C ILE E 40 36.32 14.02 -5.29
N ILE E 41 35.75 13.60 -4.17
CA ILE E 41 36.29 13.88 -2.84
C ILE E 41 36.43 12.54 -2.13
N GLU E 42 37.63 11.99 -2.18
CA GLU E 42 37.79 10.72 -1.49
C GLU E 42 37.76 10.95 0.01
N ASN E 43 37.29 9.92 0.72
CA ASN E 43 37.20 9.86 2.18
C ASN E 43 36.27 10.92 2.75
N TYR E 44 35.14 11.10 2.04
CA TYR E 44 34.09 12.01 2.48
C TYR E 44 33.36 11.49 3.72
N ILE E 45 33.14 10.17 3.84
CA ILE E 45 32.62 9.62 5.09
C ILE E 45 33.72 8.84 5.77
N PRO E 46 34.53 9.52 6.56
CA PRO E 46 35.73 8.90 7.12
C PRO E 46 35.47 7.73 8.04
N ARG E 47 34.34 7.73 8.75
CA ARG E 47 34.15 6.62 9.68
C ARG E 47 33.82 5.33 8.93
N ALA E 48 33.67 5.43 7.60
CA ALA E 48 33.60 4.22 6.79
C ALA E 48 34.97 3.84 6.34
N ASN E 49 35.09 2.59 5.90
CA ASN E 49 36.38 2.10 5.43
C ASN E 49 36.80 2.82 4.18
N GLY E 50 35.87 3.23 3.36
CA GLY E 50 36.27 3.93 2.18
C GLY E 50 35.09 4.65 1.61
N SER E 51 35.33 5.79 1.05
CA SER E 51 34.16 6.53 0.71
C SER E 51 34.55 7.57 -0.28
N ALA E 52 33.53 8.14 -0.94
CA ALA E 52 33.82 9.12 -2.00
C ALA E 52 32.57 9.90 -2.33
N TYR E 53 32.69 11.20 -2.34
CA TYR E 53 31.65 12.10 -2.81
C TYR E 53 31.93 12.44 -4.27
N VAL E 54 30.90 12.39 -5.12
CA VAL E 54 31.03 12.71 -6.53
C VAL E 54 29.96 13.76 -6.94
N ALA E 55 30.39 14.84 -7.61
CA ALA E 55 29.47 15.81 -8.23
C ALA E 55 29.71 15.88 -9.72
N LEU E 56 28.68 15.58 -10.49
CA LEU E 56 28.77 15.56 -11.94
C LEU E 56 27.78 16.61 -12.37
N GLY E 57 28.26 17.81 -12.58
CA GLY E 57 27.37 18.94 -12.79
C GLY E 57 26.61 19.15 -11.50
N ASN E 58 25.30 19.04 -11.57
CA ASN E 58 24.48 19.19 -10.39
C ASN E 58 23.94 17.87 -9.90
N THR E 59 24.45 16.77 -10.42
CA THR E 59 24.15 15.44 -9.90
C THR E 59 25.22 15.19 -8.86
N ARG E 60 24.78 14.85 -7.67
CA ARG E 60 25.60 14.63 -6.48
C ARG E 60 25.23 13.30 -5.86
N VAL E 61 26.24 12.42 -5.71
CA VAL E 61 26.07 11.19 -4.94
C VAL E 61 27.25 10.98 -4.01
N VAL E 62 27.00 10.22 -2.97
CA VAL E 62 28.09 9.80 -2.10
C VAL E 62 28.10 8.29 -1.88
N ALA E 63 29.20 7.67 -2.26
CA ALA E 63 29.33 6.24 -2.09
C ALA E 63 30.14 5.88 -0.83
N GLY E 64 29.70 4.81 -0.20
CA GLY E 64 30.31 4.34 1.04
C GLY E 64 30.57 2.84 1.04
N VAL E 65 31.75 2.49 1.49
CA VAL E 65 32.15 1.09 1.55
C VAL E 65 32.39 0.67 2.97
N LYS E 66 31.70 -0.39 3.39
CA LYS E 66 31.79 -0.92 4.74
C LYS E 66 32.27 -2.35 4.61
N ILE E 67 33.49 -2.66 5.09
CA ILE E 67 34.05 -4.01 4.98
C ILE E 67 33.92 -4.75 6.30
N GLU E 68 33.32 -5.92 6.22
CA GLU E 68 33.08 -6.69 7.42
C GLU E 68 33.36 -8.16 7.21
N ALA E 69 33.77 -8.84 8.28
CA ALA E 69 34.04 -10.26 8.17
C ALA E 69 32.72 -11.00 8.21
N GLY E 70 32.56 -11.93 7.29
CA GLY E 70 31.35 -12.73 7.23
C GLY E 70 31.57 -14.08 6.60
N GLU E 71 30.49 -14.83 6.54
CA GLU E 71 30.53 -16.14 5.93
C GLU E 71 30.41 -16.05 4.42
N PRO E 72 31.26 -16.72 3.66
CA PRO E 72 31.17 -16.65 2.20
C PRO E 72 30.01 -17.52 1.77
N PHE E 73 29.62 -17.35 0.52
CA PHE E 73 28.57 -18.20 -0.02
C PHE E 73 29.01 -19.65 -0.06
N PRO E 74 28.10 -20.61 0.20
CA PRO E 74 28.56 -22.00 0.32
C PRO E 74 29.23 -22.52 -0.96
N ASP E 75 28.74 -22.12 -2.14
CA ASP E 75 29.28 -22.56 -3.43
C ASP E 75 30.70 -22.03 -3.72
N THR E 76 30.98 -20.75 -3.47
CA THR E 76 32.33 -20.20 -3.61
C THR E 76 32.87 -19.91 -2.23
N PRO E 77 33.60 -20.83 -1.61
CA PRO E 77 33.99 -20.68 -0.22
C PRO E 77 35.30 -19.96 -0.12
N ASP E 78 36.01 -19.81 -1.21
CA ASP E 78 37.32 -19.21 -1.19
C ASP E 78 37.30 -17.85 -1.86
N GLN E 79 36.19 -17.14 -1.64
CA GLN E 79 36.04 -15.83 -2.22
C GLN E 79 35.16 -14.97 -1.34
N GLY E 80 35.53 -13.69 -1.27
CA GLY E 80 34.74 -12.74 -0.53
C GLY E 80 33.55 -12.35 -1.36
N VAL E 81 32.69 -11.56 -0.75
CA VAL E 81 31.42 -11.14 -1.32
C VAL E 81 31.42 -9.62 -1.46
N LEU E 82 30.81 -9.14 -2.54
CA LEU E 82 30.60 -7.72 -2.79
C LEU E 82 29.12 -7.53 -3.10
N THR E 83 28.42 -6.76 -2.27
CA THR E 83 27.03 -6.45 -2.54
C THR E 83 26.81 -4.92 -2.68
N THR E 84 26.06 -4.54 -3.72
CA THR E 84 25.89 -3.14 -4.08
C THR E 84 24.45 -2.73 -3.91
N ASN E 85 24.26 -1.51 -3.46
CA ASN E 85 22.91 -1.03 -3.30
C ASN E 85 22.93 0.49 -3.48
N VAL E 86 22.03 1.02 -4.30
CA VAL E 86 22.02 2.43 -4.65
C VAL E 86 20.70 2.99 -4.17
N GLU E 87 20.77 4.03 -3.33
CA GLU E 87 19.60 4.65 -2.72
C GLU E 87 19.26 5.96 -3.43
N LEU E 88 18.07 6.02 -4.02
CA LEU E 88 17.56 7.30 -4.57
C LEU E 88 16.82 8.07 -3.49
N LEU E 89 17.54 8.85 -2.70
CA LEU E 89 16.93 9.47 -1.53
C LEU E 89 15.88 10.50 -1.96
N PRO E 90 14.77 10.62 -1.23
CA PRO E 90 13.75 11.60 -1.61
C PRO E 90 14.24 13.03 -1.66
N ILE E 91 15.38 13.33 -1.04
CA ILE E 91 15.89 14.68 -1.05
C ILE E 91 16.35 15.06 -2.44
N ALA E 92 16.57 14.08 -3.29
CA ALA E 92 17.33 14.31 -4.49
C ALA E 92 16.49 14.87 -5.58
N PHE E 93 15.19 14.67 -5.53
CA PHE E 93 14.35 15.16 -6.60
C PHE E 93 12.96 15.45 -6.05
N PRO E 94 12.29 16.49 -6.55
CA PRO E 94 10.95 16.82 -6.08
C PRO E 94 10.00 15.65 -6.22
N SER E 95 10.04 14.98 -7.38
CA SER E 95 9.15 13.86 -7.69
C SER E 95 9.48 12.60 -6.87
N PHE E 96 10.68 12.52 -6.27
CA PHE E 96 11.04 11.35 -5.47
C PHE E 96 10.11 11.20 -4.25
N GLU E 97 9.75 9.94 -3.97
CA GLU E 97 8.69 9.45 -3.07
C GLU E 97 7.29 9.63 -3.72
N ALA E 98 7.21 10.21 -4.92
CA ALA E 98 6.05 10.10 -5.84
C ALA E 98 6.49 9.15 -6.94
N GLY E 99 5.92 7.95 -6.96
CA GLY E 99 6.62 6.78 -7.44
C GLY E 99 7.05 5.85 -6.31
N PRO E 100 8.36 5.77 -5.95
CA PRO E 100 9.58 6.52 -6.34
C PRO E 100 10.42 5.87 -7.45
N PRO E 101 9.83 5.36 -8.61
CA PRO E 101 9.90 3.94 -8.91
C PRO E 101 11.26 3.38 -8.61
N ASN E 102 11.26 2.36 -7.75
CA ASN E 102 12.45 1.57 -7.47
C ASN E 102 13.05 1.03 -8.74
N ASP E 103 12.22 0.86 -9.78
CA ASP E 103 12.71 0.33 -11.05
C ASP E 103 13.95 1.10 -11.49
N LEU E 104 13.94 2.43 -11.43
CA LEU E 104 15.16 3.16 -11.79
C LEU E 104 16.29 2.96 -10.77
N ALA E 105 15.97 3.03 -9.48
CA ALA E 105 16.95 2.88 -8.40
C ALA E 105 17.53 1.47 -8.38
N ILE E 106 16.72 0.44 -8.62
CA ILE E 106 17.29 -0.91 -8.71
C ILE E 106 18.14 -1.05 -9.95
N GLU E 107 17.67 -0.52 -11.09
CA GLU E 107 18.45 -0.72 -12.31
C GLU E 107 19.86 -0.18 -12.14
N VAL E 108 19.98 1.02 -11.59
CA VAL E 108 21.29 1.65 -11.39
C VAL E 108 22.15 0.79 -10.47
N SER E 109 21.55 0.19 -9.43
CA SER E 109 22.35 -0.68 -8.57
C SER E 109 22.95 -1.82 -9.33
N ARG E 110 22.17 -2.44 -10.24
CA ARG E 110 22.63 -3.62 -10.96
C ARG E 110 23.63 -3.25 -12.03
N VAL E 111 23.40 -2.14 -12.73
CA VAL E 111 24.39 -1.71 -13.69
C VAL E 111 25.69 -1.33 -13.01
N VAL E 112 25.62 -0.62 -11.89
CA VAL E 112 26.86 -0.22 -11.25
C VAL E 112 27.56 -1.47 -10.75
N ASP E 113 26.85 -2.36 -10.09
CA ASP E 113 27.42 -3.63 -9.64
C ASP E 113 27.93 -4.50 -10.79
N ARG E 114 27.17 -4.60 -11.89
CA ARG E 114 27.68 -5.36 -13.04
C ARG E 114 29.04 -4.80 -13.54
N GLY E 115 29.16 -3.46 -13.63
CA GLY E 115 30.41 -2.90 -14.09
C GLY E 115 31.55 -3.21 -13.16
N ILE E 116 31.35 -3.08 -11.84
CA ILE E 116 32.37 -3.37 -10.82
C ILE E 116 32.66 -4.85 -10.73
N ARG E 117 31.65 -5.66 -10.78
CA ARG E 117 31.88 -7.09 -10.66
C ARG E 117 32.66 -7.62 -11.84
N GLU E 118 32.16 -7.37 -13.05
CA GLU E 118 32.72 -7.99 -14.25
C GLU E 118 34.07 -7.39 -14.64
N SER E 119 34.40 -6.19 -14.17
CA SER E 119 35.74 -5.66 -14.37
C SER E 119 36.78 -6.33 -13.47
N LYS E 120 36.35 -7.17 -12.53
CA LYS E 120 37.24 -7.84 -11.61
C LYS E 120 38.06 -6.84 -10.82
N MET E 121 37.48 -5.65 -10.59
CA MET E 121 38.18 -4.59 -9.89
C MET E 121 38.60 -5.04 -8.50
N ILE E 122 37.75 -5.81 -7.83
CA ILE E 122 38.00 -6.09 -6.42
C ILE E 122 39.05 -7.16 -6.21
N SER E 123 39.19 -8.15 -7.11
CA SER E 123 40.03 -9.32 -6.81
C SER E 123 39.62 -10.09 -5.53
N PRO E 124 38.44 -10.73 -5.53
CA PRO E 124 37.82 -11.27 -4.30
C PRO E 124 38.38 -12.58 -3.77
N GLU E 125 39.44 -13.14 -4.36
CA GLU E 125 40.06 -14.34 -3.78
C GLU E 125 41.00 -13.94 -2.62
N LYS E 126 41.55 -12.72 -2.68
CA LYS E 126 42.43 -12.17 -1.63
C LYS E 126 41.65 -11.65 -0.43
N LEU E 127 40.32 -11.79 -0.43
CA LEU E 127 39.48 -11.34 0.67
C LEU E 127 39.07 -12.49 1.57
N VAL E 128 39.87 -13.53 1.60
CA VAL E 128 39.57 -14.73 2.34
C VAL E 128 40.29 -14.63 3.64
N ILE E 129 39.57 -14.81 4.74
CA ILE E 129 40.26 -14.81 6.03
C ILE E 129 40.51 -16.28 6.41
N GLU E 130 39.43 -17.03 6.52
CA GLU E 130 39.45 -18.44 6.87
C GLU E 130 38.71 -19.14 5.76
N GLN E 131 39.42 -19.93 4.96
CA GLN E 131 38.82 -20.52 3.76
C GLN E 131 37.53 -21.26 4.12
N GLY E 132 36.43 -20.78 3.54
CA GLY E 132 35.15 -21.45 3.62
C GLY E 132 34.35 -21.09 4.85
N LYS E 133 34.92 -20.35 5.79
CA LYS E 133 34.20 -19.89 6.97
C LYS E 133 34.10 -18.36 7.06
N LYS E 134 35.21 -17.63 6.87
CA LYS E 134 35.23 -16.19 7.02
C LYS E 134 35.85 -15.55 5.78
N VAL E 135 35.14 -14.61 5.17
CA VAL E 135 35.70 -13.78 4.12
C VAL E 135 35.35 -12.35 4.41
N TRP E 136 35.86 -11.48 3.59
CA TRP E 136 35.55 -10.09 3.77
C TRP E 136 34.36 -9.76 2.86
N ILE E 137 33.28 -9.30 3.44
CA ILE E 137 32.08 -8.84 2.74
C ILE E 137 32.23 -7.33 2.50
N VAL E 138 32.23 -6.91 1.25
CA VAL E 138 32.40 -5.47 0.94
C VAL E 138 31.07 -4.85 0.52
N PHE E 139 30.41 -4.16 1.43
CA PHE E 139 29.16 -3.49 1.13
C PHE E 139 29.45 -2.21 0.42
N LEU E 140 28.91 -2.05 -0.76
CA LEU E 140 29.03 -0.81 -1.50
C LEU E 140 27.64 -0.20 -1.58
N ASP E 141 27.45 0.88 -0.84
CA ASP E 141 26.17 1.59 -0.81
C ASP E 141 26.34 3.01 -1.35
N ILE E 142 25.50 3.41 -2.30
CA ILE E 142 25.59 4.72 -2.92
C ILE E 142 24.27 5.46 -2.67
N ASN E 143 24.32 6.60 -1.97
CA ASN E 143 23.17 7.44 -1.67
C ASN E 143 23.17 8.61 -2.67
N VAL E 144 22.10 8.75 -3.45
CA VAL E 144 21.98 9.85 -4.40
C VAL E 144 21.42 11.06 -3.65
N LEU E 145 22.14 12.15 -3.61
CA LEU E 145 21.57 13.29 -2.91
C LEU E 145 20.95 14.30 -3.85
N ASP E 146 21.40 14.39 -5.10
CA ASP E 146 20.94 15.46 -5.97
C ASP E 146 20.87 14.98 -7.40
N TYR E 147 19.74 15.14 -8.07
CA TYR E 147 19.55 14.52 -9.36
C TYR E 147 19.51 15.55 -10.49
N ASP E 148 20.47 15.46 -11.44
CA ASP E 148 20.51 16.33 -12.61
C ASP E 148 20.83 15.56 -13.89
N GLY E 149 20.54 14.27 -13.93
CA GLY E 149 20.69 13.41 -15.07
C GLY E 149 21.87 12.50 -14.89
N ASN E 150 21.89 11.41 -15.65
CA ASN E 150 23.08 10.55 -15.68
C ASN E 150 23.50 10.08 -14.30
N LEU E 151 22.60 9.33 -13.69
CA LEU E 151 22.91 8.77 -12.40
C LEU E 151 23.89 7.63 -12.54
N ILE E 152 23.84 6.91 -13.69
CA ILE E 152 24.58 5.67 -13.83
C ILE E 152 26.06 5.94 -13.84
N ASP E 153 26.48 6.92 -14.62
CA ASP E 153 27.91 7.19 -14.68
C ASP E 153 28.40 7.80 -13.37
N ALA E 154 27.63 8.74 -12.80
CA ALA E 154 28.06 9.33 -11.54
C ALA E 154 28.16 8.27 -10.46
N SER E 155 27.29 7.29 -10.49
CA SER E 155 27.33 6.34 -9.40
C SER E 155 28.58 5.48 -9.51
N THR E 156 28.94 5.13 -10.76
CA THR E 156 30.10 4.28 -11.05
C THR E 156 31.40 4.97 -10.68
N ILE E 157 31.50 6.27 -11.00
CA ILE E 157 32.68 7.02 -10.61
C ILE E 157 32.87 7.03 -9.10
N ALA E 158 31.77 7.28 -8.39
CA ALA E 158 31.83 7.38 -6.95
C ALA E 158 32.21 6.07 -6.32
N ALA E 159 31.67 4.99 -6.87
CA ALA E 159 31.97 3.64 -6.41
C ALA E 159 33.42 3.30 -6.65
N VAL E 160 33.93 3.65 -7.85
CA VAL E 160 35.33 3.39 -8.14
C VAL E 160 36.20 4.13 -7.11
N ALA E 161 35.94 5.44 -6.95
CA ALA E 161 36.77 6.25 -6.08
C ALA E 161 36.67 5.72 -4.64
N ALA E 162 35.47 5.35 -4.21
CA ALA E 162 35.36 4.87 -2.84
C ALA E 162 36.10 3.55 -2.67
N LEU E 163 36.19 2.73 -3.72
CA LEU E 163 36.90 1.46 -3.58
C LEU E 163 38.41 1.62 -3.56
N ARG E 164 38.91 2.78 -3.98
CA ARG E 164 40.32 3.05 -3.97
C ARG E 164 40.78 3.52 -2.56
N ASN E 165 39.92 4.14 -1.72
CA ASN E 165 40.15 4.23 -0.25
C ASN E 165 39.77 2.87 0.29
N ALA E 166 40.63 1.95 0.04
CA ALA E 166 40.26 0.57 0.21
C ALA E 166 40.19 0.23 1.70
N VAL E 167 41.30 0.43 2.40
CA VAL E 167 41.36 0.32 3.86
C VAL E 167 40.53 -0.84 4.39
N VAL E 168 40.90 -2.07 4.07
CA VAL E 168 40.17 -3.20 4.66
C VAL E 168 40.69 -3.45 6.08
N PRO E 169 39.79 -3.52 7.10
CA PRO E 169 40.23 -3.59 8.50
C PRO E 169 40.68 -4.98 8.92
N ALA E 170 41.90 -5.33 8.51
CA ALA E 170 42.39 -6.62 8.93
C ALA E 170 42.83 -6.64 10.37
N SER E 171 42.98 -5.48 10.99
CA SER E 171 43.43 -5.43 12.37
C SER E 171 42.37 -5.98 13.33
N LYS E 172 41.12 -6.07 12.92
CA LYS E 172 40.14 -6.63 13.84
C LYS E 172 40.23 -8.14 13.85
N GLU E 173 40.70 -8.72 12.74
CA GLU E 173 40.97 -10.14 12.59
C GLU E 173 42.45 -10.47 12.79
N GLY E 174 43.11 -9.70 13.63
CA GLY E 174 44.53 -9.85 13.86
C GLY E 174 45.32 -9.18 12.76
N GLY E 175 46.02 -9.99 11.97
CA GLY E 175 46.53 -9.63 10.67
C GLY E 175 47.05 -8.21 10.67
N GLU E 176 46.69 -7.48 9.63
CA GLU E 176 47.35 -6.22 9.35
C GLU E 176 46.45 -5.45 8.43
N ASP E 177 46.13 -4.22 8.78
CA ASP E 177 45.34 -3.42 7.87
C ASP E 177 46.03 -3.26 6.52
N PHE E 178 45.44 -3.81 5.44
CA PHE E 178 45.97 -3.65 4.08
C PHE E 178 44.96 -2.98 3.14
N LYS E 179 45.42 -2.61 1.97
CA LYS E 179 44.60 -1.86 1.05
C LYS E 179 43.81 -2.85 0.24
N LEU E 180 42.49 -2.75 0.27
CA LEU E 180 41.71 -3.61 -0.63
C LEU E 180 42.22 -3.51 -2.08
N PRO E 181 42.60 -4.65 -2.71
CA PRO E 181 43.30 -4.63 -4.02
C PRO E 181 42.41 -4.12 -5.12
N VAL E 182 42.88 -3.16 -5.87
CA VAL E 182 42.10 -2.57 -6.94
C VAL E 182 42.85 -2.96 -8.21
N SER E 183 42.23 -3.83 -9.02
CA SER E 183 42.94 -4.44 -10.13
C SER E 183 42.62 -3.75 -11.44
N SER E 184 41.61 -2.89 -11.50
CA SER E 184 41.29 -2.19 -12.75
C SER E 184 40.54 -0.88 -12.44
N THR E 185 40.23 -0.14 -13.50
CA THR E 185 39.46 1.09 -13.38
C THR E 185 38.29 1.10 -14.35
N PRO E 186 37.17 0.50 -13.96
CA PRO E 186 35.98 0.55 -14.83
C PRO E 186 35.37 1.95 -14.83
N ILE E 187 35.20 2.49 -16.03
CA ILE E 187 34.55 3.77 -16.22
C ILE E 187 33.34 3.56 -17.09
N SER E 188 32.17 3.84 -16.55
CA SER E 188 30.95 3.69 -17.31
C SER E 188 30.58 5.01 -17.97
N VAL E 189 30.12 4.91 -19.21
CA VAL E 189 29.63 6.06 -19.94
C VAL E 189 28.26 5.78 -20.52
N THR E 190 27.32 6.66 -20.20
CA THR E 190 25.94 6.54 -20.64
C THR E 190 25.73 7.53 -21.75
N MET E 191 25.01 7.11 -22.79
CA MET E 191 24.91 7.87 -24.02
C MET E 191 23.48 7.89 -24.53
N VAL E 192 23.06 9.04 -25.05
CA VAL E 192 21.71 9.17 -25.59
C VAL E 192 21.78 9.84 -26.96
N LYS E 193 20.66 9.76 -27.69
CA LYS E 193 20.63 10.16 -29.09
C LYS E 193 19.83 11.43 -29.14
N ILE E 194 20.52 12.55 -29.29
CA ILE E 194 19.86 13.84 -29.55
C ILE E 194 19.81 14.02 -31.06
N GLY E 195 18.60 14.01 -31.63
CA GLY E 195 18.49 14.23 -33.06
C GLY E 195 19.21 13.09 -33.75
N ASP E 196 20.15 13.44 -34.63
CA ASP E 196 20.94 12.43 -35.32
C ASP E 196 22.31 12.24 -34.72
N THR E 197 22.60 12.86 -33.59
CA THR E 197 23.94 12.77 -33.01
C THR E 197 23.89 12.11 -31.63
N LEU E 198 24.85 11.23 -31.36
CA LEU E 198 24.97 10.59 -30.07
C LEU E 198 25.82 11.44 -29.16
N VAL E 199 25.28 11.77 -27.98
CA VAL E 199 26.06 12.46 -26.96
C VAL E 199 26.13 11.60 -25.72
N CYS E 200 27.08 11.93 -24.86
CA CYS E 200 27.38 11.19 -23.65
C CYS E 200 27.23 12.09 -22.44
N ASP E 201 27.12 11.44 -21.24
CA ASP E 201 26.75 12.12 -20.00
C ASP E 201 25.55 13.01 -20.21
N PRO E 202 24.37 12.46 -20.43
CA PRO E 202 23.25 13.35 -20.71
C PRO E 202 22.78 14.12 -19.47
N SER E 203 22.53 15.42 -19.66
CA SER E 203 21.97 16.26 -18.61
C SER E 203 20.53 15.84 -18.40
N LEU E 204 19.88 16.42 -17.41
CA LEU E 204 18.51 15.98 -17.17
C LEU E 204 17.58 16.38 -18.32
N GLU E 205 17.78 17.55 -18.93
CA GLU E 205 17.01 17.92 -20.12
C GLU E 205 17.16 16.92 -21.24
N GLU E 206 18.40 16.58 -21.56
CA GLU E 206 18.68 15.68 -22.67
C GLU E 206 18.24 14.24 -22.33
N ASP E 207 18.21 13.88 -21.02
CA ASP E 207 17.81 12.53 -20.58
C ASP E 207 16.34 12.23 -20.89
N GLN E 208 15.48 13.27 -20.85
CA GLN E 208 14.04 13.23 -21.17
C GLN E 208 13.73 13.69 -22.58
N ILE E 209 14.66 14.41 -23.24
CA ILE E 209 14.41 14.92 -24.59
C ILE E 209 14.26 13.77 -25.57
N CYS E 210 14.91 12.64 -25.30
CA CYS E 210 14.96 11.46 -26.18
C CYS E 210 14.77 10.19 -25.37
N GLY E 211 13.88 9.32 -25.84
CA GLY E 211 13.79 7.95 -25.31
C GLY E 211 14.96 7.07 -25.80
N GLY E 212 15.60 6.39 -24.86
CA GLY E 212 16.67 5.49 -25.24
C GLY E 212 17.98 5.96 -24.70
N ARG E 213 18.63 5.13 -23.90
CA ARG E 213 20.02 5.31 -23.51
C ARG E 213 20.77 3.98 -23.60
N ILE E 214 22.10 4.10 -23.71
CA ILE E 214 23.03 2.98 -23.68
C ILE E 214 24.31 3.27 -22.88
N THR E 215 24.60 2.38 -21.94
CA THR E 215 25.73 2.57 -21.06
C THR E 215 26.80 1.52 -21.38
N VAL E 216 28.04 1.95 -21.48
CA VAL E 216 29.09 1.00 -21.80
C VAL E 216 30.23 1.19 -20.82
N THR E 217 30.52 0.17 -20.06
CA THR E 217 31.55 0.28 -19.02
C THR E 217 32.78 -0.38 -19.57
N THR E 218 33.94 0.32 -19.46
CA THR E 218 35.17 -0.13 -20.09
C THR E 218 36.27 -0.06 -19.06
N THR E 219 37.29 -0.90 -19.23
CA THR E 219 38.45 -0.95 -18.34
C THR E 219 39.60 -0.32 -19.11
N GLU E 220 40.73 -0.08 -18.42
CA GLU E 220 41.87 0.54 -19.09
C GLU E 220 42.54 -0.37 -20.11
N ASP E 221 42.28 -1.68 -20.08
CA ASP E 221 42.82 -2.62 -21.06
C ASP E 221 42.05 -2.62 -22.39
N GLY E 222 41.09 -1.68 -22.55
CA GLY E 222 40.32 -1.61 -23.77
C GLY E 222 39.21 -2.63 -23.87
N HIS E 223 38.99 -3.43 -22.83
CA HIS E 223 37.89 -4.38 -22.81
C HIS E 223 36.59 -3.72 -22.37
N ILE E 224 35.50 -4.26 -22.89
CA ILE E 224 34.16 -3.91 -22.49
C ILE E 224 33.73 -4.90 -21.41
N ARG E 225 33.33 -4.37 -20.27
CA ARG E 225 32.97 -5.19 -19.15
C ARG E 225 31.47 -5.25 -18.91
N ALA E 226 30.74 -4.21 -19.27
CA ALA E 226 29.31 -4.26 -19.05
C ALA E 226 28.61 -3.29 -20.00
N MET E 227 27.41 -3.70 -20.44
CA MET E 227 26.54 -2.78 -21.19
C MET E 227 25.10 -2.89 -20.73
N GLN E 228 24.36 -1.78 -20.99
CA GLN E 228 22.95 -1.78 -20.60
C GLN E 228 22.22 -0.70 -21.42
N LYS E 229 21.27 -1.15 -22.24
CA LYS E 229 20.34 -0.27 -22.92
C LYS E 229 19.16 -0.03 -22.00
N GLY E 230 18.80 1.22 -21.85
CA GLY E 230 17.74 1.61 -20.96
C GLY E 230 16.73 2.48 -21.68
N GLU E 231 15.57 2.67 -21.03
CA GLU E 231 14.47 3.52 -21.46
C GLU E 231 13.84 3.00 -22.74
N ILE E 232 12.71 3.60 -23.10
CA ILE E 232 11.94 3.14 -24.24
C ILE E 232 12.55 3.73 -25.51
N GLY E 233 12.93 2.87 -26.42
CA GLY E 233 13.44 3.33 -27.69
C GLY E 233 14.50 2.39 -28.16
N ALA E 234 14.75 2.48 -29.46
CA ALA E 234 15.58 1.51 -30.13
C ALA E 234 16.81 2.18 -30.75
N PHE E 235 17.88 1.42 -30.91
CA PHE E 235 19.10 1.95 -31.48
C PHE E 235 19.56 1.14 -32.68
N THR E 236 20.01 1.83 -33.72
CA THR E 236 20.55 1.09 -34.84
C THR E 236 21.88 0.47 -34.44
N VAL E 237 22.32 -0.45 -35.26
CA VAL E 237 23.61 -1.07 -35.04
C VAL E 237 24.75 -0.05 -35.14
N GLU E 238 24.62 0.95 -36.01
CA GLU E 238 25.67 1.97 -36.13
C GLU E 238 25.78 2.74 -34.83
N ASP E 239 24.62 3.06 -34.24
CA ASP E 239 24.63 3.80 -33.00
C ASP E 239 25.41 3.04 -31.95
N VAL E 240 25.14 1.73 -31.87
CA VAL E 240 25.77 0.91 -30.83
C VAL E 240 27.28 0.85 -31.06
N LYS E 241 27.68 0.81 -32.34
CA LYS E 241 29.10 0.77 -32.64
C LYS E 241 29.75 2.08 -32.23
N LYS E 242 29.09 3.21 -32.56
CA LYS E 242 29.59 4.49 -32.14
C LYS E 242 29.56 4.66 -30.62
N ALA E 243 28.56 4.10 -29.93
CA ALA E 243 28.57 4.19 -28.47
C ALA E 243 29.74 3.40 -27.87
N VAL E 244 30.03 2.20 -28.39
CA VAL E 244 31.14 1.46 -27.81
C VAL E 244 32.43 2.22 -28.06
N LYS E 245 32.58 2.77 -29.27
CA LYS E 245 33.79 3.51 -29.61
C LYS E 245 33.93 4.75 -28.74
N MET E 246 32.84 5.50 -28.55
CA MET E 246 32.93 6.69 -27.71
C MET E 246 33.24 6.35 -26.26
N SER E 247 32.61 5.30 -25.73
CA SER E 247 32.72 5.01 -24.30
C SER E 247 34.15 4.65 -23.93
N LEU E 248 34.82 3.90 -24.81
CA LEU E 248 36.25 3.63 -24.71
C LEU E 248 37.07 4.89 -24.84
N GLU E 249 36.65 5.82 -25.71
CA GLU E 249 37.45 7.00 -25.95
C GLU E 249 37.24 8.06 -24.87
N VAL E 250 35.99 8.35 -24.48
CA VAL E 250 35.84 9.26 -23.35
C VAL E 250 36.18 8.50 -22.08
N GLY E 251 36.05 7.18 -22.07
CA GLY E 251 36.43 6.43 -20.89
C GLY E 251 37.92 6.49 -20.65
N LYS E 252 38.73 6.45 -21.71
CA LYS E 252 40.18 6.63 -21.55
C LYS E 252 40.51 8.04 -21.08
N LYS E 253 39.83 9.07 -21.62
CA LYS E 253 40.16 10.45 -21.24
C LYS E 253 39.89 10.66 -19.78
N LEU E 254 38.78 10.10 -19.31
CA LEU E 254 38.35 10.23 -17.92
C LEU E 254 39.31 9.51 -17.00
N ARG E 255 39.78 8.35 -17.43
CA ARG E 255 40.56 7.53 -16.51
C ARG E 255 41.83 8.25 -16.14
N GLU E 256 42.43 8.93 -17.12
CA GLU E 256 43.69 9.63 -16.88
C GLU E 256 43.48 10.91 -16.08
N LYS E 257 42.31 11.55 -16.22
CA LYS E 257 42.16 12.88 -15.64
C LYS E 257 41.92 12.85 -14.12
N TYR E 258 41.18 11.86 -13.59
CA TYR E 258 40.74 11.83 -12.21
C TYR E 258 41.22 10.63 -11.42
N PHE E 259 41.73 9.62 -12.10
CA PHE E 259 42.19 8.38 -11.51
C PHE E 259 43.59 8.06 -11.99
N ARG E 260 44.44 9.07 -11.99
CA ARG E 260 45.84 8.91 -12.33
C ARG E 260 46.51 7.87 -11.43
N LYS F 22 -10.01 25.58 35.21
CA LYS F 22 -10.76 26.74 35.74
C LYS F 22 -10.65 27.02 37.26
N GLY F 23 -11.82 27.19 37.89
CA GLY F 23 -11.88 27.40 39.34
C GLY F 23 -11.66 26.13 40.12
N GLY F 24 -10.51 25.50 39.89
CA GLY F 24 -10.13 24.27 40.56
C GLY F 24 -10.74 22.97 40.01
N LYS F 25 -11.75 23.02 39.14
CA LYS F 25 -12.26 21.79 38.54
C LYS F 25 -11.97 21.77 37.04
N ARG F 26 -11.85 20.57 36.54
CA ARG F 26 -11.77 20.26 35.12
C ARG F 26 -13.18 20.10 34.58
N ILE F 27 -13.28 19.59 33.35
CA ILE F 27 -14.59 19.29 32.77
C ILE F 27 -15.33 18.18 33.56
N ASP F 28 -14.61 17.21 34.07
CA ASP F 28 -15.15 16.26 35.03
C ASP F 28 -14.94 16.84 36.43
N GLY F 29 -15.21 16.07 37.48
CA GLY F 29 -14.98 16.60 38.81
C GLY F 29 -13.52 16.73 39.21
N ARG F 30 -12.62 16.13 38.44
CA ARG F 30 -11.21 16.02 38.78
C ARG F 30 -10.54 17.36 38.99
N LEU F 31 -9.64 17.38 39.97
CA LEU F 31 -8.76 18.49 40.24
C LEU F 31 -7.60 18.39 39.27
N PRO F 32 -6.79 19.45 39.14
CA PRO F 32 -5.69 19.42 38.15
C PRO F 32 -4.68 18.30 38.36
N ASP F 33 -4.53 17.80 39.58
CA ASP F 33 -3.56 16.78 39.90
C ASP F 33 -4.22 15.42 40.13
N GLU F 34 -5.48 15.25 39.72
CA GLU F 34 -6.19 13.99 39.97
C GLU F 34 -6.27 13.07 38.76
N PHE F 35 -6.07 11.78 39.03
CA PHE F 35 -6.16 10.74 38.01
C PHE F 35 -7.59 10.24 37.87
N ARG F 36 -7.84 9.43 36.85
CA ARG F 36 -9.15 8.83 36.79
C ARG F 36 -9.19 7.56 37.64
N GLU F 37 -10.37 6.96 37.77
CA GLU F 37 -10.47 5.72 38.54
C GLU F 37 -9.70 4.58 37.87
N LEU F 38 -8.91 3.87 38.65
CA LEU F 38 -8.04 2.86 38.07
C LEU F 38 -8.46 1.51 38.60
N THR F 39 -8.42 0.51 37.75
CA THR F 39 -8.61 -0.84 38.22
C THR F 39 -7.48 -1.66 37.61
N ILE F 40 -6.66 -2.25 38.44
CA ILE F 40 -5.54 -3.07 38.00
C ILE F 40 -5.84 -4.51 38.35
N ILE F 41 -5.68 -5.43 37.39
CA ILE F 41 -6.06 -6.84 37.59
C ILE F 41 -4.88 -7.77 37.30
N GLU F 42 -4.17 -8.20 38.32
CA GLU F 42 -3.05 -9.09 38.05
C GLU F 42 -3.52 -10.48 37.65
N ASN F 43 -2.70 -11.14 36.85
CA ASN F 43 -2.93 -12.51 36.40
C ASN F 43 -4.23 -12.60 35.62
N TYR F 44 -4.51 -11.57 34.83
CA TYR F 44 -5.63 -11.59 33.88
C TYR F 44 -5.43 -12.61 32.75
N ILE F 45 -4.20 -12.83 32.27
CA ILE F 45 -4.02 -13.87 31.26
C ILE F 45 -3.24 -15.02 31.88
N PRO F 46 -3.90 -15.97 32.52
CA PRO F 46 -3.17 -16.95 33.32
C PRO F 46 -2.24 -17.84 32.54
N ARG F 47 -2.41 -17.95 31.21
CA ARG F 47 -1.50 -18.75 30.38
C ARG F 47 -0.25 -18.01 29.95
N ALA F 48 -0.08 -16.75 30.33
CA ALA F 48 1.14 -16.01 30.10
C ALA F 48 1.96 -16.07 31.37
N ASN F 49 3.23 -15.71 31.27
CA ASN F 49 4.08 -15.71 32.46
C ASN F 49 3.65 -14.64 33.46
N GLY F 50 3.12 -13.54 32.95
CA GLY F 50 2.60 -12.51 33.82
C GLY F 50 1.72 -11.64 32.99
N SER F 51 0.69 -11.11 33.64
CA SER F 51 -0.24 -10.34 32.86
C SER F 51 -0.94 -9.38 33.79
N ALA F 52 -1.60 -8.39 33.21
CA ALA F 52 -2.38 -7.45 34.01
C ALA F 52 -3.35 -6.65 33.14
N TYR F 53 -4.62 -6.63 33.47
CA TYR F 53 -5.55 -5.75 32.79
C TYR F 53 -5.68 -4.42 33.56
N VAL F 54 -5.57 -3.28 32.87
CA VAL F 54 -5.72 -1.96 33.51
C VAL F 54 -6.73 -1.11 32.74
N ALA F 55 -7.65 -0.48 33.47
CA ALA F 55 -8.61 0.50 32.96
C ALA F 55 -8.34 1.82 33.63
N LEU F 56 -8.13 2.85 32.83
CA LEU F 56 -7.92 4.19 33.34
C LEU F 56 -9.09 5.02 32.82
N GLY F 57 -10.10 5.17 33.65
CA GLY F 57 -11.34 5.75 33.19
C GLY F 57 -11.85 4.77 32.18
N ASN F 58 -12.02 5.25 30.94
CA ASN F 58 -12.54 4.43 29.84
C ASN F 58 -11.48 4.00 28.85
N THR F 59 -10.21 4.20 29.19
CA THR F 59 -9.07 3.68 28.45
C THR F 59 -8.72 2.33 29.04
N ARG F 60 -8.70 1.28 28.22
CA ARG F 60 -8.53 -0.08 28.72
C ARG F 60 -7.42 -0.73 27.92
N VAL F 61 -6.41 -1.20 28.63
CA VAL F 61 -5.38 -2.03 28.05
C VAL F 61 -5.03 -3.19 28.94
N VAL F 62 -4.54 -4.21 28.30
CA VAL F 62 -4.07 -5.38 28.95
C VAL F 62 -2.68 -5.71 28.41
N ALA F 63 -1.70 -5.75 29.31
CA ALA F 63 -0.32 -6.13 29.03
C ALA F 63 -0.07 -7.55 29.40
N GLY F 64 0.80 -8.16 28.64
CA GLY F 64 1.15 -9.54 28.82
C GLY F 64 2.62 -9.76 28.74
N VAL F 65 3.14 -10.55 29.65
CA VAL F 65 4.56 -10.81 29.69
C VAL F 65 4.85 -12.27 29.37
N LYS F 66 5.68 -12.47 28.35
CA LYS F 66 6.03 -13.79 27.85
C LYS F 66 7.54 -13.92 28.00
N ILE F 67 7.96 -14.83 28.86
CA ILE F 67 9.36 -15.15 29.10
C ILE F 67 9.79 -16.48 28.48
N GLU F 68 10.85 -16.38 27.68
CA GLU F 68 11.43 -17.49 26.93
C GLU F 68 12.95 -17.46 27.01
N ALA F 69 13.55 -18.65 26.87
CA ALA F 69 15.00 -18.76 26.75
C ALA F 69 15.41 -18.39 25.33
N GLY F 70 16.45 -17.58 25.20
CA GLY F 70 16.98 -17.29 23.89
C GLY F 70 18.41 -16.86 24.02
N GLU F 71 18.99 -16.55 22.87
CA GLU F 71 20.39 -16.11 22.84
C GLU F 71 20.52 -14.62 23.09
N PRO F 72 21.44 -14.17 23.94
CA PRO F 72 21.60 -12.74 24.20
C PRO F 72 22.28 -12.02 23.04
N PHE F 73 22.20 -10.70 23.11
CA PHE F 73 22.87 -9.87 22.12
C PHE F 73 24.40 -10.05 22.23
N PRO F 74 25.13 -10.03 21.09
CA PRO F 74 26.57 -10.31 21.19
C PRO F 74 27.34 -9.32 22.05
N ASP F 75 26.98 -8.02 22.00
CA ASP F 75 27.67 -7.00 22.82
C ASP F 75 27.43 -7.23 24.32
N THR F 76 26.18 -7.52 24.75
CA THR F 76 25.89 -7.84 26.15
C THR F 76 25.57 -9.33 26.22
N PRO F 77 26.56 -10.19 26.45
CA PRO F 77 26.32 -11.63 26.50
C PRO F 77 25.90 -12.06 27.87
N ASP F 78 26.01 -11.17 28.85
CA ASP F 78 25.69 -11.54 30.21
C ASP F 78 24.48 -10.76 30.73
N GLN F 79 23.48 -10.59 29.86
CA GLN F 79 22.29 -9.84 30.24
C GLN F 79 21.09 -10.43 29.50
N GLY F 80 19.97 -10.46 30.19
CA GLY F 80 18.78 -10.82 29.47
C GLY F 80 18.24 -9.65 28.67
N VAL F 81 17.20 -9.98 27.92
CA VAL F 81 16.59 -9.09 26.94
C VAL F 81 15.14 -8.76 27.29
N LEU F 82 14.76 -7.51 27.07
CA LEU F 82 13.39 -7.03 27.24
C LEU F 82 12.97 -6.32 25.97
N THR F 83 11.95 -6.83 25.29
CA THR F 83 11.41 -6.13 24.13
C THR F 83 9.95 -5.74 24.31
N THR F 84 9.62 -4.48 24.01
CA THR F 84 8.29 -3.94 24.30
C THR F 84 7.56 -3.54 23.05
N ASN F 85 6.26 -3.81 23.07
CA ASN F 85 5.41 -3.46 21.96
C ASN F 85 4.01 -3.09 22.43
N VAL F 86 3.46 -1.99 21.90
CA VAL F 86 2.11 -1.52 22.23
C VAL F 86 1.27 -1.53 20.96
N GLU F 87 0.20 -2.31 20.96
CA GLU F 87 -0.73 -2.39 19.86
C GLU F 87 -1.95 -1.50 20.06
N LEU F 88 -2.09 -0.49 19.23
CA LEU F 88 -3.34 0.27 19.21
C LEU F 88 -4.28 -0.49 18.29
N LEU F 89 -4.98 -1.47 18.85
CA LEU F 89 -5.80 -2.37 18.05
C LEU F 89 -6.93 -1.58 17.41
N PRO F 90 -7.30 -1.88 16.16
CA PRO F 90 -8.36 -1.08 15.51
C PRO F 90 -9.64 -1.12 16.25
N ILE F 91 -9.79 -2.10 17.13
CA ILE F 91 -11.00 -2.17 17.95
C ILE F 91 -11.09 -1.01 18.94
N ALA F 92 -9.99 -0.34 19.26
CA ALA F 92 -9.97 0.56 20.40
C ALA F 92 -10.54 1.92 20.06
N PHE F 93 -10.61 2.30 18.78
CA PHE F 93 -11.11 3.61 18.40
C PHE F 93 -11.72 3.55 17.00
N PRO F 94 -12.81 4.31 16.73
CA PRO F 94 -13.42 4.33 15.38
C PRO F 94 -12.52 4.74 14.22
N SER F 95 -11.77 5.82 14.41
CA SER F 95 -10.80 6.30 13.44
C SER F 95 -9.58 5.37 13.34
N PHE F 96 -9.41 4.41 14.27
CA PHE F 96 -8.31 3.44 14.14
C PHE F 96 -8.48 2.53 12.92
N GLU F 97 -7.36 2.28 12.24
CA GLU F 97 -7.19 1.64 10.92
C GLU F 97 -7.61 2.66 9.82
N ALA F 98 -8.07 3.88 10.19
CA ALA F 98 -8.19 5.03 9.28
C ALA F 98 -7.03 5.95 9.68
N GLY F 99 -6.07 6.09 8.75
CA GLY F 99 -4.67 6.23 9.10
C GLY F 99 -3.85 4.96 8.81
N PRO F 100 -3.42 4.18 9.85
CA PRO F 100 -3.76 4.16 11.30
C PRO F 100 -2.78 4.94 12.26
N PRO F 101 -2.30 6.25 12.01
CA PRO F 101 -0.86 6.49 11.92
C PRO F 101 -0.08 5.76 12.98
N ASN F 102 0.85 4.93 12.49
CA ASN F 102 1.68 4.10 13.35
C ASN F 102 2.48 4.96 14.28
N ASP F 103 2.67 6.22 13.91
CA ASP F 103 3.51 7.13 14.68
C ASP F 103 3.08 7.13 16.14
N LEU F 104 1.79 7.24 16.40
CA LEU F 104 1.36 7.23 17.79
C LEU F 104 1.62 5.89 18.46
N ALA F 105 1.33 4.78 17.78
CA ALA F 105 1.49 3.46 18.40
C ALA F 105 2.96 3.16 18.73
N ILE F 106 3.88 3.55 17.85
CA ILE F 106 5.31 3.35 18.07
C ILE F 106 5.81 4.20 19.23
N GLU F 107 5.40 5.49 19.26
CA GLU F 107 5.92 6.41 20.26
C GLU F 107 5.64 5.86 21.65
N VAL F 108 4.41 5.37 21.84
CA VAL F 108 3.98 4.80 23.12
C VAL F 108 4.81 3.59 23.48
N SER F 109 5.06 2.70 22.51
CA SER F 109 5.86 1.53 22.80
C SER F 109 7.27 1.94 23.20
N ARG F 110 7.83 2.96 22.53
CA ARG F 110 9.16 3.35 22.91
C ARG F 110 9.14 4.05 24.25
N VAL F 111 8.16 4.96 24.48
CA VAL F 111 8.11 5.72 25.72
C VAL F 111 7.87 4.82 26.91
N VAL F 112 6.99 3.84 26.73
CA VAL F 112 6.69 2.91 27.80
C VAL F 112 7.92 2.08 28.10
N ASP F 113 8.56 1.60 27.04
CA ASP F 113 9.78 0.82 27.20
C ASP F 113 10.81 1.61 27.95
N ARG F 114 10.94 2.88 27.58
CA ARG F 114 11.93 3.75 28.16
C ARG F 114 11.79 3.84 29.69
N GLY F 115 10.55 3.93 30.20
CA GLY F 115 10.42 3.99 31.64
C GLY F 115 10.93 2.73 32.29
N ILE F 116 10.51 1.60 31.76
CA ILE F 116 10.82 0.31 32.39
C ILE F 116 12.31 0.04 32.32
N ARG F 117 12.88 0.29 31.14
CA ARG F 117 14.28 0.03 30.93
C ARG F 117 15.14 0.92 31.79
N GLU F 118 14.94 2.24 31.70
CA GLU F 118 15.79 3.19 32.41
C GLU F 118 15.56 3.19 33.92
N SER F 119 14.41 2.72 34.40
CA SER F 119 14.28 2.56 35.84
C SER F 119 15.04 1.34 36.37
N LYS F 120 15.56 0.50 35.49
CA LYS F 120 16.29 -0.72 35.87
C LYS F 120 15.42 -1.67 36.70
N MET F 121 14.12 -1.61 36.43
CA MET F 121 13.18 -2.44 37.16
C MET F 121 13.55 -3.92 37.04
N ILE F 122 13.95 -4.35 35.85
CA ILE F 122 14.04 -5.77 35.60
C ILE F 122 15.26 -6.40 36.24
N SER F 123 16.39 -5.69 36.35
CA SER F 123 17.64 -6.39 36.67
C SER F 123 17.97 -7.50 35.66
N PRO F 124 18.29 -7.10 34.41
CA PRO F 124 18.44 -8.07 33.31
C PRO F 124 19.74 -8.88 33.34
N GLU F 125 20.59 -8.66 34.34
CA GLU F 125 21.74 -9.50 34.59
C GLU F 125 21.37 -10.76 35.34
N LYS F 126 20.29 -10.73 36.13
CA LYS F 126 19.92 -11.95 36.82
C LYS F 126 19.20 -12.91 35.91
N LEU F 127 18.99 -12.56 34.65
CA LEU F 127 18.26 -13.40 33.71
C LEU F 127 19.20 -14.15 32.78
N VAL F 128 20.39 -14.47 33.24
CA VAL F 128 21.39 -15.14 32.45
C VAL F 128 21.42 -16.64 32.78
N ILE F 129 21.32 -17.48 31.74
CA ILE F 129 21.16 -18.90 32.02
C ILE F 129 22.54 -19.53 31.92
N GLU F 130 23.20 -19.41 30.75
CA GLU F 130 24.58 -19.84 30.49
C GLU F 130 25.33 -18.68 29.84
N GLN F 131 26.27 -18.04 30.56
CA GLN F 131 26.76 -16.71 30.19
C GLN F 131 27.19 -16.64 28.71
N GLY F 132 26.53 -15.78 27.94
CA GLY F 132 26.88 -15.63 26.56
C GLY F 132 26.22 -16.64 25.65
N LYS F 133 25.49 -17.63 26.17
CA LYS F 133 24.78 -18.61 25.34
C LYS F 133 23.26 -18.60 25.47
N LYS F 134 22.72 -18.60 26.70
CA LYS F 134 21.28 -18.59 26.96
C LYS F 134 20.94 -17.47 27.95
N VAL F 135 19.98 -16.61 27.59
CA VAL F 135 19.40 -15.70 28.58
C VAL F 135 17.89 -15.80 28.45
N TRP F 136 17.21 -15.02 29.30
CA TRP F 136 15.76 -14.94 29.34
C TRP F 136 15.27 -13.73 28.55
N ILE F 137 14.40 -13.98 27.58
CA ILE F 137 13.74 -12.95 26.76
C ILE F 137 12.42 -12.54 27.39
N VAL F 138 12.31 -11.27 27.72
CA VAL F 138 11.11 -10.75 28.35
C VAL F 138 10.26 -10.02 27.31
N PHE F 139 9.26 -10.71 26.78
CA PHE F 139 8.30 -10.06 25.89
C PHE F 139 7.21 -9.35 26.67
N LEU F 140 7.15 -8.03 26.55
CA LEU F 140 6.14 -7.24 27.23
C LEU F 140 5.25 -6.59 26.18
N ASP F 141 4.05 -7.14 26.02
CA ASP F 141 3.17 -6.76 24.92
C ASP F 141 1.89 -6.17 25.46
N ILE F 142 1.51 -5.02 24.94
CA ILE F 142 0.38 -4.29 25.48
C ILE F 142 -0.62 -4.05 24.38
N ASN F 143 -1.82 -4.58 24.56
CA ASN F 143 -2.91 -4.39 23.61
C ASN F 143 -3.85 -3.34 24.15
N VAL F 144 -4.14 -2.34 23.34
CA VAL F 144 -5.10 -1.30 23.69
C VAL F 144 -6.46 -1.76 23.21
N LEU F 145 -7.42 -1.87 24.14
CA LEU F 145 -8.76 -2.22 23.69
C LEU F 145 -9.68 -1.03 23.56
N ASP F 146 -9.44 0.02 24.33
CA ASP F 146 -10.37 1.12 24.38
C ASP F 146 -9.61 2.39 24.62
N TYR F 147 -9.79 3.40 23.79
CA TYR F 147 -9.00 4.62 23.87
C TYR F 147 -9.90 5.75 24.39
N ASP F 148 -9.53 6.26 25.55
CA ASP F 148 -10.13 7.47 26.11
C ASP F 148 -9.05 8.41 26.66
N GLY F 149 -7.86 8.39 26.08
CA GLY F 149 -6.83 9.38 26.26
C GLY F 149 -5.69 8.88 27.13
N ASN F 150 -4.54 9.53 27.00
CA ASN F 150 -3.46 9.20 27.90
C ASN F 150 -3.07 7.72 27.86
N LEU F 151 -2.63 7.31 26.67
CA LEU F 151 -2.20 5.93 26.57
C LEU F 151 -0.92 5.66 27.33
N ILE F 152 -0.06 6.66 27.45
CA ILE F 152 1.27 6.34 27.96
C ILE F 152 1.16 5.87 29.38
N ASP F 153 0.43 6.63 30.20
CA ASP F 153 0.33 6.35 31.63
C ASP F 153 -0.41 5.03 31.82
N ALA F 154 -1.45 4.82 31.04
CA ALA F 154 -2.18 3.57 31.13
C ALA F 154 -1.31 2.37 30.78
N SER F 155 -0.44 2.53 29.79
CA SER F 155 0.37 1.41 29.35
C SER F 155 1.43 1.07 30.39
N THR F 156 1.98 2.10 31.04
CA THR F 156 3.07 1.96 32.01
C THR F 156 2.57 1.23 33.25
N ILE F 157 1.39 1.62 33.73
CA ILE F 157 0.77 0.96 34.88
C ILE F 157 0.52 -0.51 34.59
N ALA F 158 0.02 -0.78 33.37
CA ALA F 158 -0.27 -2.14 32.96
C ALA F 158 1.02 -2.94 32.85
N ALA F 159 2.03 -2.28 32.30
CA ALA F 159 3.33 -2.91 32.11
C ALA F 159 3.97 -3.24 33.45
N VAL F 160 4.01 -2.26 34.34
CA VAL F 160 4.61 -2.48 35.65
C VAL F 160 3.89 -3.61 36.40
N ALA F 161 2.55 -3.53 36.45
CA ALA F 161 1.78 -4.49 37.21
C ALA F 161 2.00 -5.90 36.65
N ALA F 162 2.02 -6.01 35.31
CA ALA F 162 2.18 -7.31 34.65
C ALA F 162 3.54 -7.89 34.97
N LEU F 163 4.56 -7.04 35.13
CA LEU F 163 5.89 -7.57 35.39
C LEU F 163 5.96 -8.12 36.78
N ARG F 164 4.98 -7.78 37.62
CA ARG F 164 5.00 -8.21 39.00
C ARG F 164 4.41 -9.60 39.15
N ASN F 165 3.55 -10.10 38.22
CA ASN F 165 3.41 -11.56 38.06
C ASN F 165 4.65 -12.00 37.32
N ALA F 166 5.68 -12.17 38.10
CA ALA F 166 6.97 -12.33 37.49
C ALA F 166 7.07 -13.71 36.85
N VAL F 167 6.91 -14.78 37.63
CA VAL F 167 6.86 -16.17 37.15
C VAL F 167 7.78 -16.55 35.98
N VAL F 168 9.10 -16.50 36.15
CA VAL F 168 9.99 -16.87 35.05
C VAL F 168 10.06 -18.40 34.96
N PRO F 169 9.80 -19.04 33.76
CA PRO F 169 9.80 -20.54 33.78
C PRO F 169 11.19 -21.17 33.81
N ALA F 170 11.83 -21.09 34.98
CA ALA F 170 13.14 -21.72 35.12
C ALA F 170 13.07 -23.24 35.22
N SER F 171 11.91 -23.84 35.46
CA SER F 171 11.85 -25.29 35.46
C SER F 171 12.06 -25.85 34.07
N LYS F 172 11.94 -25.03 33.01
CA LYS F 172 12.12 -25.54 31.65
C LYS F 172 13.58 -25.66 31.28
N GLU F 173 14.44 -24.87 31.93
CA GLU F 173 15.88 -24.98 31.76
C GLU F 173 16.49 -25.70 32.95
N GLY F 174 15.74 -26.64 33.54
CA GLY F 174 16.14 -27.30 34.75
C GLY F 174 15.76 -26.49 35.98
N GLY F 175 16.77 -25.99 36.69
CA GLY F 175 16.68 -24.90 37.65
C GLY F 175 15.44 -24.94 38.54
N GLU F 176 14.77 -23.80 38.73
CA GLU F 176 13.64 -23.69 39.65
C GLU F 176 12.84 -22.45 39.32
N ASP F 177 11.54 -22.61 39.08
CA ASP F 177 10.74 -21.43 38.80
C ASP F 177 10.82 -20.42 39.93
N PHE F 178 11.36 -19.23 39.63
CA PHE F 178 11.51 -18.15 40.59
C PHE F 178 10.72 -16.93 40.11
N LYS F 179 10.66 -15.92 40.96
CA LYS F 179 9.94 -14.68 40.63
C LYS F 179 10.92 -13.72 39.95
N LEU F 180 10.59 -13.31 38.75
CA LEU F 180 11.41 -12.33 38.06
C LEU F 180 11.70 -11.10 38.93
N PRO F 181 12.99 -10.70 39.10
CA PRO F 181 13.32 -9.60 40.03
C PRO F 181 12.81 -8.23 39.58
N VAL F 182 12.08 -7.60 40.48
CA VAL F 182 11.53 -6.27 40.25
C VAL F 182 12.14 -5.31 41.30
N SER F 183 12.98 -4.36 40.84
CA SER F 183 13.85 -3.58 41.74
C SER F 183 13.32 -2.17 42.00
N SER F 184 12.32 -1.69 41.25
CA SER F 184 11.76 -0.35 41.43
C SER F 184 10.32 -0.35 40.89
N THR F 185 9.63 0.77 41.05
CA THR F 185 8.26 0.94 40.56
C THR F 185 8.08 2.24 39.81
N PRO F 186 8.43 2.27 38.54
CA PRO F 186 8.30 3.51 37.77
C PRO F 186 6.85 3.82 37.42
N ILE F 187 6.46 5.07 37.64
CA ILE F 187 5.11 5.56 37.37
C ILE F 187 5.18 6.70 36.39
N SER F 188 4.57 6.53 35.25
CA SER F 188 4.54 7.59 34.27
C SER F 188 3.31 8.50 34.44
N VAL F 189 3.55 9.80 34.26
CA VAL F 189 2.55 10.84 34.40
C VAL F 189 2.55 11.74 33.16
N THR F 190 1.39 11.86 32.51
CA THR F 190 1.18 12.69 31.33
C THR F 190 0.40 13.92 31.75
N MET F 191 0.78 15.07 31.18
CA MET F 191 0.31 16.38 31.60
C MET F 191 0.05 17.20 30.36
N VAL F 192 -1.01 17.99 30.39
CA VAL F 192 -1.25 18.97 29.34
C VAL F 192 -1.65 20.30 29.96
N LYS F 193 -1.65 21.33 29.14
CA LYS F 193 -2.00 22.67 29.60
C LYS F 193 -3.34 23.03 29.04
N ILE F 194 -4.35 22.97 29.90
CA ILE F 194 -5.70 23.46 29.60
C ILE F 194 -5.78 24.91 30.02
N GLY F 195 -5.92 25.81 29.04
CA GLY F 195 -5.94 27.22 29.36
C GLY F 195 -4.59 27.55 29.97
N ASP F 196 -4.62 28.12 31.15
CA ASP F 196 -3.40 28.47 31.87
C ASP F 196 -3.06 27.54 33.02
N THR F 197 -3.77 26.43 33.16
CA THR F 197 -3.45 25.51 34.23
C THR F 197 -3.03 24.13 33.72
N LEU F 198 -1.98 23.62 34.34
CA LEU F 198 -1.50 22.30 33.99
C LEU F 198 -2.27 21.22 34.74
N VAL F 199 -2.83 20.28 33.98
CA VAL F 199 -3.60 19.18 34.54
C VAL F 199 -2.88 17.90 34.19
N CYS F 200 -3.16 16.85 34.95
CA CYS F 200 -2.59 15.58 34.56
C CYS F 200 -3.65 14.50 34.33
N ASP F 201 -3.22 13.43 33.68
CA ASP F 201 -4.03 12.36 33.12
C ASP F 201 -5.17 12.91 32.29
N PRO F 202 -4.94 13.50 31.14
CA PRO F 202 -6.07 14.08 30.40
C PRO F 202 -7.00 13.04 29.81
N SER F 203 -8.30 13.31 29.88
CA SER F 203 -9.23 12.51 29.11
C SER F 203 -9.03 12.81 27.64
N LEU F 204 -9.71 12.04 26.82
CA LEU F 204 -9.56 12.25 25.39
C LEU F 204 -10.05 13.63 24.99
N GLU F 205 -11.10 14.11 25.63
CA GLU F 205 -11.61 15.44 25.32
C GLU F 205 -10.61 16.51 25.70
N GLU F 206 -10.04 16.40 26.89
CA GLU F 206 -9.04 17.39 27.32
C GLU F 206 -7.79 17.28 26.43
N ASP F 207 -7.51 16.07 25.90
CA ASP F 207 -6.33 15.82 25.04
C ASP F 207 -6.45 16.63 23.73
N GLN F 208 -7.68 16.92 23.25
CA GLN F 208 -8.01 17.67 22.02
C GLN F 208 -8.30 19.14 22.26
N ILE F 209 -8.65 19.53 23.48
CA ILE F 209 -8.79 20.95 23.75
C ILE F 209 -7.44 21.67 23.68
N CYS F 210 -6.33 20.97 23.93
CA CYS F 210 -5.02 21.63 23.97
C CYS F 210 -3.92 20.85 23.27
N GLY F 211 -3.22 21.49 22.35
CA GLY F 211 -2.03 20.89 21.74
C GLY F 211 -0.87 20.91 22.73
N GLY F 212 -0.26 19.76 22.89
CA GLY F 212 0.96 19.74 23.66
C GLY F 212 0.68 18.88 24.84
N ARG F 213 1.43 17.79 24.97
CA ARG F 213 1.49 16.98 26.17
C ARG F 213 2.94 16.67 26.51
N ILE F 214 3.14 16.30 27.78
CA ILE F 214 4.42 15.97 28.40
C ILE F 214 4.25 14.78 29.34
N THR F 215 5.12 13.78 29.21
CA THR F 215 5.14 12.62 30.08
C THR F 215 6.41 12.65 30.93
N VAL F 216 6.29 12.45 32.23
CA VAL F 216 7.48 12.34 33.06
C VAL F 216 7.35 11.08 33.92
N THR F 217 8.27 10.17 33.78
CA THR F 217 8.25 8.87 34.47
C THR F 217 9.21 9.04 35.63
N THR F 218 8.78 8.60 36.80
CA THR F 218 9.51 8.77 38.03
C THR F 218 9.56 7.45 38.76
N THR F 219 10.56 7.31 39.59
CA THR F 219 10.67 6.19 40.50
C THR F 219 10.36 6.65 41.91
N GLU F 220 10.20 5.65 42.81
CA GLU F 220 9.95 5.93 44.22
C GLU F 220 11.16 6.56 44.92
N ASP F 221 12.36 6.53 44.33
CA ASP F 221 13.48 7.23 44.95
C ASP F 221 13.50 8.73 44.68
N GLY F 222 12.48 9.29 44.00
CA GLY F 222 12.51 10.68 43.57
C GLY F 222 13.32 10.98 42.31
N HIS F 223 13.82 9.96 41.67
CA HIS F 223 14.56 10.16 40.45
C HIS F 223 13.59 10.21 39.26
N ILE F 224 14.01 10.94 38.24
CA ILE F 224 13.33 11.02 36.95
C ILE F 224 14.01 9.98 36.05
N ARG F 225 13.24 9.07 35.51
CA ARG F 225 13.80 8.03 34.67
C ARG F 225 13.51 8.32 33.22
N ALA F 226 12.43 9.01 32.94
CA ALA F 226 12.13 9.20 31.55
C ALA F 226 11.22 10.39 31.39
N MET F 227 11.42 11.13 30.30
CA MET F 227 10.57 12.25 29.89
C MET F 227 10.34 12.20 28.39
N GLN F 228 9.21 12.78 27.98
CA GLN F 228 8.85 12.82 26.57
C GLN F 228 7.84 13.92 26.35
N LYS F 229 8.20 14.93 25.55
CA LYS F 229 7.22 15.89 25.09
C LYS F 229 6.66 15.39 23.78
N GLY F 230 5.34 15.39 23.67
CA GLY F 230 4.67 14.90 22.48
C GLY F 230 3.72 15.96 21.97
N GLU F 231 3.18 15.71 20.77
CA GLU F 231 2.14 16.45 20.07
C GLU F 231 2.60 17.86 19.75
N ILE F 232 1.88 18.55 18.91
CA ILE F 232 2.36 19.81 18.39
C ILE F 232 2.05 20.89 19.38
N GLY F 233 3.05 21.66 19.75
CA GLY F 233 2.78 22.71 20.71
C GLY F 233 3.94 22.88 21.65
N ALA F 234 3.98 23.98 22.38
CA ALA F 234 5.15 24.22 23.17
C ALA F 234 4.77 24.35 24.63
N PHE F 235 5.75 24.11 25.49
CA PHE F 235 5.61 24.31 26.93
C PHE F 235 6.77 25.20 27.38
N THR F 236 6.48 26.20 28.22
CA THR F 236 7.51 27.06 28.80
C THR F 236 8.34 26.31 29.83
N VAL F 237 9.47 26.91 30.22
CA VAL F 237 10.31 26.19 31.18
C VAL F 237 9.57 26.00 32.51
N GLU F 238 8.79 27.00 32.93
CA GLU F 238 8.07 26.87 34.19
C GLU F 238 7.08 25.72 34.11
N ASP F 239 6.42 25.58 32.96
CA ASP F 239 5.46 24.50 32.75
C ASP F 239 6.18 23.18 32.88
N VAL F 240 7.37 23.08 32.29
CA VAL F 240 8.15 21.88 32.43
C VAL F 240 8.54 21.66 33.89
N LYS F 241 8.79 22.76 34.60
CA LYS F 241 9.17 22.61 36.00
C LYS F 241 7.97 22.11 36.81
N LYS F 242 6.77 22.67 36.55
CA LYS F 242 5.57 22.28 37.30
C LYS F 242 5.22 20.83 37.07
N ALA F 243 5.37 20.37 35.82
CA ALA F 243 5.07 19.00 35.43
C ALA F 243 6.00 18.00 36.10
N VAL F 244 7.27 18.36 36.25
CA VAL F 244 8.17 17.47 36.97
C VAL F 244 7.75 17.34 38.42
N LYS F 245 7.42 18.47 39.04
CA LYS F 245 7.00 18.38 40.43
C LYS F 245 5.68 17.61 40.53
N MET F 246 4.70 17.91 39.65
CA MET F 246 3.40 17.26 39.72
C MET F 246 3.50 15.77 39.44
N SER F 247 4.31 15.39 38.46
CA SER F 247 4.51 13.98 38.17
C SER F 247 5.17 13.23 39.33
N LEU F 248 6.14 13.87 39.97
CA LEU F 248 6.74 13.21 41.13
C LEU F 248 5.73 13.00 42.23
N GLU F 249 4.91 14.01 42.45
CA GLU F 249 4.00 14.02 43.58
C GLU F 249 2.84 13.05 43.37
N VAL F 250 2.24 13.12 42.17
CA VAL F 250 1.13 12.26 41.84
C VAL F 250 1.61 10.87 41.56
N GLY F 251 2.88 10.74 41.18
CA GLY F 251 3.52 9.44 41.07
C GLY F 251 3.73 8.78 42.42
N LYS F 252 4.05 9.58 43.42
CA LYS F 252 4.13 9.03 44.75
C LYS F 252 2.75 8.56 45.19
N LYS F 253 1.70 9.35 44.89
CA LYS F 253 0.36 8.96 45.34
C LYS F 253 -0.06 7.65 44.71
N LEU F 254 0.21 7.51 43.40
CA LEU F 254 -0.15 6.33 42.63
C LEU F 254 0.61 5.12 43.14
N ARG F 255 1.88 5.33 43.51
CA ARG F 255 2.69 4.22 43.97
C ARG F 255 2.12 3.65 45.25
N GLU F 256 1.64 4.50 46.16
CA GLU F 256 1.20 4.00 47.44
C GLU F 256 -0.14 3.30 47.34
N LYS F 257 -0.98 3.70 46.40
CA LYS F 257 -2.32 3.15 46.44
C LYS F 257 -2.33 1.72 45.88
N TYR F 258 -1.52 1.43 44.88
CA TYR F 258 -1.68 0.18 44.18
C TYR F 258 -0.47 -0.70 44.20
N PHE F 259 0.65 -0.14 44.59
CA PHE F 259 1.94 -0.78 44.44
C PHE F 259 2.63 -0.74 45.76
N ARG F 260 1.86 -1.03 46.80
CA ARG F 260 2.36 -1.17 48.16
C ARG F 260 3.67 -1.96 48.26
N MET G 2 5.97 -12.76 -55.14
CA MET G 2 6.70 -13.84 -54.52
C MET G 2 5.70 -14.94 -54.05
N TYR G 3 4.44 -14.58 -53.79
CA TYR G 3 3.40 -15.34 -53.07
C TYR G 3 2.05 -14.68 -53.40
N GLN G 4 1.01 -15.16 -52.72
CA GLN G 4 -0.36 -14.60 -52.75
C GLN G 4 -1.25 -15.14 -53.86
N LEU G 5 -2.55 -15.31 -53.50
CA LEU G 5 -3.71 -15.91 -54.16
C LEU G 5 -4.48 -14.91 -55.02
N GLY G 6 -5.67 -15.31 -55.48
CA GLY G 6 -6.39 -14.40 -56.32
C GLY G 6 -6.99 -13.23 -55.57
N ASP G 7 -7.72 -13.47 -54.48
CA ASP G 7 -8.35 -12.34 -53.79
C ASP G 7 -8.02 -12.13 -52.28
N VAL G 8 -7.66 -13.18 -51.53
CA VAL G 8 -7.36 -13.08 -50.11
C VAL G 8 -5.85 -13.03 -49.84
N LYS G 9 -5.05 -12.92 -50.91
CA LYS G 9 -3.59 -12.82 -50.89
C LYS G 9 -2.87 -13.85 -50.00
N LYS G 10 -2.09 -13.36 -49.02
CA LYS G 10 -1.30 -14.21 -48.14
C LYS G 10 -1.47 -13.63 -46.76
N ILE G 11 -2.00 -14.47 -45.86
CA ILE G 11 -2.17 -14.21 -44.44
C ILE G 11 -0.87 -13.66 -43.86
N VAL G 12 -0.96 -12.57 -43.10
CA VAL G 12 0.23 -11.82 -42.74
C VAL G 12 0.52 -11.90 -41.26
N LEU G 13 1.74 -11.52 -40.92
CA LEU G 13 2.22 -11.37 -39.57
C LEU G 13 2.56 -9.91 -39.37
N PRO G 14 2.64 -9.46 -38.14
CA PRO G 14 3.00 -8.07 -37.91
C PRO G 14 4.33 -7.78 -38.56
N GLY G 15 4.33 -6.72 -39.34
CA GLY G 15 5.48 -6.32 -40.08
C GLY G 15 5.70 -6.92 -41.45
N ASP G 16 4.82 -7.78 -41.91
CA ASP G 16 5.01 -8.25 -43.27
C ASP G 16 4.76 -7.08 -44.24
N PRO G 17 5.61 -6.90 -45.25
CA PRO G 17 5.41 -5.80 -46.18
C PRO G 17 4.18 -6.00 -47.04
N ILE G 18 3.44 -4.91 -47.26
CA ILE G 18 2.26 -4.92 -48.11
C ILE G 18 2.54 -4.11 -49.37
N GLU G 19 2.94 -4.81 -50.42
CA GLU G 19 3.22 -4.21 -51.72
C GLU G 19 1.99 -4.25 -52.65
N VAL G 20 0.89 -3.66 -52.23
CA VAL G 20 -0.37 -3.73 -52.97
C VAL G 20 -0.96 -2.35 -53.14
N GLN G 21 -1.59 -2.11 -54.28
CA GLN G 21 -2.11 -0.77 -54.55
C GLN G 21 -3.47 -0.61 -53.86
N GLY G 22 -3.72 0.59 -53.31
CA GLY G 22 -5.01 0.90 -52.78
C GLY G 22 -4.86 1.73 -51.54
N LYS G 23 -5.98 2.16 -50.97
CA LYS G 23 -5.96 3.14 -49.89
C LYS G 23 -5.73 2.33 -48.62
N MET G 24 -4.56 2.50 -48.02
CA MET G 24 -4.28 1.83 -46.77
C MET G 24 -5.25 2.27 -45.65
N ARG G 25 -5.87 1.29 -44.99
CA ARG G 25 -6.82 1.49 -43.89
C ARG G 25 -6.37 0.65 -42.71
N ASN G 26 -7.21 0.56 -41.68
CA ASN G 26 -6.80 0.02 -40.39
C ASN G 26 -5.97 -1.27 -40.54
N GLY G 27 -4.87 -1.34 -39.79
CA GLY G 27 -3.99 -2.48 -39.79
C GLY G 27 -2.73 -2.32 -40.62
N VAL G 28 -2.54 -1.22 -41.31
CA VAL G 28 -1.34 -1.00 -42.11
C VAL G 28 -0.66 0.29 -41.73
N TYR G 29 0.64 0.25 -41.49
CA TYR G 29 1.39 1.47 -41.20
C TYR G 29 2.51 1.72 -42.19
N ARG G 30 2.91 2.98 -42.30
CA ARG G 30 3.96 3.35 -43.24
C ARG G 30 5.28 3.35 -42.48
N GLY G 31 6.22 2.55 -42.93
CA GLY G 31 7.52 2.44 -42.31
C GLY G 31 8.33 3.67 -42.65
N GLN G 32 9.52 3.74 -42.05
CA GLN G 32 10.47 4.83 -42.31
C GLN G 32 11.02 4.81 -43.74
N ASP G 33 11.00 3.65 -44.41
CA ASP G 33 11.37 3.47 -45.83
C ASP G 33 10.22 3.80 -46.79
N ASN G 34 9.14 4.41 -46.29
CA ASN G 34 7.94 4.78 -47.06
C ASN G 34 7.22 3.57 -47.66
N ARG G 35 7.51 2.35 -47.19
CA ARG G 35 6.74 1.15 -47.53
C ARG G 35 5.64 0.90 -46.51
N TYR G 36 4.65 0.11 -46.90
CA TYR G 36 3.57 -0.23 -45.98
C TYR G 36 3.82 -1.62 -45.40
N TYR G 37 3.47 -1.79 -44.14
CA TYR G 37 3.70 -3.04 -43.45
C TYR G 37 2.48 -3.34 -42.59
N SER G 38 2.26 -4.63 -42.34
CA SER G 38 1.16 -5.08 -41.50
C SER G 38 1.39 -4.71 -40.05
N GLU G 39 0.36 -4.15 -39.44
CA GLU G 39 0.28 -3.92 -38.01
C GLU G 39 -0.14 -5.17 -37.21
N TYR G 40 -0.88 -6.07 -37.81
CA TYR G 40 -1.44 -7.16 -37.04
C TYR G 40 -0.99 -8.51 -37.58
N PHE G 41 -1.10 -9.52 -36.73
CA PHE G 41 -1.24 -10.88 -37.22
C PHE G 41 -2.65 -11.13 -37.69
N GLY G 42 -2.80 -11.39 -38.98
CA GLY G 42 -4.13 -11.41 -39.59
C GLY G 42 -4.15 -11.73 -41.08
N THR G 43 -5.25 -11.32 -41.72
CA THR G 43 -5.55 -11.64 -43.11
C THR G 43 -5.49 -10.36 -43.90
N LEU G 44 -4.74 -10.35 -44.99
CA LEU G 44 -4.81 -9.18 -45.81
C LEU G 44 -6.09 -9.21 -46.66
N GLN G 45 -6.94 -8.20 -46.47
CA GLN G 45 -8.22 -8.04 -47.16
C GLN G 45 -8.14 -6.88 -48.15
N VAL G 46 -8.21 -7.18 -49.44
CA VAL G 46 -8.24 -6.18 -50.50
C VAL G 46 -9.59 -6.17 -51.24
N ASN G 47 -10.14 -4.97 -51.45
CA ASN G 47 -11.24 -4.69 -52.38
C ASN G 47 -10.73 -3.56 -53.27
N ASP G 48 -11.52 -3.15 -54.28
CA ASP G 48 -11.01 -2.27 -55.35
C ASP G 48 -10.44 -0.96 -54.82
N GLN G 49 -10.80 -0.59 -53.63
CA GLN G 49 -10.49 0.72 -53.13
C GLN G 49 -9.55 0.71 -51.93
N PHE G 50 -9.54 -0.35 -51.12
CA PHE G 50 -9.00 -0.29 -49.77
C PHE G 50 -8.20 -1.55 -49.48
N VAL G 51 -7.17 -1.38 -48.67
CA VAL G 51 -6.27 -2.45 -48.27
C VAL G 51 -6.27 -2.49 -46.75
N ASP G 52 -6.65 -3.63 -46.17
CA ASP G 52 -6.78 -3.83 -44.73
C ASP G 52 -6.08 -5.10 -44.29
N VAL G 53 -5.82 -5.24 -42.99
CA VAL G 53 -5.50 -6.53 -42.40
C VAL G 53 -6.41 -6.78 -41.19
N VAL G 54 -7.51 -7.48 -41.39
CA VAL G 54 -8.32 -7.99 -40.26
C VAL G 54 -7.48 -8.92 -39.37
N PRO G 55 -7.42 -8.75 -38.05
CA PRO G 55 -6.75 -9.73 -37.19
C PRO G 55 -7.61 -10.85 -36.59
N PHE G 56 -6.92 -11.87 -36.10
CA PHE G 56 -7.53 -13.05 -35.47
C PHE G 56 -7.56 -12.82 -33.95
N SER G 57 -8.39 -11.88 -33.59
CA SER G 57 -8.28 -11.24 -32.31
C SER G 57 -9.71 -11.07 -31.87
N GLY G 58 -9.83 -10.24 -30.88
CA GLY G 58 -11.09 -10.02 -30.18
C GLY G 58 -10.93 -8.60 -29.77
N GLN G 59 -11.30 -8.28 -28.53
CA GLN G 59 -11.33 -6.89 -28.11
C GLN G 59 -12.27 -6.10 -29.02
N TYR G 60 -13.55 -6.48 -28.97
CA TYR G 60 -14.63 -5.87 -29.74
C TYR G 60 -14.55 -4.36 -29.76
N ILE G 61 -14.52 -3.81 -30.97
CA ILE G 61 -14.45 -2.36 -31.14
C ILE G 61 -15.90 -1.92 -31.29
N PRO G 62 -16.31 -0.80 -30.70
CA PRO G 62 -17.69 -0.36 -30.91
C PRO G 62 -17.78 0.58 -32.10
N ARG G 63 -18.86 0.42 -32.89
CA ARG G 63 -19.18 1.33 -33.98
C ARG G 63 -20.59 1.89 -33.79
N LYS G 64 -20.79 3.15 -34.22
CA LYS G 64 -22.07 3.86 -34.03
C LYS G 64 -23.28 3.02 -34.44
N GLY G 65 -24.31 3.02 -33.61
CA GLY G 65 -25.50 2.28 -33.91
C GLY G 65 -25.64 1.00 -33.12
N ASP G 66 -24.56 0.45 -32.59
CA ASP G 66 -24.68 -0.83 -31.92
C ASP G 66 -25.48 -0.64 -30.65
N LYS G 67 -26.38 -1.59 -30.37
CA LYS G 67 -27.00 -1.70 -29.06
C LYS G 67 -26.16 -2.64 -28.20
N VAL G 68 -25.71 -2.17 -27.02
CA VAL G 68 -24.72 -2.83 -26.18
C VAL G 68 -25.22 -2.91 -24.74
N ILE G 69 -24.68 -3.87 -23.97
CA ILE G 69 -24.76 -3.88 -22.51
C ILE G 69 -23.46 -3.40 -21.90
N GLY G 70 -23.56 -2.58 -20.86
CA GLY G 70 -22.37 -2.06 -20.22
C GLY G 70 -22.53 -1.92 -18.73
N LYS G 71 -21.42 -2.06 -18.01
CA LYS G 71 -21.41 -1.86 -16.58
C LYS G 71 -20.87 -0.47 -16.33
N VAL G 72 -21.65 0.33 -15.61
CA VAL G 72 -21.27 1.65 -15.15
C VAL G 72 -20.18 1.52 -14.08
N ILE G 73 -19.07 2.19 -14.27
CA ILE G 73 -17.96 2.10 -13.34
C ILE G 73 -17.75 3.39 -12.58
N GLU G 74 -18.17 4.51 -13.10
CA GLU G 74 -17.95 5.71 -12.34
C GLU G 74 -19.10 6.67 -12.56
N VAL G 75 -19.49 7.38 -11.52
CA VAL G 75 -20.62 8.28 -11.57
C VAL G 75 -20.05 9.66 -11.49
N GLY G 76 -20.09 10.39 -12.59
CA GLY G 76 -19.60 11.73 -12.65
C GLY G 76 -20.65 12.78 -12.31
N PRO G 77 -20.29 14.06 -12.40
CA PRO G 77 -21.27 15.11 -12.07
C PRO G 77 -22.36 15.21 -13.11
N SER G 78 -22.04 14.96 -14.37
CA SER G 78 -23.01 15.06 -15.44
C SER G 78 -23.01 13.83 -16.32
N THR G 79 -22.08 12.91 -16.13
CA THR G 79 -21.86 11.78 -17.02
C THR G 79 -21.64 10.53 -16.21
N TRP G 80 -22.04 9.41 -16.80
CA TRP G 80 -21.69 8.09 -16.30
C TRP G 80 -20.52 7.50 -17.13
N THR G 81 -19.55 6.90 -16.46
CA THR G 81 -18.55 6.08 -17.13
C THR G 81 -19.07 4.64 -17.19
N VAL G 82 -19.16 4.09 -18.39
CA VAL G 82 -19.71 2.77 -18.65
C VAL G 82 -18.66 1.93 -19.38
N ASP G 83 -18.36 0.76 -18.83
CA ASP G 83 -17.47 -0.21 -19.48
C ASP G 83 -18.26 -1.03 -20.50
N ILE G 84 -17.95 -0.90 -21.78
CA ILE G 84 -18.73 -1.56 -22.81
C ILE G 84 -17.98 -2.73 -23.41
N ASN G 85 -17.04 -3.30 -22.65
CA ASN G 85 -16.11 -4.36 -23.08
C ASN G 85 -15.32 -3.98 -24.31
N SER G 86 -14.72 -2.81 -24.23
CA SER G 86 -13.96 -2.24 -25.30
C SER G 86 -12.73 -1.63 -24.66
N PRO G 87 -11.69 -1.38 -25.43
CA PRO G 87 -10.48 -0.79 -24.86
C PRO G 87 -10.71 0.54 -24.15
N TYR G 88 -11.77 1.26 -24.45
CA TYR G 88 -12.04 2.52 -23.78
C TYR G 88 -13.44 2.50 -23.19
N PHE G 89 -13.57 3.20 -22.07
CA PHE G 89 -14.87 3.34 -21.47
C PHE G 89 -15.71 4.30 -22.26
N ALA G 90 -17.02 4.10 -22.18
CA ALA G 90 -17.98 4.94 -22.88
C ALA G 90 -18.65 5.88 -21.90
N MET G 91 -19.10 7.03 -22.41
CA MET G 91 -19.70 8.09 -21.61
C MET G 91 -21.18 8.24 -21.90
N LEU G 92 -21.99 8.34 -20.84
CA LEU G 92 -23.43 8.57 -20.93
C LEU G 92 -23.72 9.91 -20.27
N HIS G 93 -24.03 10.91 -21.07
CA HIS G 93 -24.33 12.21 -20.51
C HIS G 93 -25.75 12.19 -19.92
N MET G 94 -26.00 13.06 -18.93
CA MET G 94 -27.30 13.14 -18.24
C MET G 94 -28.43 13.54 -19.18
N ASN G 95 -28.12 14.33 -20.23
CA ASN G 95 -29.05 14.80 -21.26
C ASN G 95 -29.41 13.76 -22.31
N ASP G 96 -28.75 12.61 -22.36
CA ASP G 96 -29.11 11.54 -23.27
C ASP G 96 -29.92 10.47 -22.56
N THR G 97 -30.50 10.81 -21.43
CA THR G 97 -31.31 9.91 -20.65
C THR G 97 -32.75 10.36 -20.64
N PRO G 98 -33.70 9.45 -20.36
CA PRO G 98 -35.08 9.87 -20.15
C PRO G 98 -35.35 10.51 -18.80
N TRP G 99 -34.35 10.59 -17.92
CA TRP G 99 -34.55 11.13 -16.57
C TRP G 99 -34.27 12.64 -16.54
N ARG G 100 -35.14 13.37 -15.85
CA ARG G 100 -34.92 14.78 -15.54
C ARG G 100 -34.12 14.80 -14.25
N MET G 101 -32.84 15.14 -14.33
CA MET G 101 -32.00 15.24 -13.16
C MET G 101 -31.22 16.57 -13.16
N SER G 102 -30.86 17.04 -11.97
CA SER G 102 -29.87 18.09 -11.80
C SER G 102 -28.47 17.48 -11.69
N SER G 103 -27.45 18.29 -11.96
CA SER G 103 -26.11 17.75 -11.87
C SER G 103 -25.80 17.32 -10.44
N GLY G 104 -25.23 16.11 -10.29
CA GLY G 104 -24.92 15.52 -9.01
C GLY G 104 -25.96 14.54 -8.50
N ASP G 105 -27.16 14.56 -9.08
CA ASP G 105 -28.23 13.61 -8.77
C ASP G 105 -28.15 12.38 -9.65
N LEU G 106 -27.02 12.18 -10.32
CA LEU G 106 -26.87 11.04 -11.20
C LEU G 106 -26.96 9.76 -10.39
N LYS G 107 -26.55 9.81 -9.13
CA LYS G 107 -26.66 8.62 -8.29
C LYS G 107 -28.10 8.23 -7.98
N ARG G 108 -29.10 9.10 -8.15
CA ARG G 108 -30.45 8.62 -7.86
C ARG G 108 -30.98 7.65 -8.92
N TYR G 109 -30.49 7.75 -10.15
CA TYR G 109 -31.08 7.02 -11.28
C TYR G 109 -30.24 5.81 -11.67
N LEU G 110 -28.93 6.02 -11.84
CA LEU G 110 -27.94 5.00 -12.13
C LEU G 110 -26.74 5.22 -11.23
N ASN G 111 -26.41 4.19 -10.49
CA ASN G 111 -25.17 4.07 -9.73
C ASN G 111 -24.18 3.25 -10.50
N ALA G 112 -22.94 3.24 -10.00
CA ALA G 112 -21.95 2.38 -10.61
C ALA G 112 -22.47 0.95 -10.61
N GLY G 113 -22.05 0.16 -11.61
CA GLY G 113 -22.29 -1.27 -11.55
C GLY G 113 -23.64 -1.71 -12.04
N ASP G 114 -24.60 -0.80 -12.15
CA ASP G 114 -25.86 -1.11 -12.78
C ASP G 114 -25.58 -1.42 -14.26
N TYR G 115 -26.31 -2.37 -14.84
CA TYR G 115 -26.07 -2.73 -16.21
C TYR G 115 -27.21 -2.08 -17.02
N ILE G 116 -26.89 -1.56 -18.20
CA ILE G 116 -27.84 -0.82 -19.01
C ILE G 116 -27.80 -1.40 -20.41
N TYR G 117 -28.90 -1.35 -21.12
CA TYR G 117 -28.93 -1.71 -22.54
C TYR G 117 -29.03 -0.38 -23.28
N ALA G 118 -27.94 0.06 -23.89
CA ALA G 118 -27.87 1.37 -24.51
C ALA G 118 -27.48 1.25 -25.97
N LYS G 119 -27.52 2.37 -26.66
CA LYS G 119 -27.13 2.45 -28.07
C LYS G 119 -25.97 3.43 -28.19
N ILE G 120 -25.02 3.09 -29.07
CA ILE G 120 -23.81 3.85 -29.31
C ILE G 120 -24.20 5.08 -30.12
N MET G 121 -24.09 6.25 -29.51
CA MET G 121 -24.39 7.50 -30.20
C MET G 121 -23.30 7.90 -31.19
N SER G 122 -22.03 7.82 -30.79
CA SER G 122 -20.89 8.13 -31.65
C SER G 122 -19.63 7.44 -31.16
N VAL G 123 -18.69 7.22 -32.08
CA VAL G 123 -17.37 6.69 -31.76
C VAL G 123 -16.35 7.65 -32.36
N ASN G 124 -15.54 8.29 -31.51
CA ASN G 124 -14.51 9.19 -32.01
C ASN G 124 -13.30 8.39 -32.47
N GLU G 125 -12.29 9.12 -32.92
CA GLU G 125 -11.13 8.49 -33.52
C GLU G 125 -10.36 7.62 -32.53
N ILE G 126 -10.49 7.92 -31.24
CA ILE G 126 -9.70 7.24 -30.22
C ILE G 126 -10.53 6.05 -29.72
N LYS G 127 -11.65 5.73 -30.40
CA LYS G 127 -12.63 4.67 -30.09
C LYS G 127 -13.43 4.90 -28.79
N GLU G 128 -13.42 6.11 -28.22
CA GLU G 128 -14.25 6.45 -27.07
C GLU G 128 -15.70 6.61 -27.51
N SER G 129 -16.60 6.00 -26.76
CA SER G 129 -18.00 5.89 -27.15
C SER G 129 -18.86 6.82 -26.32
N TRP G 130 -19.84 7.47 -26.95
CA TRP G 130 -20.93 8.11 -26.20
C TRP G 130 -22.22 7.32 -26.35
N LEU G 131 -22.91 7.11 -25.23
CA LEU G 131 -24.11 6.27 -25.16
C LEU G 131 -25.37 7.11 -24.99
N THR G 132 -26.51 6.46 -25.26
CA THR G 132 -27.83 7.03 -24.99
C THR G 132 -28.80 5.96 -24.51
N LEU G 133 -29.80 6.37 -23.73
CA LEU G 133 -30.86 5.46 -23.30
C LEU G 133 -32.25 5.94 -23.69
N LYS G 134 -32.34 6.97 -24.53
CA LYS G 134 -33.63 7.64 -24.77
C LYS G 134 -34.50 6.86 -25.73
N GLU G 135 -33.95 6.00 -26.53
CA GLU G 135 -34.72 5.34 -27.56
C GLU G 135 -35.50 4.18 -26.95
N PRO G 136 -36.63 3.82 -27.55
CA PRO G 136 -37.49 2.79 -26.95
C PRO G 136 -36.75 1.46 -26.77
N GLY G 137 -36.96 0.82 -25.61
CA GLY G 137 -36.32 -0.45 -25.32
C GLY G 137 -35.01 -0.36 -24.56
N LEU G 138 -34.33 0.78 -24.62
CA LEU G 138 -33.12 0.98 -23.84
C LEU G 138 -33.54 1.24 -22.40
N LYS G 139 -32.89 0.57 -21.47
CA LYS G 139 -33.31 0.68 -20.08
C LYS G 139 -32.21 0.16 -19.17
N LYS G 140 -32.36 0.46 -17.88
CA LYS G 140 -31.60 -0.24 -16.87
C LYS G 140 -32.00 -1.72 -16.83
N LEU G 141 -31.00 -2.57 -16.64
CA LEU G 141 -31.21 -4.00 -16.42
C LEU G 141 -31.07 -4.26 -14.92
N GLU G 142 -32.13 -4.75 -14.31
CA GLU G 142 -32.12 -5.06 -12.90
C GLU G 142 -32.34 -6.56 -12.72
N GLY G 143 -31.56 -7.17 -11.82
CA GLY G 143 -31.58 -8.57 -11.47
C GLY G 143 -31.00 -9.41 -12.59
N GLY G 144 -31.11 -10.73 -12.42
CA GLY G 144 -30.67 -11.62 -13.49
C GLY G 144 -29.18 -11.93 -13.50
N HIS G 145 -28.76 -12.66 -14.53
CA HIS G 145 -27.39 -13.15 -14.64
C HIS G 145 -26.76 -12.64 -15.90
N MET G 146 -25.50 -12.26 -15.78
CA MET G 146 -24.81 -11.66 -16.90
C MET G 146 -23.92 -12.75 -17.49
N VAL G 147 -23.97 -12.93 -18.82
CA VAL G 147 -23.12 -13.88 -19.54
C VAL G 147 -22.34 -13.15 -20.64
N LEU G 148 -21.04 -13.48 -20.75
CA LEU G 148 -20.14 -12.96 -21.75
C LEU G 148 -19.78 -14.05 -22.76
N ILE G 149 -19.98 -13.73 -24.03
CA ILE G 149 -19.51 -14.56 -25.13
C ILE G 149 -18.70 -13.67 -26.07
N HIS G 150 -17.96 -14.32 -26.97
CA HIS G 150 -17.13 -13.59 -27.91
C HIS G 150 -18.04 -12.76 -28.76
N ALA G 151 -17.68 -11.49 -28.94
CA ALA G 151 -18.50 -10.60 -29.75
C ALA G 151 -18.63 -11.09 -31.19
N SER G 152 -17.66 -11.85 -31.69
CA SER G 152 -17.78 -12.37 -33.04
C SER G 152 -18.88 -13.43 -33.17
N ARG G 153 -19.35 -13.98 -32.06
CA ARG G 153 -20.40 -14.98 -32.02
C ARG G 153 -21.78 -14.38 -31.78
N VAL G 154 -21.88 -13.06 -31.57
CA VAL G 154 -23.19 -12.45 -31.33
C VAL G 154 -24.15 -12.56 -32.52
N PRO G 155 -23.74 -12.33 -33.78
CA PRO G 155 -24.77 -12.38 -34.85
C PRO G 155 -25.43 -13.73 -35.03
N ARG G 156 -24.72 -14.84 -34.78
CA ARG G 156 -25.29 -16.18 -34.96
C ARG G 156 -26.25 -16.53 -33.83
N VAL G 157 -25.91 -16.11 -32.59
CA VAL G 157 -26.78 -16.38 -31.44
C VAL G 157 -28.12 -15.63 -31.59
N ILE G 158 -28.09 -14.39 -32.09
CA ILE G 158 -29.34 -13.68 -32.42
C ILE G 158 -30.03 -14.35 -33.62
N GLY G 159 -29.27 -14.64 -34.67
CA GLY G 159 -29.79 -15.28 -35.87
C GLY G 159 -30.46 -14.31 -36.82
N LYS G 160 -30.80 -14.84 -38.01
CA LYS G 160 -31.37 -13.99 -39.05
C LYS G 160 -32.70 -13.43 -38.57
N GLY G 161 -32.81 -12.09 -38.52
CA GLY G 161 -34.03 -11.48 -38.06
C GLY G 161 -34.34 -11.73 -36.59
N GLY G 162 -33.35 -12.14 -35.80
CA GLY G 162 -33.57 -12.44 -34.40
C GLY G 162 -34.33 -13.70 -34.08
N GLY G 163 -34.40 -14.67 -35.00
CA GLY G 163 -35.25 -15.82 -34.73
C GLY G 163 -34.73 -16.70 -33.59
N MET G 164 -33.42 -16.98 -33.61
CA MET G 164 -32.79 -17.89 -32.64
C MET G 164 -32.98 -17.38 -31.21
N VAL G 165 -32.65 -16.11 -30.97
CA VAL G 165 -32.74 -15.53 -29.63
C VAL G 165 -34.17 -15.52 -29.12
N ASN G 166 -35.11 -15.15 -30.00
CA ASN G 166 -36.51 -15.17 -29.59
C ASN G 166 -36.99 -16.59 -29.32
N MET G 167 -36.54 -17.54 -30.17
CA MET G 167 -36.95 -18.93 -30.02
C MET G 167 -36.55 -19.50 -28.67
N VAL G 168 -35.34 -19.20 -28.23
CA VAL G 168 -34.87 -19.66 -26.94
C VAL G 168 -35.74 -19.11 -25.81
N LYS G 169 -36.02 -17.81 -25.85
CA LYS G 169 -36.74 -17.13 -24.77
C LYS G 169 -37.98 -17.90 -24.36
N GLU G 170 -38.83 -18.28 -25.31
CA GLU G 170 -40.02 -19.07 -25.01
C GLU G 170 -39.68 -20.51 -24.56
N LEU G 171 -38.67 -21.12 -25.19
CA LEU G 171 -38.26 -22.48 -24.82
C LEU G 171 -37.64 -22.49 -23.43
N THR G 172 -36.88 -21.44 -23.09
CA THR G 172 -36.22 -21.30 -21.81
C THR G 172 -37.07 -20.60 -20.75
N ALA G 173 -38.26 -20.09 -21.10
CA ALA G 173 -39.12 -19.33 -20.20
C ALA G 173 -38.37 -18.18 -19.50
N THR G 174 -37.68 -17.36 -20.29
CA THR G 174 -36.74 -16.37 -19.78
C THR G 174 -36.73 -15.14 -20.66
N ARG G 175 -36.32 -14.02 -20.07
CA ARG G 175 -36.08 -12.81 -20.85
C ARG G 175 -34.59 -12.74 -21.14
N ILE G 176 -34.24 -12.47 -22.40
CA ILE G 176 -32.82 -12.42 -22.76
C ILE G 176 -32.56 -11.21 -23.64
N ILE G 177 -31.57 -10.41 -23.27
CA ILE G 177 -31.16 -9.23 -24.05
C ILE G 177 -29.71 -9.40 -24.39
N ILE G 178 -29.38 -9.27 -25.67
CA ILE G 178 -28.03 -9.50 -26.15
C ILE G 178 -27.44 -8.20 -26.65
N GLY G 179 -26.28 -7.84 -26.12
CA GLY G 179 -25.55 -6.68 -26.59
C GLY G 179 -24.49 -7.05 -27.61
N GLN G 180 -24.25 -6.13 -28.56
CA GLN G 180 -23.28 -6.37 -29.62
C GLN G 180 -21.86 -6.50 -29.09
N ASN G 181 -21.62 -6.18 -27.84
CA ASN G 181 -20.30 -6.34 -27.29
C ASN G 181 -20.09 -7.73 -26.71
N GLY G 182 -21.05 -8.65 -26.84
CA GLY G 182 -20.92 -9.96 -26.24
C GLY G 182 -21.53 -10.18 -24.85
N LEU G 183 -22.01 -9.14 -24.18
CA LEU G 183 -22.66 -9.30 -22.89
C LEU G 183 -24.11 -9.68 -23.11
N ILE G 184 -24.57 -10.70 -22.42
CA ILE G 184 -25.94 -11.18 -22.58
C ILE G 184 -26.60 -11.17 -21.20
N TRP G 185 -27.75 -10.52 -21.11
CA TRP G 185 -28.49 -10.41 -19.87
C TRP G 185 -29.56 -11.48 -19.85
N ILE G 186 -29.61 -12.25 -18.77
CA ILE G 186 -30.54 -13.36 -18.64
C ILE G 186 -31.24 -13.25 -17.28
N ASP G 187 -32.57 -13.26 -17.29
CA ASP G 187 -33.28 -13.41 -16.03
C ASP G 187 -34.60 -14.08 -16.31
N GLY G 188 -34.78 -15.23 -15.71
CA GLY G 188 -36.02 -15.94 -15.71
C GLY G 188 -36.23 -16.63 -14.38
N PRO G 189 -36.63 -17.90 -14.42
CA PRO G 189 -36.72 -18.68 -13.19
C PRO G 189 -35.33 -19.17 -12.83
N ILE G 190 -35.27 -19.88 -11.71
CA ILE G 190 -33.97 -20.37 -11.29
C ILE G 190 -33.47 -21.46 -12.25
N GLU G 191 -34.38 -22.17 -12.92
CA GLU G 191 -34.06 -23.24 -13.87
C GLU G 191 -33.81 -22.75 -15.28
N GLY G 192 -34.75 -21.96 -15.77
CA GLY G 192 -34.67 -21.46 -17.12
C GLY G 192 -33.36 -20.73 -17.37
N VAL G 193 -32.80 -20.10 -16.35
CA VAL G 193 -31.49 -19.48 -16.55
C VAL G 193 -30.47 -20.55 -16.94
N THR G 194 -30.54 -21.76 -16.34
CA THR G 194 -29.59 -22.84 -16.64
C THR G 194 -29.70 -23.31 -18.09
N MET G 195 -30.92 -23.45 -18.59
CA MET G 195 -31.11 -23.86 -19.99
C MET G 195 -30.68 -22.78 -20.96
N ALA G 196 -31.01 -21.52 -20.66
CA ALA G 196 -30.66 -20.42 -21.56
C ALA G 196 -29.17 -20.29 -21.70
N ILE G 197 -28.46 -20.43 -20.59
CA ILE G 197 -27.01 -20.46 -20.62
C ILE G 197 -26.56 -21.67 -21.43
N ALA G 198 -27.11 -22.85 -21.11
CA ALA G 198 -26.66 -24.09 -21.74
C ALA G 198 -26.84 -24.02 -23.25
N ALA G 199 -27.94 -23.42 -23.69
CA ALA G 199 -28.16 -23.27 -25.12
C ALA G 199 -27.13 -22.33 -25.74
N ILE G 200 -26.81 -21.21 -25.08
CA ILE G 200 -25.95 -20.21 -25.70
C ILE G 200 -24.57 -20.76 -25.94
N GLU G 201 -24.05 -21.51 -24.97
CA GLU G 201 -22.73 -22.11 -25.15
C GLU G 201 -22.73 -23.15 -26.25
N MET G 202 -23.82 -23.89 -26.39
CA MET G 202 -23.90 -24.81 -27.51
C MET G 202 -23.92 -24.05 -28.82
N ILE G 203 -24.66 -22.93 -28.87
CA ILE G 203 -24.70 -22.12 -30.09
C ILE G 203 -23.36 -21.46 -30.35
N GLU G 204 -22.69 -20.95 -29.31
CA GLU G 204 -21.41 -20.28 -29.49
C GLU G 204 -20.36 -21.23 -30.05
N ARG G 205 -20.24 -22.42 -29.45
CA ARG G 205 -19.21 -23.37 -29.83
C ARG G 205 -19.46 -23.93 -31.24
N GLU G 206 -20.72 -24.16 -31.60
CA GLU G 206 -21.09 -24.97 -32.77
C GLU G 206 -21.79 -24.11 -33.82
N ALA G 207 -21.44 -22.81 -33.89
CA ALA G 207 -22.22 -21.81 -34.63
C ALA G 207 -22.26 -22.05 -36.13
N HIS G 208 -21.28 -22.81 -36.67
CA HIS G 208 -21.00 -22.92 -38.09
C HIS G 208 -21.79 -24.04 -38.80
N THR G 209 -22.56 -24.85 -38.08
CA THR G 209 -23.29 -25.94 -38.71
C THR G 209 -24.69 -25.48 -39.12
N GLU G 210 -25.16 -26.02 -40.23
CA GLU G 210 -26.55 -25.84 -40.60
C GLU G 210 -27.45 -26.57 -39.61
N GLY G 211 -28.75 -26.27 -39.68
CA GLY G 211 -29.66 -26.84 -38.73
C GLY G 211 -29.34 -26.52 -37.29
N LEU G 212 -28.53 -25.48 -37.08
CA LEU G 212 -28.25 -25.01 -35.73
C LEU G 212 -29.54 -24.69 -35.00
N THR G 213 -30.54 -24.23 -35.74
CA THR G 213 -31.84 -23.99 -35.14
C THR G 213 -32.43 -25.31 -34.62
N ALA G 214 -32.30 -26.38 -35.39
CA ALA G 214 -32.98 -27.62 -35.06
C ALA G 214 -32.37 -28.32 -33.85
N ARG G 215 -31.05 -28.27 -33.69
CA ARG G 215 -30.43 -28.80 -32.47
C ARG G 215 -30.94 -28.09 -31.20
N VAL G 216 -30.83 -26.76 -31.18
CA VAL G 216 -31.22 -25.99 -30.00
C VAL G 216 -32.65 -26.32 -29.59
N GLU G 217 -33.55 -26.49 -30.56
CA GLU G 217 -34.91 -26.86 -30.23
C GLU G 217 -34.97 -28.26 -29.61
N SER G 218 -34.27 -29.23 -30.22
CA SER G 218 -34.22 -30.58 -29.66
C SER G 218 -33.50 -30.59 -28.32
N PHE G 219 -32.39 -29.88 -28.22
CA PHE G 219 -31.64 -29.89 -26.97
C PHE G 219 -32.48 -29.35 -25.82
N LEU G 220 -33.23 -28.27 -26.07
CA LEU G 220 -34.04 -27.66 -25.03
C LEU G 220 -35.23 -28.55 -24.65
N LYS G 221 -35.81 -29.27 -25.62
CA LYS G 221 -36.97 -30.12 -25.31
C LYS G 221 -36.56 -31.32 -24.44
N GLU G 222 -35.38 -31.86 -24.69
CA GLU G 222 -34.88 -32.97 -23.89
C GLU G 222 -34.65 -32.53 -22.46
N LEU G 223 -34.06 -31.34 -22.26
CA LEU G 223 -33.75 -30.85 -20.91
C LEU G 223 -35.01 -30.64 -20.07
N LYS G 224 -36.12 -30.28 -20.69
CA LYS G 224 -37.36 -30.14 -19.94
C LYS G 224 -37.88 -31.52 -19.51
N GLY G 225 -37.82 -32.50 -20.42
CA GLY G 225 -38.30 -33.84 -20.11
C GLY G 225 -37.53 -34.65 -19.07
N GLU G 226 -36.20 -34.47 -18.97
CA GLU G 226 -35.32 -35.47 -18.35
C GLU G 226 -35.43 -35.60 -16.82
N LYS G 227 -35.91 -34.58 -16.09
CA LYS G 227 -36.23 -34.74 -14.66
C LYS G 227 -37.67 -35.20 -14.43
N ASP G 228 -38.60 -34.78 -15.28
CA ASP G 228 -40.03 -35.02 -15.12
C ASP G 228 -40.40 -36.52 -15.11
N ALA H 1 -47.63 -20.35 22.98
CA ALA H 1 -46.96 -19.07 22.66
C ALA H 1 -46.11 -18.62 23.83
N MET H 2 -45.76 -17.33 23.82
CA MET H 2 -44.88 -16.71 24.82
C MET H 2 -45.61 -15.51 25.38
N TYR H 3 -44.96 -14.86 26.34
CA TYR H 3 -45.45 -13.69 27.03
C TYR H 3 -45.48 -12.44 26.12
N GLN H 4 -46.56 -11.62 26.21
CA GLN H 4 -46.65 -10.26 25.64
C GLN H 4 -47.25 -9.31 26.67
N LEU H 5 -47.01 -8.02 26.49
CA LEU H 5 -47.45 -6.86 27.28
C LEU H 5 -48.80 -6.32 26.72
N GLY H 6 -49.25 -5.11 27.16
CA GLY H 6 -50.52 -4.61 26.70
C GLY H 6 -50.41 -3.63 25.51
N ASP H 7 -49.38 -2.73 25.44
CA ASP H 7 -49.05 -2.00 24.20
C ASP H 7 -47.63 -2.15 23.60
N VAL H 8 -46.64 -2.55 24.37
CA VAL H 8 -45.30 -2.80 23.87
C VAL H 8 -45.10 -4.29 24.02
N LYS H 9 -45.37 -5.04 22.97
CA LYS H 9 -45.47 -6.49 23.04
C LYS H 9 -44.10 -7.21 23.10
N LYS H 10 -43.47 -7.11 24.28
CA LYS H 10 -42.26 -7.84 24.73
C LYS H 10 -40.98 -7.42 23.99
N ILE H 11 -39.86 -7.71 24.62
CA ILE H 11 -38.54 -7.50 24.04
C ILE H 11 -38.20 -8.65 23.08
N VAL H 12 -37.44 -8.33 22.02
CA VAL H 12 -37.15 -9.27 20.94
C VAL H 12 -35.69 -9.17 20.47
N LEU H 13 -35.19 -10.29 20.03
CA LEU H 13 -33.88 -10.55 19.46
C LEU H 13 -33.99 -10.72 17.95
N PRO H 14 -32.90 -10.56 17.22
CA PRO H 14 -32.95 -10.84 15.79
C PRO H 14 -33.43 -12.28 15.61
N GLY H 15 -34.44 -12.44 14.74
CA GLY H 15 -34.94 -13.78 14.46
C GLY H 15 -36.05 -14.31 15.35
N ASP H 16 -36.46 -13.56 16.34
CA ASP H 16 -37.65 -13.94 17.11
C ASP H 16 -38.88 -13.83 16.18
N PRO H 17 -39.81 -14.80 16.22
CA PRO H 17 -41.04 -14.72 15.41
C PRO H 17 -42.01 -13.62 15.89
N ILE H 18 -42.62 -12.91 14.95
CA ILE H 18 -43.60 -11.90 15.32
C ILE H 18 -45.02 -12.29 14.91
N GLU H 19 -45.75 -12.87 15.87
CA GLU H 19 -47.14 -13.31 15.66
C GLU H 19 -48.20 -12.27 16.07
N VAL H 20 -48.14 -11.10 15.46
CA VAL H 20 -49.06 -10.01 15.73
C VAL H 20 -49.68 -9.52 14.42
N GLN H 21 -50.96 -9.13 14.45
CA GLN H 21 -51.60 -8.66 13.23
C GLN H 21 -51.28 -7.20 12.94
N GLY H 22 -51.10 -6.88 11.67
CA GLY H 22 -50.87 -5.49 11.33
C GLY H 22 -49.90 -5.28 10.21
N LYS H 23 -49.68 -4.04 9.83
CA LYS H 23 -48.85 -3.79 8.67
C LYS H 23 -47.43 -3.80 9.18
N MET H 24 -46.67 -4.81 8.77
CA MET H 24 -45.27 -4.92 9.15
C MET H 24 -44.46 -3.72 8.65
N ARG H 25 -43.75 -3.05 9.57
CA ARG H 25 -42.88 -1.93 9.25
C ARG H 25 -41.43 -2.21 9.68
N ASN H 26 -40.60 -1.19 9.52
CA ASN H 26 -39.16 -1.24 9.74
C ASN H 26 -38.80 -2.06 10.98
N GLY H 27 -37.89 -3.01 10.82
CA GLY H 27 -37.53 -3.87 11.92
C GLY H 27 -38.03 -5.28 11.77
N VAL H 28 -38.79 -5.57 10.75
CA VAL H 28 -39.37 -6.90 10.62
C VAL H 28 -39.15 -7.38 9.20
N TYR H 29 -38.78 -8.65 9.05
CA TYR H 29 -38.62 -9.24 7.72
C TYR H 29 -39.47 -10.49 7.57
N ARG H 30 -39.79 -10.84 6.31
CA ARG H 30 -40.56 -12.05 6.06
C ARG H 30 -39.59 -13.17 5.73
N GLY H 31 -39.62 -14.25 6.50
CA GLY H 31 -38.85 -15.48 6.31
C GLY H 31 -39.35 -16.35 5.19
N GLN H 32 -38.60 -17.42 4.91
CA GLN H 32 -38.95 -18.31 3.79
C GLN H 32 -40.25 -19.08 4.02
N ASP H 33 -40.65 -19.27 5.26
CA ASP H 33 -41.92 -19.90 5.62
C ASP H 33 -43.15 -18.95 5.60
N ASN H 34 -43.00 -17.73 5.05
CA ASN H 34 -44.00 -16.66 4.99
C ASN H 34 -44.47 -16.15 6.34
N ARG H 35 -43.70 -16.45 7.40
CA ARG H 35 -43.88 -15.86 8.73
C ARG H 35 -42.99 -14.63 8.88
N TYR H 36 -43.32 -13.77 9.84
CA TYR H 36 -42.54 -12.57 10.07
C TYR H 36 -41.63 -12.80 11.29
N TYR H 37 -40.41 -12.23 11.24
CA TYR H 37 -39.39 -12.38 12.27
C TYR H 37 -38.68 -11.04 12.52
N SER H 38 -38.18 -10.87 13.75
CA SER H 38 -37.48 -9.64 14.13
C SER H 38 -36.09 -9.48 13.50
N GLU H 39 -35.88 -8.31 12.92
CA GLU H 39 -34.60 -7.98 12.34
C GLU H 39 -33.58 -7.48 13.37
N TYR H 40 -34.01 -6.89 14.46
CA TYR H 40 -33.16 -6.21 15.39
C TYR H 40 -33.30 -6.81 16.78
N PHE H 41 -32.31 -6.59 17.62
CA PHE H 41 -32.54 -6.62 19.07
C PHE H 41 -33.15 -5.34 19.55
N GLY H 42 -34.36 -5.43 20.07
CA GLY H 42 -35.08 -4.23 20.43
C GLY H 42 -36.41 -4.59 21.03
N THR H 43 -37.31 -3.61 21.08
CA THR H 43 -38.68 -3.79 21.53
C THR H 43 -39.67 -3.84 20.39
N LEU H 44 -40.61 -4.77 20.49
CA LEU H 44 -41.62 -4.98 19.45
C LEU H 44 -42.77 -4.01 19.61
N GLN H 45 -42.41 -2.73 19.62
CA GLN H 45 -43.40 -1.70 19.73
C GLN H 45 -44.46 -1.91 18.62
N VAL H 46 -45.74 -1.82 18.99
CA VAL H 46 -46.81 -2.07 18.03
C VAL H 46 -47.78 -0.92 18.20
N ASN H 47 -47.77 -0.01 17.24
CA ASN H 47 -48.64 1.15 17.25
C ASN H 47 -49.94 0.83 16.53
N ASP H 48 -50.74 1.85 16.29
CA ASP H 48 -52.08 1.61 15.76
C ASP H 48 -51.98 1.18 14.32
N GLN H 49 -52.44 -0.06 14.07
CA GLN H 49 -52.33 -0.80 12.83
C GLN H 49 -50.91 -1.29 12.58
N PHE H 50 -49.99 -0.35 12.35
CA PHE H 50 -48.61 -0.66 12.03
C PHE H 50 -47.90 -1.39 13.19
N VAL H 51 -46.89 -2.21 12.83
CA VAL H 51 -46.20 -3.11 13.75
C VAL H 51 -44.74 -2.95 13.47
N ASP H 52 -44.00 -2.20 14.26
CA ASP H 52 -42.57 -2.03 14.03
C ASP H 52 -41.74 -3.01 14.86
N VAL H 53 -40.42 -2.86 14.81
CA VAL H 53 -39.52 -3.30 15.88
C VAL H 53 -38.52 -2.17 16.13
N VAL H 54 -38.70 -1.37 17.16
CA VAL H 54 -37.65 -0.41 17.47
C VAL H 54 -36.43 -1.10 18.10
N PRO H 55 -35.19 -0.82 17.67
CA PRO H 55 -34.00 -1.38 18.34
C PRO H 55 -33.39 -0.51 19.45
N PHE H 56 -32.49 -1.13 20.22
CA PHE H 56 -31.69 -0.41 21.24
C PHE H 56 -30.30 -0.13 20.64
N SER H 57 -30.16 1.00 19.95
CA SER H 57 -28.98 1.29 19.14
C SER H 57 -28.77 2.81 19.12
N GLY H 58 -27.94 3.23 18.17
CA GLY H 58 -27.55 4.62 17.87
C GLY H 58 -27.56 4.73 16.35
N GLN H 59 -26.52 5.28 15.72
CA GLN H 59 -26.51 5.47 14.26
C GLN H 59 -27.65 6.35 13.71
N TYR H 60 -27.67 7.64 14.10
CA TYR H 60 -28.81 8.53 13.87
C TYR H 60 -29.32 8.50 12.44
N ILE H 61 -30.56 8.06 12.29
CA ILE H 61 -31.36 8.18 11.07
C ILE H 61 -31.78 9.61 10.80
N PRO H 62 -31.29 10.24 9.74
CA PRO H 62 -31.63 11.64 9.56
C PRO H 62 -32.94 11.70 8.82
N ARG H 63 -33.89 12.52 9.26
CA ARG H 63 -35.15 12.66 8.55
C ARG H 63 -35.40 14.12 8.25
N LYS H 64 -36.25 14.35 7.25
CA LYS H 64 -36.49 15.69 6.73
C LYS H 64 -36.81 16.65 7.87
N GLY H 65 -36.21 17.81 7.83
CA GLY H 65 -36.57 18.83 8.75
C GLY H 65 -35.58 19.02 9.86
N ASP H 66 -34.76 18.00 10.16
CA ASP H 66 -33.82 18.10 11.26
C ASP H 66 -32.77 19.13 10.89
N LYS H 67 -32.40 19.97 11.86
CA LYS H 67 -31.26 20.86 11.70
C LYS H 67 -30.06 20.10 12.24
N VAL H 68 -29.00 19.93 11.43
CA VAL H 68 -27.83 19.15 11.83
C VAL H 68 -26.56 19.94 11.59
N ILE H 69 -25.49 19.56 12.34
CA ILE H 69 -24.12 19.97 12.11
C ILE H 69 -23.38 18.82 11.42
N GLY H 70 -22.59 19.17 10.40
CA GLY H 70 -21.88 18.17 9.60
C GLY H 70 -20.53 18.68 9.13
N LYS H 71 -19.60 17.75 8.95
CA LYS H 71 -18.27 18.04 8.43
C LYS H 71 -18.23 17.75 6.94
N VAL H 72 -17.83 18.75 6.15
CA VAL H 72 -17.67 18.56 4.72
C VAL H 72 -16.48 17.64 4.47
N ILE H 73 -16.71 16.56 3.74
CA ILE H 73 -15.65 15.62 3.47
C ILE H 73 -15.21 15.67 2.04
N GLU H 74 -16.07 16.14 1.15
CA GLU H 74 -15.62 16.23 -0.22
C GLU H 74 -16.28 17.42 -0.87
N VAL H 75 -15.52 18.08 -1.74
CA VAL H 75 -15.93 19.21 -2.54
C VAL H 75 -16.01 18.69 -3.97
N GLY H 76 -17.22 18.53 -4.49
CA GLY H 76 -17.47 18.18 -5.88
C GLY H 76 -17.56 19.38 -6.81
N PRO H 77 -17.83 19.13 -8.11
CA PRO H 77 -17.97 20.26 -9.03
C PRO H 77 -19.28 21.03 -8.83
N SER H 78 -20.33 20.33 -8.38
CA SER H 78 -21.59 20.99 -8.11
C SER H 78 -22.22 20.65 -6.75
N THR H 79 -21.66 19.71 -5.99
CA THR H 79 -22.20 19.33 -4.70
C THR H 79 -21.07 19.17 -3.71
N TRP H 80 -21.38 19.41 -2.45
CA TRP H 80 -20.54 19.05 -1.31
C TRP H 80 -21.09 17.76 -0.71
N THR H 81 -20.19 16.83 -0.38
CA THR H 81 -20.50 15.66 0.44
C THR H 81 -20.25 15.97 1.92
N VAL H 82 -21.30 15.78 2.73
CA VAL H 82 -21.26 16.13 4.14
C VAL H 82 -21.60 14.92 5.03
N ASP H 83 -20.71 14.62 5.97
CA ASP H 83 -20.93 13.55 6.93
C ASP H 83 -21.77 14.10 8.09
N ILE H 84 -22.97 13.58 8.25
CA ILE H 84 -23.94 14.02 9.25
C ILE H 84 -24.04 13.01 10.38
N ASN H 85 -23.01 12.21 10.58
CA ASN H 85 -23.04 11.11 11.53
C ASN H 85 -24.18 10.13 11.28
N SER H 86 -24.29 9.71 10.04
CA SER H 86 -25.39 8.85 9.68
C SER H 86 -24.75 7.82 8.77
N PRO H 87 -25.41 6.67 8.57
CA PRO H 87 -24.79 5.60 7.79
C PRO H 87 -24.40 6.03 6.40
N TYR H 88 -25.02 7.09 5.86
CA TYR H 88 -24.72 7.57 4.51
C TYR H 88 -24.42 9.05 4.59
N PHE H 89 -23.51 9.46 3.75
CA PHE H 89 -23.16 10.85 3.70
C PHE H 89 -24.28 11.63 3.01
N ALA H 90 -24.39 12.90 3.38
CA ALA H 90 -25.41 13.79 2.86
C ALA H 90 -24.80 14.72 1.81
N MET H 91 -25.65 15.20 0.90
CA MET H 91 -25.23 16.07 -0.21
C MET H 91 -25.79 17.49 -0.09
N LEU H 92 -24.95 18.48 -0.32
CA LEU H 92 -25.37 19.88 -0.31
C LEU H 92 -25.15 20.43 -1.72
N HIS H 93 -26.24 20.68 -2.43
CA HIS H 93 -26.04 21.16 -3.78
C HIS H 93 -25.64 22.64 -3.73
N MET H 94 -24.94 23.09 -4.78
CA MET H 94 -24.52 24.51 -4.86
C MET H 94 -25.73 25.43 -4.94
N ASN H 95 -26.84 24.97 -5.52
CA ASN H 95 -28.05 25.76 -5.65
C ASN H 95 -28.82 25.88 -4.34
N ASP H 96 -28.46 25.09 -3.32
CA ASP H 96 -29.14 25.10 -2.03
C ASP H 96 -28.36 25.92 -1.02
N THR H 97 -27.47 26.78 -1.52
CA THR H 97 -26.73 27.73 -0.71
C THR H 97 -27.13 29.16 -1.02
N PRO H 98 -26.92 30.08 -0.06
CA PRO H 98 -27.16 31.50 -0.29
C PRO H 98 -26.08 32.20 -1.08
N TRP H 99 -25.02 31.50 -1.47
CA TRP H 99 -23.89 32.07 -2.22
C TRP H 99 -24.09 31.95 -3.73
N ARG H 100 -23.74 33.03 -4.43
CA ARG H 100 -23.69 33.04 -5.90
C ARG H 100 -22.30 32.57 -6.34
N MET H 101 -22.24 31.35 -6.86
CA MET H 101 -21.03 30.75 -7.39
C MET H 101 -21.31 30.15 -8.77
N SER H 102 -20.27 30.08 -9.59
CA SER H 102 -20.24 29.28 -10.81
C SER H 102 -19.74 27.88 -10.50
N SER H 103 -20.05 26.92 -11.39
CA SER H 103 -19.64 25.54 -11.15
C SER H 103 -18.13 25.42 -11.06
N GLY H 104 -17.64 24.66 -10.08
CA GLY H 104 -16.21 24.53 -9.87
C GLY H 104 -15.64 25.51 -8.88
N ASP H 105 -16.41 26.52 -8.46
CA ASP H 105 -16.00 27.54 -7.50
C ASP H 105 -16.34 27.14 -6.08
N LEU H 106 -16.70 25.88 -5.85
CA LEU H 106 -17.23 25.49 -4.55
C LEU H 106 -16.18 25.65 -3.46
N LYS H 107 -14.89 25.50 -3.79
CA LYS H 107 -13.84 25.65 -2.78
C LYS H 107 -13.69 27.08 -2.27
N ARG H 108 -14.22 28.10 -2.95
CA ARG H 108 -14.12 29.43 -2.36
C ARG H 108 -15.01 29.58 -1.14
N TYR H 109 -16.13 28.86 -1.09
CA TYR H 109 -17.15 29.04 -0.05
C TYR H 109 -17.09 27.98 1.06
N LEU H 110 -17.06 26.68 0.68
CA LEU H 110 -16.92 25.55 1.61
C LEU H 110 -15.83 24.62 1.12
N ASN H 111 -14.84 24.38 1.96
CA ASN H 111 -13.80 23.37 1.77
C ASN H 111 -14.11 22.13 2.58
N ALA H 112 -13.43 21.04 2.22
CA ALA H 112 -13.49 19.87 3.08
C ALA H 112 -12.98 20.20 4.48
N GLY H 113 -13.41 19.41 5.46
CA GLY H 113 -13.14 19.69 6.86
C GLY H 113 -14.00 20.77 7.49
N ASP H 114 -14.60 21.69 6.72
CA ASP H 114 -15.44 22.75 7.27
C ASP H 114 -16.73 22.19 7.87
N TYR H 115 -17.19 22.80 8.97
CA TYR H 115 -18.43 22.40 9.63
C TYR H 115 -19.56 23.36 9.23
N ILE H 116 -20.77 22.83 9.01
CA ILE H 116 -21.95 23.62 8.66
C ILE H 116 -23.14 23.28 9.55
N TYR H 117 -23.98 24.28 9.82
CA TYR H 117 -25.24 24.04 10.50
C TYR H 117 -26.27 24.18 9.36
N ALA H 118 -26.81 23.05 8.88
CA ALA H 118 -27.83 22.99 7.83
C ALA H 118 -29.05 22.20 8.28
N LYS H 119 -30.00 22.17 7.35
CA LYS H 119 -31.28 21.51 7.51
C LYS H 119 -31.40 20.42 6.47
N ILE H 120 -31.97 19.30 6.91
CA ILE H 120 -32.16 18.11 6.07
C ILE H 120 -33.32 18.42 5.12
N MET H 121 -33.03 18.57 3.83
CA MET H 121 -34.05 18.86 2.84
C MET H 121 -34.88 17.62 2.55
N SER H 122 -34.21 16.48 2.34
CA SER H 122 -34.88 15.27 1.92
C SER H 122 -34.07 14.04 2.32
N VAL H 123 -34.78 12.94 2.51
CA VAL H 123 -34.22 11.63 2.79
C VAL H 123 -34.87 10.65 1.82
N ASN H 124 -34.08 10.07 0.93
CA ASN H 124 -34.57 9.02 0.03
C ASN H 124 -34.58 7.69 0.78
N GLU H 125 -34.94 6.65 0.07
CA GLU H 125 -35.16 5.36 0.70
C GLU H 125 -33.90 4.81 1.35
N ILE H 126 -32.72 5.22 0.88
CA ILE H 126 -31.44 4.65 1.30
C ILE H 126 -30.84 5.45 2.47
N LYS H 127 -31.62 6.38 3.07
CA LYS H 127 -31.22 7.38 4.08
C LYS H 127 -30.23 8.43 3.62
N GLU H 128 -30.03 8.57 2.29
CA GLU H 128 -29.18 9.62 1.74
C GLU H 128 -29.86 10.97 1.83
N SER H 129 -29.13 11.92 2.36
CA SER H 129 -29.66 13.19 2.80
C SER H 129 -29.24 14.29 1.84
N TRP H 130 -30.13 15.21 1.50
CA TRP H 130 -29.76 16.43 0.79
C TRP H 130 -29.93 17.63 1.71
N LEU H 131 -28.93 18.52 1.70
CA LEU H 131 -28.87 19.61 2.65
C LEU H 131 -29.19 20.93 1.95
N THR H 132 -29.52 21.95 2.79
CA THR H 132 -29.65 23.35 2.39
C THR H 132 -29.10 24.28 3.46
N LEU H 133 -28.66 25.46 2.98
CA LEU H 133 -28.17 26.56 3.79
C LEU H 133 -28.93 27.85 3.54
N LYS H 134 -30.05 27.82 2.81
CA LYS H 134 -30.67 29.06 2.42
C LYS H 134 -31.48 29.68 3.55
N GLU H 135 -31.88 28.92 4.54
CA GLU H 135 -32.77 29.52 5.52
C GLU H 135 -31.96 30.34 6.54
N PRO H 136 -32.57 31.35 7.12
CA PRO H 136 -31.86 32.19 8.11
C PRO H 136 -31.37 31.39 9.31
N GLY H 137 -30.15 31.68 9.73
CA GLY H 137 -29.52 31.02 10.86
C GLY H 137 -28.66 29.81 10.50
N LEU H 138 -28.90 29.18 9.35
CA LEU H 138 -28.01 28.14 8.86
C LEU H 138 -26.78 28.79 8.28
N LYS H 139 -25.62 28.26 8.64
CA LYS H 139 -24.38 28.90 8.22
C LYS H 139 -23.19 27.96 8.41
N LYS H 140 -22.09 28.34 7.78
CA LYS H 140 -20.79 27.76 8.06
C LYS H 140 -20.35 28.09 9.49
N LEU H 141 -19.74 27.13 10.15
CA LEU H 141 -19.20 27.30 11.49
C LEU H 141 -17.69 27.48 11.39
N GLU H 142 -17.19 28.61 11.88
CA GLU H 142 -15.77 28.88 11.88
C GLU H 142 -15.31 29.01 13.34
N GLY H 143 -14.18 28.38 13.66
CA GLY H 143 -13.57 28.40 14.98
C GLY H 143 -14.36 27.59 15.98
N GLY H 144 -13.94 27.68 17.23
CA GLY H 144 -14.63 26.96 18.27
C GLY H 144 -14.22 25.51 18.38
N HIS H 145 -14.97 24.81 19.22
CA HIS H 145 -14.72 23.41 19.56
C HIS H 145 -15.96 22.59 19.26
N MET H 146 -15.73 21.43 18.66
CA MET H 146 -16.79 20.52 18.30
C MET H 146 -16.83 19.41 19.34
N VAL H 147 -18.05 19.06 19.80
CA VAL H 147 -18.31 17.97 20.74
C VAL H 147 -19.32 17.00 20.10
N LEU H 148 -19.11 15.70 20.32
CA LEU H 148 -20.03 14.65 19.89
C LEU H 148 -20.69 13.98 21.08
N ILE H 149 -22.04 13.94 21.06
CA ILE H 149 -22.84 13.21 22.02
C ILE H 149 -23.80 12.29 21.28
N HIS H 150 -24.36 11.32 22.01
CA HIS H 150 -25.38 10.48 21.42
C HIS H 150 -26.59 11.32 21.08
N ALA H 151 -27.10 11.13 19.85
CA ALA H 151 -28.25 11.92 19.40
C ALA H 151 -29.49 11.67 20.26
N SER H 152 -29.60 10.49 20.89
CA SER H 152 -30.79 10.19 21.69
C SER H 152 -30.90 11.03 22.95
N ARG H 153 -29.82 11.63 23.39
CA ARG H 153 -29.86 12.57 24.49
C ARG H 153 -29.94 14.03 24.04
N VAL H 154 -29.84 14.31 22.73
CA VAL H 154 -29.94 15.71 22.28
C VAL H 154 -31.23 16.37 22.67
N PRO H 155 -32.41 15.73 22.56
CA PRO H 155 -33.66 16.44 22.88
C PRO H 155 -33.76 17.01 24.31
N ARG H 156 -33.16 16.34 25.31
CA ARG H 156 -33.14 16.85 26.69
C ARG H 156 -32.14 18.00 26.84
N VAL H 157 -31.01 17.92 26.13
CA VAL H 157 -30.00 18.97 26.18
C VAL H 157 -30.53 20.28 25.59
N ILE H 158 -31.30 20.21 24.51
CA ILE H 158 -31.94 21.41 23.98
C ILE H 158 -33.02 21.88 24.95
N GLY H 159 -33.89 20.94 25.38
CA GLY H 159 -34.95 21.21 26.32
C GLY H 159 -36.18 21.81 25.65
N LYS H 160 -37.24 21.90 26.44
CA LYS H 160 -38.49 22.43 25.93
C LYS H 160 -38.28 23.89 25.51
N GLY H 161 -38.52 24.18 24.23
CA GLY H 161 -38.43 25.53 23.74
C GLY H 161 -37.04 26.14 23.73
N GLY H 162 -36.00 25.33 23.82
CA GLY H 162 -34.64 25.85 23.91
C GLY H 162 -34.28 26.49 25.23
N GLY H 163 -34.99 26.15 26.31
CA GLY H 163 -34.68 26.77 27.58
C GLY H 163 -33.32 26.36 28.12
N MET H 164 -33.04 25.06 28.12
CA MET H 164 -31.82 24.54 28.72
C MET H 164 -30.57 25.07 28.04
N VAL H 165 -30.54 24.99 26.69
CA VAL H 165 -29.41 25.45 25.86
C VAL H 165 -29.15 26.96 26.00
N ASN H 166 -30.20 27.77 26.00
CA ASN H 166 -30.01 29.19 26.24
C ASN H 166 -29.50 29.41 27.66
N MET H 167 -30.18 28.82 28.66
CA MET H 167 -29.82 29.06 30.06
C MET H 167 -28.34 28.84 30.30
N VAL H 168 -27.79 27.79 29.71
CA VAL H 168 -26.36 27.52 29.83
C VAL H 168 -25.53 28.64 29.23
N LYS H 169 -25.91 29.13 28.05
CA LYS H 169 -25.09 30.09 27.31
C LYS H 169 -24.64 31.24 28.23
N GLU H 170 -25.60 31.88 28.94
CA GLU H 170 -25.30 33.01 29.82
C GLU H 170 -24.44 32.64 31.03
N LEU H 171 -24.72 31.51 31.64
CA LEU H 171 -23.91 31.10 32.79
C LEU H 171 -22.51 30.78 32.29
N THR H 172 -22.43 30.16 31.10
CA THR H 172 -21.16 29.74 30.51
C THR H 172 -20.52 30.79 29.59
N ALA H 173 -21.16 31.92 29.32
CA ALA H 173 -20.60 33.00 28.49
C ALA H 173 -20.06 32.52 27.12
N THR H 174 -20.88 31.75 26.42
CA THR H 174 -20.45 31.08 25.19
C THR H 174 -21.60 31.07 24.22
N ARG H 175 -21.25 30.87 22.94
CA ARG H 175 -22.21 30.62 21.87
C ARG H 175 -22.24 29.12 21.63
N ILE H 176 -23.44 28.55 21.54
CA ILE H 176 -23.61 27.10 21.47
C ILE H 176 -24.63 26.79 20.39
N ILE H 177 -24.25 25.88 19.48
CA ILE H 177 -25.15 25.37 18.43
C ILE H 177 -25.24 23.86 18.59
N ILE H 178 -26.47 23.34 18.68
CA ILE H 178 -26.75 21.91 18.83
C ILE H 178 -27.42 21.38 17.58
N GLY H 179 -26.84 20.32 17.05
CA GLY H 179 -27.41 19.55 15.97
C GLY H 179 -28.23 18.39 16.49
N GLN H 180 -29.30 18.07 15.72
CA GLN H 180 -30.13 16.90 15.99
C GLN H 180 -29.38 15.60 15.84
N ASN H 181 -28.23 15.65 15.19
CA ASN H 181 -27.34 14.53 15.00
C ASN H 181 -26.34 14.29 16.13
N GLY H 182 -26.39 15.05 17.22
CA GLY H 182 -25.49 14.86 18.34
C GLY H 182 -24.23 15.70 18.32
N LEU H 183 -23.94 16.40 17.22
CA LEU H 183 -22.84 17.35 17.16
C LEU H 183 -23.26 18.67 17.74
N ILE H 184 -22.43 19.20 18.62
CA ILE H 184 -22.68 20.48 19.26
C ILE H 184 -21.47 21.37 19.02
N TRP H 185 -21.70 22.56 18.47
CA TRP H 185 -20.65 23.53 18.25
C TRP H 185 -20.61 24.53 19.40
N ILE H 186 -19.42 24.73 19.95
CA ILE H 186 -19.19 25.53 21.13
C ILE H 186 -18.05 26.46 20.82
N ASP H 187 -18.25 27.75 21.05
CA ASP H 187 -17.16 28.69 20.91
C ASP H 187 -17.41 29.89 21.80
N GLY H 188 -16.48 30.14 22.70
CA GLY H 188 -16.61 31.25 23.60
C GLY H 188 -15.28 31.89 23.85
N PRO H 189 -14.96 32.16 25.11
CA PRO H 189 -13.57 32.37 25.47
C PRO H 189 -12.94 31.01 25.70
N ILE H 190 -11.62 31.04 25.94
CA ILE H 190 -10.85 29.81 26.14
C ILE H 190 -11.36 29.11 27.39
N GLU H 191 -11.90 29.88 28.33
CA GLU H 191 -12.48 29.39 29.57
C GLU H 191 -13.91 29.01 29.33
N GLY H 192 -14.68 29.92 28.73
CA GLY H 192 -16.10 29.68 28.61
C GLY H 192 -16.39 28.32 27.98
N VAL H 193 -15.54 27.87 27.07
CA VAL H 193 -15.82 26.59 26.43
C VAL H 193 -15.79 25.46 27.44
N THR H 194 -14.94 25.55 28.47
CA THR H 194 -14.74 24.48 29.46
C THR H 194 -15.99 24.26 30.30
N MET H 195 -16.59 25.33 30.80
CA MET H 195 -17.82 25.15 31.57
C MET H 195 -18.91 24.56 30.71
N ALA H 196 -19.04 25.05 29.47
CA ALA H 196 -20.12 24.61 28.57
C ALA H 196 -20.05 23.12 28.34
N ILE H 197 -18.85 22.61 28.17
CA ILE H 197 -18.64 21.18 28.00
C ILE H 197 -19.07 20.43 29.27
N ALA H 198 -18.60 20.89 30.43
CA ALA H 198 -18.83 20.20 31.69
C ALA H 198 -20.31 20.03 31.95
N ALA H 199 -21.08 21.06 31.60
CA ALA H 199 -22.52 21.06 31.76
C ALA H 199 -23.21 20.03 30.86
N ILE H 200 -22.83 19.99 29.57
CA ILE H 200 -23.48 19.07 28.64
C ILE H 200 -23.24 17.61 29.03
N GLU H 201 -22.01 17.29 29.41
CA GLU H 201 -21.73 15.93 29.84
C GLU H 201 -22.52 15.54 31.09
N MET H 202 -22.73 16.47 32.00
CA MET H 202 -23.62 16.19 33.09
C MET H 202 -25.05 16.00 32.61
N ILE H 203 -25.50 16.83 31.66
CA ILE H 203 -26.87 16.71 31.15
C ILE H 203 -27.07 15.40 30.40
N GLU H 204 -26.11 15.04 29.54
CA GLU H 204 -26.28 13.81 28.75
C GLU H 204 -26.29 12.60 29.67
N ARG H 205 -25.31 12.53 30.57
CA ARG H 205 -25.22 11.40 31.47
C ARG H 205 -26.43 11.37 32.41
N GLU H 206 -26.71 12.50 33.08
CA GLU H 206 -27.91 12.55 33.92
C GLU H 206 -29.11 13.12 33.16
N ALA H 207 -29.49 12.53 32.03
CA ALA H 207 -30.77 12.93 31.41
C ALA H 207 -31.93 12.05 31.85
N HIS H 208 -32.12 11.88 33.16
CA HIS H 208 -33.39 11.36 33.62
C HIS H 208 -34.04 12.28 34.64
N THR H 209 -33.25 12.89 35.53
CA THR H 209 -33.77 13.74 36.62
C THR H 209 -34.72 14.84 36.11
N GLU H 210 -35.88 14.99 36.78
CA GLU H 210 -36.85 16.04 36.43
C GLU H 210 -36.32 17.43 36.72
N GLY H 211 -35.51 17.54 37.77
CA GLY H 211 -35.01 18.81 38.23
C GLY H 211 -33.69 19.07 37.54
N LEU H 212 -33.55 18.51 36.33
CA LEU H 212 -32.33 18.67 35.53
C LEU H 212 -31.93 20.12 35.42
N THR H 213 -32.88 20.97 35.06
CA THR H 213 -32.62 22.39 34.95
C THR H 213 -31.92 22.92 36.20
N ALA H 214 -32.48 22.63 37.37
CA ALA H 214 -31.91 23.07 38.64
C ALA H 214 -30.45 22.72 38.82
N ARG H 215 -30.12 21.42 38.80
CA ARG H 215 -28.73 20.98 38.99
C ARG H 215 -27.80 21.65 37.99
N VAL H 216 -28.15 21.59 36.72
CA VAL H 216 -27.28 22.12 35.68
C VAL H 216 -27.02 23.62 35.88
N GLU H 217 -28.06 24.37 36.30
CA GLU H 217 -27.89 25.79 36.62
C GLU H 217 -26.98 25.97 37.83
N SER H 218 -27.21 25.17 38.88
CA SER H 218 -26.39 25.25 40.10
C SER H 218 -24.98 24.76 39.84
N PHE H 219 -24.84 23.65 39.12
CA PHE H 219 -23.50 23.12 38.82
C PHE H 219 -22.67 24.14 38.06
N LEU H 220 -23.30 24.86 37.12
CA LEU H 220 -22.59 25.93 36.42
C LEU H 220 -22.30 27.11 37.34
N LYS H 221 -23.22 27.42 38.26
CA LYS H 221 -22.95 28.48 39.22
C LYS H 221 -21.85 28.07 40.20
N GLU H 222 -21.81 26.79 40.58
CA GLU H 222 -20.75 26.31 41.47
C GLU H 222 -19.37 26.40 40.83
N LEU H 223 -19.26 26.00 39.56
CA LEU H 223 -18.02 26.23 38.80
C LEU H 223 -17.74 27.72 38.62
N LYS H 224 -18.80 28.53 38.50
CA LYS H 224 -18.69 29.98 38.40
C LYS H 224 -18.27 30.61 39.72
N GLY H 225 -18.89 30.20 40.83
CA GLY H 225 -18.53 30.72 42.14
C GLY H 225 -17.13 30.36 42.58
N GLU H 226 -16.61 29.20 42.13
CA GLU H 226 -15.29 28.71 42.53
C GLU H 226 -14.14 29.48 41.88
N LYS H 227 -14.39 30.23 40.81
CA LYS H 227 -13.38 31.15 40.25
C LYS H 227 -13.39 32.49 40.96
N LYS I 10 18.10 46.57 5.40
CA LYS I 10 18.39 45.61 6.45
C LYS I 10 17.94 44.12 6.22
N ILE I 11 18.85 43.13 6.44
CA ILE I 11 18.52 41.70 6.42
C ILE I 11 17.84 41.27 7.73
N VAL I 12 16.84 40.38 7.65
CA VAL I 12 16.16 39.82 8.82
C VAL I 12 16.02 38.29 8.79
N LEU I 13 16.05 37.72 9.97
CA LEU I 13 15.81 36.29 10.12
C LEU I 13 14.41 36.06 10.68
N PRO I 14 13.86 34.87 10.50
CA PRO I 14 12.58 34.62 11.15
C PRO I 14 12.69 34.85 12.66
N GLY I 15 11.76 35.64 13.16
CA GLY I 15 11.75 36.07 14.54
C GLY I 15 12.51 37.31 14.88
N ASP I 16 13.19 37.94 13.96
CA ASP I 16 13.82 39.20 14.31
C ASP I 16 12.73 40.26 14.57
N PRO I 17 12.89 41.09 15.62
CA PRO I 17 11.89 42.13 15.91
C PRO I 17 11.92 43.21 14.86
N ILE I 18 10.75 43.69 14.43
CA ILE I 18 10.69 44.77 13.45
C ILE I 18 10.14 46.00 14.16
N GLU I 19 11.06 46.88 14.59
CA GLU I 19 10.75 48.17 15.22
C GLU I 19 10.70 49.35 14.21
N VAL I 20 9.82 49.25 13.24
CA VAL I 20 9.59 50.30 12.25
C VAL I 20 8.10 50.71 12.24
N GLN I 21 7.85 52.00 12.05
CA GLN I 21 6.49 52.50 11.96
C GLN I 21 5.91 52.33 10.56
N GLY I 22 4.63 51.97 10.49
CA GLY I 22 3.97 51.77 9.23
C GLY I 22 2.98 50.62 9.25
N LYS I 23 2.29 50.44 8.13
CA LYS I 23 1.24 49.43 8.05
C LYS I 23 1.94 48.12 7.72
N MET I 24 1.96 47.18 8.69
CA MET I 24 2.64 45.91 8.42
C MET I 24 2.03 45.17 7.23
N ARG I 25 2.78 45.04 6.13
CA ARG I 25 2.38 44.30 4.94
C ARG I 25 2.98 42.87 5.03
N ASN I 26 2.68 42.04 4.02
CA ASN I 26 3.03 40.61 4.04
C ASN I 26 4.50 40.46 4.40
N GLY I 27 4.76 39.62 5.39
CA GLY I 27 6.13 39.44 5.81
C GLY I 27 6.33 39.58 7.30
N VAL I 28 5.39 40.16 8.02
CA VAL I 28 5.56 40.36 9.45
C VAL I 28 4.41 39.70 10.22
N TYR I 29 4.65 39.35 11.47
CA TYR I 29 3.56 38.91 12.31
C TYR I 29 3.60 39.60 13.67
N ARG I 30 2.44 39.66 14.32
CA ARG I 30 2.32 40.31 15.62
C ARG I 30 2.45 39.20 16.66
N GLY I 31 3.46 39.32 17.54
CA GLY I 31 3.75 38.36 18.57
C GLY I 31 2.77 38.46 19.71
N GLN I 32 2.88 37.54 20.66
CA GLN I 32 1.93 37.58 21.78
C GLN I 32 2.11 38.81 22.65
N ASP I 33 3.30 39.38 22.64
CA ASP I 33 3.67 40.63 23.32
C ASP I 33 3.28 41.89 22.53
N ASN I 34 2.47 41.74 21.49
CA ASN I 34 1.93 42.83 20.64
C ASN I 34 3.02 43.61 19.94
N ARG I 35 4.23 43.05 19.88
CA ARG I 35 5.30 43.53 19.02
C ARG I 35 5.26 42.80 17.68
N TYR I 36 5.92 43.40 16.70
CA TYR I 36 5.95 42.81 15.38
C TYR I 36 7.29 42.09 15.14
N TYR I 37 7.23 40.96 14.44
CA TYR I 37 8.42 40.17 14.21
C TYR I 37 8.42 39.66 12.76
N SER I 38 9.63 39.42 12.25
CA SER I 38 9.81 38.96 10.88
C SER I 38 9.34 37.55 10.73
N GLU I 39 8.55 37.32 9.69
CA GLU I 39 8.14 35.97 9.36
C GLU I 39 9.20 35.18 8.57
N TYR I 40 10.05 35.86 7.80
CA TYR I 40 10.87 35.18 6.84
C TYR I 40 12.31 35.46 7.18
N PHE I 41 13.18 34.60 6.69
CA PHE I 41 14.53 35.05 6.37
C PHE I 41 14.53 35.77 5.05
N GLY I 42 14.85 37.05 5.11
CA GLY I 42 14.73 37.89 3.94
C GLY I 42 15.16 39.30 4.25
N THR I 43 14.69 40.24 3.43
CA THR I 43 15.13 41.62 3.48
C THR I 43 13.98 42.50 3.96
N LEU I 44 14.27 43.35 4.96
CA LEU I 44 13.27 44.31 5.36
C LEU I 44 13.19 45.40 4.29
N GLN I 45 12.01 45.55 3.71
CA GLN I 45 11.72 46.63 2.81
C GLN I 45 10.79 47.58 3.54
N VAL I 46 10.64 48.79 3.02
CA VAL I 46 9.84 49.85 3.62
C VAL I 46 9.47 50.77 2.48
N ASN I 47 8.20 51.18 2.43
CA ASN I 47 7.78 52.32 1.62
C ASN I 47 6.97 53.22 2.56
N ASP I 48 6.54 54.38 2.05
CA ASP I 48 5.95 55.42 2.89
C ASP I 48 4.74 54.94 3.70
N GLN I 49 4.12 53.88 3.27
CA GLN I 49 2.88 53.38 3.84
C GLN I 49 3.01 52.00 4.45
N PHE I 50 3.92 51.16 3.96
CA PHE I 50 3.86 49.71 4.20
C PHE I 50 5.27 49.20 4.49
N VAL I 51 5.33 48.18 5.35
CA VAL I 51 6.57 47.58 5.85
C VAL I 51 6.51 46.08 5.53
N ASP I 52 7.65 45.52 5.12
CA ASP I 52 7.69 44.21 4.49
C ASP I 52 8.94 43.45 4.86
N VAL I 53 8.82 42.13 4.83
CA VAL I 53 9.95 41.25 4.68
C VAL I 53 9.85 40.60 3.30
N VAL I 54 10.85 40.79 2.46
CA VAL I 54 10.83 40.07 1.20
C VAL I 54 11.75 38.86 1.26
N PRO I 55 11.22 37.64 1.42
CA PRO I 55 12.09 36.45 1.60
C PRO I 55 13.18 36.29 0.53
N PHE I 56 14.35 35.84 0.99
CA PHE I 56 15.50 35.76 0.11
C PHE I 56 15.34 34.67 -0.88
N SER I 57 14.60 33.64 -0.51
CA SER I 57 14.44 32.43 -1.28
C SER I 57 13.42 32.67 -2.38
N GLY I 58 13.09 31.60 -3.10
CA GLY I 58 12.06 31.56 -4.12
C GLY I 58 10.68 31.20 -3.57
N GLN I 59 10.01 30.18 -4.13
CA GLN I 59 8.56 29.91 -3.97
C GLN I 59 7.69 31.09 -4.42
N TYR I 60 7.78 31.37 -5.70
CA TYR I 60 7.12 32.54 -6.28
C TYR I 60 5.62 32.52 -6.02
N ILE I 61 5.07 33.71 -5.79
CA ILE I 61 3.68 33.84 -5.35
C ILE I 61 2.97 34.52 -6.49
N PRO I 62 1.73 34.13 -6.77
CA PRO I 62 0.96 34.75 -7.84
C PRO I 62 0.15 35.92 -7.31
N ARG I 63 -0.01 36.90 -8.18
CA ARG I 63 -0.92 38.00 -7.89
C ARG I 63 -1.55 38.43 -9.21
N LYS I 64 -2.76 38.96 -9.07
CA LYS I 64 -3.61 39.29 -10.20
C LYS I 64 -2.82 40.12 -11.21
N GLY I 65 -2.98 39.77 -12.47
CA GLY I 65 -2.38 40.50 -13.56
C GLY I 65 -1.23 39.81 -14.23
N ASP I 66 -0.57 38.84 -13.59
CA ASP I 66 0.60 38.24 -14.22
C ASP I 66 0.19 37.38 -15.41
N LYS I 67 0.94 37.48 -16.50
CA LYS I 67 0.86 36.48 -17.56
C LYS I 67 1.88 35.42 -17.18
N VAL I 68 1.43 34.17 -17.09
CA VAL I 68 2.25 33.06 -16.62
C VAL I 68 2.11 31.92 -17.60
N ILE I 69 3.12 31.03 -17.61
CA ILE I 69 3.02 29.72 -18.24
C ILE I 69 2.77 28.70 -17.14
N GLY I 70 1.95 27.72 -17.45
CA GLY I 70 1.53 26.75 -16.46
C GLY I 70 1.35 25.39 -17.11
N LYS I 71 1.51 24.36 -16.31
CA LYS I 71 1.23 23.01 -16.72
C LYS I 71 -0.15 22.62 -16.22
N VAL I 72 -1.02 22.20 -17.15
CA VAL I 72 -2.30 21.59 -16.81
C VAL I 72 -2.02 20.26 -16.13
N ILE I 73 -2.53 20.09 -14.92
CA ILE I 73 -2.35 18.84 -14.21
C ILE I 73 -3.62 18.01 -14.14
N GLU I 74 -4.79 18.62 -14.29
CA GLU I 74 -6.00 17.82 -14.24
C GLU I 74 -7.01 18.44 -15.18
N VAL I 75 -7.83 17.57 -15.79
CA VAL I 75 -8.94 18.01 -16.65
C VAL I 75 -10.24 17.63 -15.93
N GLY I 76 -10.95 18.65 -15.41
CA GLY I 76 -12.26 18.49 -14.80
C GLY I 76 -13.43 18.62 -15.76
N PRO I 77 -14.65 18.49 -15.21
CA PRO I 77 -15.83 18.62 -16.08
C PRO I 77 -16.04 20.03 -16.56
N SER I 78 -15.63 21.05 -15.80
CA SER I 78 -15.73 22.43 -16.27
C SER I 78 -14.45 23.25 -16.12
N THR I 79 -13.44 22.75 -15.41
CA THR I 79 -12.25 23.52 -15.07
C THR I 79 -11.02 22.66 -15.28
N TRP I 80 -9.92 23.34 -15.65
CA TRP I 80 -8.58 22.76 -15.65
C TRP I 80 -7.78 23.23 -14.42
N THR I 81 -7.07 22.29 -13.79
CA THR I 81 -6.12 22.60 -12.73
C THR I 81 -4.71 22.82 -13.30
N VAL I 82 -4.12 23.97 -13.04
CA VAL I 82 -2.90 24.44 -13.68
C VAL I 82 -1.85 24.67 -12.62
N ASP I 83 -0.68 24.04 -12.80
CA ASP I 83 0.48 24.32 -11.97
C ASP I 83 1.22 25.55 -12.49
N ILE I 84 1.19 26.63 -11.73
CA ILE I 84 1.82 27.87 -12.09
C ILE I 84 3.08 28.09 -11.25
N ASN I 85 3.67 27.02 -10.74
CA ASN I 85 4.84 27.13 -9.86
C ASN I 85 4.57 28.01 -8.67
N SER I 86 3.48 27.70 -7.99
CA SER I 86 3.12 28.42 -6.79
C SER I 86 2.65 27.39 -5.80
N PRO I 87 2.63 27.73 -4.51
CA PRO I 87 2.21 26.73 -3.51
C PRO I 87 0.83 26.18 -3.75
N TYR I 88 -0.01 26.90 -4.48
CA TYR I 88 -1.36 26.44 -4.75
C TYR I 88 -1.59 26.48 -6.25
N PHE I 89 -2.37 25.54 -6.73
CA PHE I 89 -2.63 25.49 -8.14
C PHE I 89 -3.58 26.61 -8.49
N ALA I 90 -3.53 27.00 -9.75
CA ALA I 90 -4.41 28.00 -10.33
C ALA I 90 -5.47 27.32 -11.21
N MET I 91 -6.62 27.98 -11.37
CA MET I 91 -7.79 27.37 -12.00
C MET I 91 -8.13 28.03 -13.34
N LEU I 92 -8.42 27.21 -14.34
CA LEU I 92 -8.86 27.72 -15.63
C LEU I 92 -10.28 27.21 -15.81
N HIS I 93 -11.26 28.12 -15.73
CA HIS I 93 -12.63 27.73 -16.02
C HIS I 93 -12.87 27.61 -17.53
N MET I 94 -13.84 26.75 -17.92
CA MET I 94 -14.06 26.46 -19.34
C MET I 94 -14.47 27.71 -20.10
N ASN I 95 -15.16 28.65 -19.42
CA ASN I 95 -15.75 29.85 -20.00
C ASN I 95 -14.73 30.96 -20.32
N ASP I 96 -13.47 30.82 -19.91
CA ASP I 96 -12.46 31.82 -20.21
C ASP I 96 -11.58 31.42 -21.40
N THR I 97 -12.02 30.45 -22.20
CA THR I 97 -11.22 29.94 -23.29
C THR I 97 -11.84 30.30 -24.63
N PRO I 98 -11.05 30.33 -25.70
CA PRO I 98 -11.61 30.52 -27.04
C PRO I 98 -12.27 29.27 -27.63
N TRP I 99 -12.26 28.13 -26.93
CA TRP I 99 -12.83 26.89 -27.46
C TRP I 99 -14.30 26.77 -27.10
N ARG I 100 -15.09 26.30 -28.07
CA ARG I 100 -16.50 26.03 -27.87
C ARG I 100 -16.57 24.60 -27.37
N MET I 101 -16.87 24.42 -26.07
CA MET I 101 -17.11 23.10 -25.52
C MET I 101 -18.37 23.09 -24.67
N SER I 102 -19.01 21.92 -24.58
CA SER I 102 -19.99 21.58 -23.56
C SER I 102 -19.28 20.98 -22.36
N SER I 103 -19.97 20.97 -21.21
CA SER I 103 -19.37 20.37 -20.01
C SER I 103 -19.18 18.88 -20.22
N GLY I 104 -17.98 18.41 -19.90
CA GLY I 104 -17.55 17.05 -20.10
C GLY I 104 -16.72 16.84 -21.35
N ASP I 105 -16.74 17.79 -22.29
CA ASP I 105 -16.02 17.72 -23.56
C ASP I 105 -14.66 18.41 -23.52
N LEU I 106 -14.13 18.63 -22.32
CA LEU I 106 -12.91 19.41 -22.16
C LEU I 106 -11.75 18.70 -22.84
N LYS I 107 -11.79 17.37 -22.88
CA LYS I 107 -10.59 16.60 -23.15
C LYS I 107 -10.07 16.79 -24.57
N ARG I 108 -10.88 17.30 -25.51
CA ARG I 108 -10.34 17.63 -26.83
C ARG I 108 -9.45 18.86 -26.87
N TYR I 109 -9.56 19.76 -25.90
CA TYR I 109 -8.99 21.10 -26.02
C TYR I 109 -7.73 21.33 -25.20
N LEU I 110 -7.71 20.90 -23.93
CA LEU I 110 -6.51 20.80 -23.11
C LEU I 110 -6.56 19.52 -22.30
N ASN I 111 -5.50 18.71 -22.39
CA ASN I 111 -5.32 17.53 -21.56
C ASN I 111 -4.27 17.82 -20.49
N ALA I 112 -4.26 16.97 -19.48
CA ALA I 112 -3.27 17.11 -18.42
C ALA I 112 -1.87 16.95 -18.99
N GLY I 113 -0.97 17.88 -18.62
CA GLY I 113 0.37 18.02 -19.16
C GLY I 113 0.57 19.16 -20.15
N ASP I 114 -0.49 19.63 -20.80
CA ASP I 114 -0.36 20.70 -21.78
C ASP I 114 0.07 21.97 -21.06
N TYR I 115 0.91 22.75 -21.71
CA TYR I 115 1.32 24.03 -21.15
C TYR I 115 0.56 25.11 -21.88
N ILE I 116 0.14 26.13 -21.14
CA ILE I 116 -0.62 27.25 -21.66
C ILE I 116 0.10 28.51 -21.21
N TYR I 117 0.01 29.55 -22.04
CA TYR I 117 0.43 30.89 -21.66
C TYR I 117 -0.85 31.67 -21.36
N ALA I 118 -1.11 31.90 -20.08
CA ALA I 118 -2.33 32.56 -19.61
C ALA I 118 -2.00 33.75 -18.71
N LYS I 119 -3.06 34.49 -18.36
CA LYS I 119 -3.00 35.59 -17.39
C LYS I 119 -3.89 35.34 -16.18
N ILE I 120 -3.38 35.74 -15.01
CA ILE I 120 -4.01 35.49 -13.72
C ILE I 120 -5.20 36.44 -13.56
N MET I 121 -6.42 35.88 -13.59
CA MET I 121 -7.63 36.69 -13.51
C MET I 121 -7.87 37.24 -12.12
N SER I 122 -7.73 36.38 -11.13
CA SER I 122 -8.12 36.77 -9.80
C SER I 122 -7.35 35.92 -8.84
N VAL I 123 -7.13 36.47 -7.66
CA VAL I 123 -6.42 35.77 -6.60
C VAL I 123 -7.30 35.83 -5.36
N ASN I 124 -7.73 34.68 -4.90
CA ASN I 124 -8.63 34.59 -3.77
C ASN I 124 -7.85 34.72 -2.47
N GLU I 125 -8.59 34.61 -1.38
CA GLU I 125 -8.01 34.92 -0.09
C GLU I 125 -6.89 33.95 0.26
N ILE I 126 -6.90 32.74 -0.31
CA ILE I 126 -5.87 31.73 -0.05
C ILE I 126 -4.75 31.79 -1.10
N LYS I 127 -4.76 32.83 -1.93
CA LYS I 127 -3.81 33.04 -3.03
C LYS I 127 -3.90 31.97 -4.14
N GLU I 128 -5.00 31.23 -4.19
CA GLU I 128 -5.31 30.38 -5.33
C GLU I 128 -5.81 31.19 -6.51
N SER I 129 -5.26 30.92 -7.68
CA SER I 129 -5.38 31.81 -8.82
C SER I 129 -6.32 31.26 -9.89
N TRP I 130 -7.03 32.17 -10.56
CA TRP I 130 -7.94 31.82 -11.66
C TRP I 130 -7.41 32.42 -12.97
N LEU I 131 -7.43 31.59 -14.04
CA LEU I 131 -6.81 31.87 -15.33
C LEU I 131 -7.83 32.18 -16.43
N THR I 132 -7.33 32.82 -17.49
CA THR I 132 -8.11 33.11 -18.72
C THR I 132 -7.25 32.94 -19.98
N LEU I 133 -7.92 32.61 -21.10
CA LEU I 133 -7.34 32.63 -22.45
C LEU I 133 -8.08 33.57 -23.41
N LYS I 134 -8.99 34.40 -22.89
CA LYS I 134 -9.72 35.35 -23.73
C LYS I 134 -8.95 36.63 -24.07
N GLU I 135 -7.91 37.02 -23.28
CA GLU I 135 -7.22 38.30 -23.45
C GLU I 135 -6.12 38.23 -24.53
N PRO I 136 -5.80 39.37 -25.16
CA PRO I 136 -4.87 39.34 -26.31
C PRO I 136 -3.52 38.76 -25.94
N GLY I 137 -3.02 37.90 -26.82
CA GLY I 137 -1.72 37.28 -26.68
C GLY I 137 -1.74 35.94 -25.99
N LEU I 138 -2.79 35.64 -25.23
CA LEU I 138 -2.93 34.35 -24.59
C LEU I 138 -3.43 33.31 -25.58
N LYS I 139 -2.77 32.15 -25.58
CA LYS I 139 -3.23 31.00 -26.36
C LYS I 139 -2.49 29.75 -25.87
N LYS I 140 -3.04 28.60 -26.27
CA LYS I 140 -2.51 27.30 -25.86
C LYS I 140 -1.11 27.11 -26.42
N LEU I 141 -0.22 26.51 -25.61
CA LEU I 141 1.16 26.16 -25.99
C LEU I 141 1.23 24.65 -26.30
N GLU I 142 1.66 24.30 -27.53
CA GLU I 142 1.91 22.93 -27.98
C GLU I 142 3.38 22.72 -28.37
N GLY I 143 3.97 21.59 -27.94
CA GLY I 143 5.32 21.13 -28.25
C GLY I 143 6.36 21.99 -27.57
N GLY I 144 7.63 21.74 -27.91
CA GLY I 144 8.73 22.52 -27.36
C GLY I 144 9.23 22.08 -25.99
N HIS I 145 10.15 22.90 -25.42
CA HIS I 145 10.83 22.59 -24.17
C HIS I 145 10.69 23.72 -23.15
N MET I 146 10.43 23.34 -21.90
CA MET I 146 10.19 24.29 -20.81
C MET I 146 11.47 24.45 -20.00
N VAL I 147 11.86 25.69 -19.73
CA VAL I 147 13.07 26.01 -18.96
C VAL I 147 12.74 26.85 -17.75
N LEU I 148 13.31 26.50 -16.61
CA LEU I 148 12.86 27.00 -15.33
C LEU I 148 13.89 27.97 -14.76
N ILE I 149 13.42 29.16 -14.35
CA ILE I 149 14.27 30.15 -13.68
C ILE I 149 13.56 30.59 -12.40
N HIS I 150 14.30 31.25 -11.50
CA HIS I 150 13.66 32.06 -10.47
C HIS I 150 12.86 33.22 -11.09
N ALA I 151 11.61 33.40 -10.63
CA ALA I 151 10.89 34.66 -10.80
C ALA I 151 11.45 35.80 -9.93
N SER I 152 12.03 35.51 -8.75
CA SER I 152 12.37 36.61 -7.82
C SER I 152 13.51 37.48 -8.34
N ARG I 153 14.28 37.02 -9.32
CA ARG I 153 15.27 37.85 -9.99
C ARG I 153 14.76 38.49 -11.31
N VAL I 154 13.56 38.13 -11.81
CA VAL I 154 13.15 38.52 -13.19
C VAL I 154 13.13 40.03 -13.42
N PRO I 155 12.63 40.89 -12.50
CA PRO I 155 12.09 42.20 -12.95
C PRO I 155 13.06 43.14 -13.69
N ARG I 156 14.36 43.12 -13.42
CA ARG I 156 15.28 43.95 -14.20
C ARG I 156 15.54 43.39 -15.61
N VAL I 157 15.65 42.05 -15.70
CA VAL I 157 16.29 41.36 -16.84
C VAL I 157 15.53 41.58 -18.15
N ILE I 158 14.20 41.55 -18.10
CA ILE I 158 13.42 41.64 -19.32
C ILE I 158 13.58 43.06 -19.91
N GLY I 159 13.47 44.08 -19.05
CA GLY I 159 13.69 45.47 -19.41
C GLY I 159 12.49 46.11 -20.07
N LYS I 160 12.56 47.43 -20.27
CA LYS I 160 11.42 48.22 -20.73
C LYS I 160 10.95 47.77 -22.11
N GLY I 161 9.68 47.36 -22.21
CA GLY I 161 9.05 47.00 -23.47
C GLY I 161 9.57 45.76 -24.17
N GLY I 162 10.29 44.89 -23.47
CA GLY I 162 10.64 43.61 -24.02
C GLY I 162 11.69 43.64 -25.11
N GLY I 163 12.49 44.70 -25.16
CA GLY I 163 13.55 44.73 -26.15
C GLY I 163 14.63 43.71 -25.84
N MET I 164 15.04 43.64 -24.57
CA MET I 164 16.16 42.78 -24.23
C MET I 164 15.83 41.31 -24.58
N VAL I 165 14.66 40.82 -24.09
CA VAL I 165 14.15 39.44 -24.31
C VAL I 165 13.96 39.10 -25.79
N ASN I 166 13.49 40.07 -26.58
CA ASN I 166 13.36 39.81 -28.01
C ASN I 166 14.73 39.58 -28.64
N MET I 167 15.76 40.31 -28.17
CA MET I 167 17.06 40.32 -28.87
C MET I 167 17.69 38.94 -28.93
N VAL I 168 17.58 38.15 -27.86
CA VAL I 168 17.96 36.74 -27.96
C VAL I 168 17.08 35.99 -28.98
N LYS I 169 15.75 36.16 -28.90
CA LYS I 169 14.81 35.45 -29.80
C LYS I 169 15.23 35.52 -31.26
N GLU I 170 15.48 36.74 -31.75
CA GLU I 170 15.82 36.96 -33.16
C GLU I 170 17.17 36.35 -33.51
N LEU I 171 18.13 36.42 -32.56
CA LEU I 171 19.49 35.95 -32.85
C LEU I 171 19.54 34.43 -32.99
N THR I 172 18.75 33.70 -32.20
CA THR I 172 18.89 32.25 -32.14
C THR I 172 18.06 31.51 -33.20
N ALA I 173 17.22 32.23 -33.95
CA ALA I 173 16.30 31.64 -34.92
C ALA I 173 15.44 30.57 -34.23
N THR I 174 14.80 30.97 -33.14
CA THR I 174 13.92 30.11 -32.34
C THR I 174 12.82 30.94 -31.68
N ARG I 175 11.73 30.27 -31.31
CA ARG I 175 10.61 30.89 -30.61
C ARG I 175 10.76 30.64 -29.12
N ILE I 176 10.64 31.72 -28.35
CA ILE I 176 10.79 31.69 -26.90
C ILE I 176 9.62 32.50 -26.30
N ILE I 177 8.92 31.90 -25.31
CA ILE I 177 7.85 32.56 -24.56
C ILE I 177 8.22 32.50 -23.08
N ILE I 178 8.20 33.66 -22.40
CA ILE I 178 8.58 33.77 -20.98
C ILE I 178 7.35 34.15 -20.18
N GLY I 179 7.04 33.33 -19.17
CA GLY I 179 6.02 33.66 -18.17
C GLY I 179 6.61 34.31 -16.92
N GLN I 180 5.82 35.20 -16.32
CA GLN I 180 6.25 35.92 -15.13
C GLN I 180 6.43 35.01 -13.92
N ASN I 181 5.97 33.77 -14.01
CA ASN I 181 6.13 32.76 -12.97
C ASN I 181 7.44 32.01 -13.10
N GLY I 182 8.31 32.42 -14.02
CA GLY I 182 9.58 31.79 -14.18
C GLY I 182 9.64 30.67 -15.21
N LEU I 183 8.51 30.20 -15.73
CA LEU I 183 8.51 29.17 -16.76
C LEU I 183 8.72 29.76 -18.16
N ILE I 184 9.65 29.18 -18.95
CA ILE I 184 10.06 29.71 -20.26
C ILE I 184 9.89 28.63 -21.32
N TRP I 185 9.16 28.97 -22.38
CA TRP I 185 8.80 28.05 -23.46
C TRP I 185 9.76 28.22 -24.63
N ILE I 186 10.33 27.12 -25.12
CA ILE I 186 11.28 27.15 -26.22
C ILE I 186 10.83 26.08 -27.20
N ASP I 187 10.62 26.46 -28.46
CA ASP I 187 10.36 25.50 -29.52
C ASP I 187 10.83 26.14 -30.82
N GLY I 188 11.79 25.48 -31.48
CA GLY I 188 12.15 25.77 -32.86
C GLY I 188 12.53 24.53 -33.66
N PRO I 189 13.65 24.61 -34.41
CA PRO I 189 14.19 23.46 -35.13
C PRO I 189 15.00 22.58 -34.19
N ILE I 190 15.49 21.45 -34.74
CA ILE I 190 16.35 20.56 -33.96
C ILE I 190 17.65 21.27 -33.54
N GLU I 191 18.16 22.17 -34.40
CA GLU I 191 19.32 23.00 -34.09
C GLU I 191 18.97 24.26 -33.27
N GLY I 192 17.92 24.98 -33.68
CA GLY I 192 17.58 26.27 -33.07
C GLY I 192 17.43 26.23 -31.57
N VAL I 193 16.94 25.11 -31.02
CA VAL I 193 16.63 25.00 -29.58
C VAL I 193 17.92 25.16 -28.79
N THR I 194 19.04 24.74 -29.38
CA THR I 194 20.31 24.76 -28.65
C THR I 194 20.83 26.19 -28.42
N MET I 195 20.84 27.06 -29.44
CA MET I 195 21.24 28.45 -29.24
C MET I 195 20.29 29.25 -28.35
N ALA I 196 18.98 29.02 -28.52
CA ALA I 196 17.96 29.72 -27.73
C ALA I 196 18.13 29.43 -26.27
N ILE I 197 18.42 28.18 -25.95
CA ILE I 197 18.77 27.82 -24.58
C ILE I 197 20.14 28.44 -24.22
N ALA I 198 21.13 28.37 -25.12
CA ALA I 198 22.47 28.90 -24.83
C ALA I 198 22.46 30.39 -24.54
N ALA I 199 21.70 31.18 -25.32
CA ALA I 199 21.61 32.60 -24.99
C ALA I 199 20.93 32.79 -23.64
N ILE I 200 19.89 31.99 -23.39
CA ILE I 200 19.17 32.03 -22.11
C ILE I 200 20.07 31.60 -20.96
N GLU I 201 20.84 30.52 -21.15
CA GLU I 201 21.70 30.02 -20.07
C GLU I 201 22.73 31.08 -19.71
N MET I 202 23.22 31.82 -20.71
CA MET I 202 24.12 32.91 -20.39
C MET I 202 23.39 33.94 -19.56
N ILE I 203 22.16 34.25 -19.94
CA ILE I 203 21.41 35.22 -19.18
C ILE I 203 21.12 34.70 -17.78
N GLU I 204 20.76 33.41 -17.67
CA GLU I 204 20.34 32.82 -16.39
C GLU I 204 21.47 32.87 -15.36
N ARG I 205 22.66 32.41 -15.76
CA ARG I 205 23.79 32.36 -14.84
C ARG I 205 24.17 33.80 -14.46
N GLU I 206 24.07 34.71 -15.43
CA GLU I 206 24.49 36.11 -15.34
C GLU I 206 23.28 37.05 -15.34
N ALA I 207 22.14 36.56 -14.87
CA ALA I 207 20.98 37.42 -14.70
C ALA I 207 21.19 38.55 -13.68
N HIS I 208 22.14 38.41 -12.75
CA HIS I 208 22.40 39.47 -11.79
C HIS I 208 23.45 40.50 -12.28
N THR I 209 24.08 40.32 -13.47
CA THR I 209 25.20 41.12 -13.98
C THR I 209 24.74 42.31 -14.86
N GLU I 210 25.52 43.41 -14.83
CA GLU I 210 25.35 44.60 -15.65
C GLU I 210 26.03 44.48 -17.03
N GLY I 211 25.55 45.27 -17.99
CA GLY I 211 26.19 45.32 -19.30
C GLY I 211 26.12 44.03 -20.09
N LEU I 212 25.25 43.10 -19.68
CA LEU I 212 25.12 41.79 -20.32
C LEU I 212 24.68 41.88 -21.79
N THR I 213 23.92 42.92 -22.20
CA THR I 213 23.24 42.89 -23.51
C THR I 213 24.25 42.78 -24.65
N ALA I 214 25.36 43.56 -24.54
CA ALA I 214 26.48 43.53 -25.49
C ALA I 214 27.30 42.23 -25.42
N ARG I 215 27.43 41.59 -24.26
CA ARG I 215 28.11 40.29 -24.17
C ARG I 215 27.30 39.18 -24.87
N VAL I 216 25.95 39.21 -24.79
CA VAL I 216 25.03 38.18 -25.33
C VAL I 216 25.08 38.05 -26.86
N GLU I 217 25.23 39.16 -27.57
CA GLU I 217 25.27 39.10 -29.02
C GLU I 217 26.49 38.34 -29.55
N SER I 218 27.68 38.59 -28.99
CA SER I 218 28.93 38.00 -29.51
C SER I 218 28.93 36.48 -29.37
N PHE I 219 28.44 35.97 -28.24
CA PHE I 219 28.26 34.53 -28.03
C PHE I 219 27.31 33.92 -29.06
N LEU I 220 26.19 34.59 -29.34
CA LEU I 220 25.16 33.98 -30.17
C LEU I 220 25.61 33.91 -31.63
N LYS I 221 26.32 34.93 -32.12
CA LYS I 221 26.74 34.93 -33.52
C LYS I 221 27.78 33.85 -33.83
N GLU I 222 28.72 33.60 -32.92
CA GLU I 222 29.76 32.60 -33.17
C GLU I 222 29.17 31.20 -33.28
N LEU I 223 28.20 30.85 -32.41
CA LEU I 223 27.63 29.50 -32.44
C LEU I 223 26.89 29.19 -33.74
N LYS I 224 26.22 30.18 -34.34
CA LYS I 224 25.25 29.90 -35.41
C LYS I 224 25.94 29.40 -36.68
N GLY I 225 27.06 30.03 -37.06
CA GLY I 225 27.66 29.84 -38.38
C GLY I 225 28.28 28.49 -38.67
N GLU I 226 28.67 27.72 -37.63
CA GLU I 226 29.47 26.52 -37.85
C GLU I 226 28.68 25.29 -38.32
N LYS I 227 27.33 25.31 -38.26
CA LYS I 227 26.46 24.47 -39.07
C LYS I 227 25.80 25.19 -40.25
N ASP I 228 25.50 26.49 -40.12
CA ASP I 228 24.78 27.27 -41.15
C ASP I 228 25.77 27.81 -42.22
#